data_1HWK
#
_entry.id   1HWK
#
_cell.length_a   74.596
_cell.length_b   172.724
_cell.length_c   80.008
_cell.angle_alpha   90.00
_cell.angle_beta   117.73
_cell.angle_gamma   90.00
#
_symmetry.space_group_name_H-M   'P 1 21 1'
#
loop_
_entity.id
_entity.type
_entity.pdbx_description
1 polymer 'HMG-COA REDUCTASE'
2 non-polymer "ADENOSINE-5'-DIPHOSPHATE"
3 non-polymer '7-[2-(4-FLUORO-PHENYL)-5-ISOPROPYL-3-PHENYL-4-PHENYLCARBAMOYL-PYRROL-1-YL]- 3,5-DIHYDROXY-HEPTANOIC ACID'
4 water water
#
_entity_poly.entity_id   1
_entity_poly.type   'polypeptide(L)'
_entity_poly.pdbx_seq_one_letter_code
;GAMASSVLVTQEPEIELPREPRPNEECLQILGNAEKGAKFLSDAEIIQLVNAKHIPAYKLETLIETHERGVSIRRQLLSK
KLSEPSSLQYLPYRDYNYSLVMGACCENVIGYMPIPVGVAGPLCLDEKEFQVPMATTEGCLVASTNRGCRAIGLGGGASS
RVLADGMTRGPVVRLPRACDSAEVKAWLETSEGFAVIKEAFDSTSRFARLQKLHTSIAGRNLYIRFQSRSGDAMGMNMIS
KGTEKALSKLHEYFPEMQILAVSGNYCTDKKPAAINWIEGRGKSVVCEAVIPAKVVREVLKTTTEAMIEVNINKNLVGSA
MAGSIGGYNAHAANIVTAIYIACGQDAAQNVGSSNCITLMEASGPTNEDLYISCTMPSIEIGTVGGGTNLLPQQACLQML
GVQGACKDNPGENARQLARIVCGTVMAGELSLMAALAAGHLVKSHMIHNRSKINLQDLQGACTKKTA
;
_entity_poly.pdbx_strand_id   A,B,C,D
#
# COMPACT_ATOMS: atom_id res chain seq x y z
N PRO A 21 -36.85 52.11 1.57
CA PRO A 21 -36.84 50.81 0.87
C PRO A 21 -37.99 50.72 -0.14
N ARG A 22 -37.75 51.25 -1.33
CA ARG A 22 -38.75 51.28 -2.41
C ARG A 22 -39.25 49.91 -2.86
N PRO A 23 -40.51 49.84 -3.34
CA PRO A 23 -41.12 48.60 -3.82
C PRO A 23 -40.31 47.98 -4.94
N ASN A 24 -40.57 46.72 -5.23
CA ASN A 24 -39.84 45.98 -6.24
C ASN A 24 -40.00 46.40 -7.72
N GLU A 25 -41.23 46.70 -8.15
CA GLU A 25 -41.48 47.10 -9.54
C GLU A 25 -40.65 48.33 -9.92
N GLU A 26 -40.48 49.22 -8.95
CA GLU A 26 -39.71 50.44 -9.15
C GLU A 26 -38.20 50.20 -9.28
N CYS A 27 -37.69 49.20 -8.55
CA CYS A 27 -36.27 48.88 -8.57
C CYS A 27 -35.74 48.35 -9.91
N LEU A 28 -35.17 49.29 -10.68
CA LEU A 28 -34.62 49.09 -12.02
C LEU A 28 -33.57 47.97 -12.12
N LEU A 41 -29.94 50.36 -6.97
CA LEU A 41 -29.26 51.15 -5.97
C LEU A 41 -29.80 50.82 -4.58
N SER A 42 -28.97 50.95 -3.55
CA SER A 42 -29.33 50.64 -2.16
C SER A 42 -29.25 49.15 -1.85
N ASP A 43 -28.42 48.79 -0.87
CA ASP A 43 -28.24 47.40 -0.46
C ASP A 43 -29.53 46.72 -0.05
N ALA A 44 -30.24 47.33 0.89
CA ALA A 44 -31.50 46.78 1.40
C ALA A 44 -32.47 46.42 0.27
N GLU A 45 -32.42 47.22 -0.79
CA GLU A 45 -33.30 47.00 -1.94
C GLU A 45 -32.87 45.84 -2.82
N ILE A 46 -31.55 45.67 -2.99
CA ILE A 46 -31.02 44.58 -3.80
C ILE A 46 -31.40 43.26 -3.12
N ILE A 47 -31.24 43.23 -1.81
CA ILE A 47 -31.56 42.05 -1.00
C ILE A 47 -33.03 41.67 -1.18
N GLN A 48 -33.90 42.67 -1.25
CA GLN A 48 -35.33 42.45 -1.43
C GLN A 48 -35.60 41.85 -2.81
N LEU A 49 -34.83 42.28 -3.79
CA LEU A 49 -34.96 41.77 -5.16
C LEU A 49 -34.46 40.33 -5.21
N VAL A 50 -33.35 40.07 -4.51
CA VAL A 50 -32.74 38.75 -4.46
C VAL A 50 -33.70 37.73 -3.84
N ASN A 51 -34.30 38.09 -2.72
CA ASN A 51 -35.23 37.21 -2.03
C ASN A 51 -36.52 37.00 -2.82
N ALA A 52 -37.11 38.10 -3.31
CA ALA A 52 -38.35 38.06 -4.07
C ALA A 52 -38.28 37.36 -5.42
N LYS A 53 -37.29 37.69 -6.24
CA LYS A 53 -37.16 37.06 -7.56
C LYS A 53 -36.40 35.75 -7.47
N HIS A 54 -36.00 35.38 -6.25
CA HIS A 54 -35.26 34.15 -5.95
C HIS A 54 -34.02 33.90 -6.83
N ILE A 55 -33.50 34.97 -7.42
CA ILE A 55 -32.31 34.87 -8.27
C ILE A 55 -31.10 34.69 -7.35
N PRO A 56 -30.39 33.57 -7.52
CA PRO A 56 -29.20 33.16 -6.77
C PRO A 56 -28.16 34.24 -6.49
N ALA A 57 -27.47 34.06 -5.36
CA ALA A 57 -26.44 34.98 -4.90
C ALA A 57 -25.18 35.05 -5.79
N TYR A 58 -24.87 33.99 -6.51
CA TYR A 58 -23.69 34.01 -7.38
C TYR A 58 -23.88 34.87 -8.63
N LYS A 59 -25.13 35.22 -8.91
CA LYS A 59 -25.50 36.05 -10.04
C LYS A 59 -25.32 37.52 -9.63
N LEU A 60 -24.73 37.75 -8.46
CA LEU A 60 -24.52 39.11 -7.94
C LEU A 60 -23.53 40.02 -8.65
N GLU A 61 -22.28 39.58 -8.80
CA GLU A 61 -21.28 40.41 -9.47
C GLU A 61 -21.58 40.63 -10.96
N THR A 62 -22.58 39.91 -11.46
CA THR A 62 -23.00 40.01 -12.86
C THR A 62 -24.21 40.94 -13.00
N LEU A 63 -24.66 41.49 -11.87
CA LEU A 63 -25.81 42.39 -11.84
C LEU A 63 -25.45 43.66 -11.05
N ILE A 64 -24.51 43.54 -10.11
CA ILE A 64 -24.07 44.65 -9.28
C ILE A 64 -22.88 45.38 -9.89
N GLU A 65 -22.79 46.68 -9.61
CA GLU A 65 -21.71 47.55 -10.11
C GLU A 65 -20.29 47.05 -9.87
N THR A 66 -19.75 47.25 -8.67
CA THR A 66 -18.39 46.80 -8.36
C THR A 66 -18.33 45.35 -7.88
N HIS A 67 -17.16 44.75 -7.95
CA HIS A 67 -16.98 43.37 -7.50
C HIS A 67 -17.16 43.30 -5.99
N GLU A 68 -16.54 44.26 -5.31
CA GLU A 68 -16.57 44.35 -3.87
C GLU A 68 -17.95 44.44 -3.20
N ARG A 69 -18.84 45.29 -3.71
CA ARG A 69 -20.16 45.39 -3.09
C ARG A 69 -20.99 44.16 -3.47
N GLY A 70 -20.54 43.45 -4.49
CA GLY A 70 -21.22 42.23 -4.90
C GLY A 70 -21.03 41.17 -3.82
N VAL A 71 -19.83 41.09 -3.27
CA VAL A 71 -19.56 40.11 -2.23
C VAL A 71 -20.19 40.61 -0.94
N SER A 72 -20.17 41.94 -0.74
CA SER A 72 -20.76 42.57 0.44
C SER A 72 -22.21 42.18 0.58
N ILE A 73 -22.96 42.26 -0.52
CA ILE A 73 -24.36 41.89 -0.54
C ILE A 73 -24.46 40.41 -0.21
N ARG A 74 -23.58 39.61 -0.80
CA ARG A 74 -23.56 38.17 -0.56
C ARG A 74 -23.36 37.86 0.92
N ARG A 75 -22.39 38.53 1.56
CA ARG A 75 -22.14 38.30 2.98
C ARG A 75 -23.38 38.66 3.78
N GLN A 76 -24.03 39.74 3.37
CA GLN A 76 -25.25 40.20 4.04
C GLN A 76 -26.38 39.20 3.88
N LEU A 77 -26.48 38.60 2.69
CA LEU A 77 -27.50 37.59 2.44
C LEU A 77 -27.21 36.37 3.32
N LEU A 78 -25.92 36.00 3.41
CA LEU A 78 -25.46 34.87 4.20
C LEU A 78 -25.62 35.06 5.70
N SER A 79 -25.22 36.25 6.18
CA SER A 79 -25.27 36.60 7.60
C SER A 79 -26.61 36.37 8.28
N LYS A 80 -27.67 36.59 7.52
CA LYS A 80 -29.04 36.42 7.99
C LYS A 80 -29.33 34.94 8.28
N LYS A 81 -28.72 34.06 7.47
CA LYS A 81 -28.90 32.61 7.57
C LYS A 81 -28.12 31.89 8.66
N LEU A 82 -27.17 32.58 9.29
CA LEU A 82 -26.36 31.98 10.34
C LEU A 82 -27.01 32.02 11.73
N SER A 83 -26.65 31.05 12.58
CA SER A 83 -27.16 30.99 13.93
C SER A 83 -26.56 32.15 14.71
N GLU A 84 -25.47 32.68 14.16
CA GLU A 84 -24.76 33.81 14.73
C GLU A 84 -24.48 34.75 13.55
N PRO A 85 -25.43 35.67 13.26
CA PRO A 85 -25.36 36.67 12.17
C PRO A 85 -24.10 37.54 12.14
N SER A 86 -23.38 37.56 13.27
CA SER A 86 -22.17 38.36 13.41
C SER A 86 -20.89 37.59 13.05
N SER A 87 -21.04 36.31 12.69
CA SER A 87 -19.89 35.45 12.34
C SER A 87 -18.84 36.03 11.40
N LEU A 88 -19.29 36.67 10.33
CA LEU A 88 -18.38 37.22 9.32
C LEU A 88 -17.61 38.50 9.67
N GLN A 89 -18.02 39.16 10.75
CA GLN A 89 -17.40 40.40 11.22
C GLN A 89 -15.89 40.51 10.98
N TYR A 90 -15.14 39.45 11.31
CA TYR A 90 -13.70 39.45 11.14
C TYR A 90 -13.15 38.76 9.90
N LEU A 91 -14.05 38.40 8.98
CA LEU A 91 -13.62 37.77 7.74
C LEU A 91 -13.41 38.94 6.77
N PRO A 92 -12.15 39.24 6.41
CA PRO A 92 -11.79 40.33 5.49
C PRO A 92 -12.42 40.19 4.10
N TYR A 93 -12.70 41.30 3.44
CA TYR A 93 -13.25 41.25 2.08
C TYR A 93 -12.96 42.49 1.25
N ARG A 94 -12.77 43.63 1.91
CA ARG A 94 -12.49 44.91 1.24
C ARG A 94 -11.04 45.05 0.73
N ASP A 95 -10.85 45.89 -0.28
CA ASP A 95 -9.53 46.18 -0.86
C ASP A 95 -8.78 44.94 -1.35
N TYR A 96 -9.44 44.18 -2.20
CA TYR A 96 -8.86 42.96 -2.77
C TYR A 96 -9.27 42.84 -4.24
N ASN A 97 -8.33 42.45 -5.09
CA ASN A 97 -8.54 42.29 -6.51
C ASN A 97 -9.36 41.06 -6.91
N TYR A 98 -10.70 41.18 -6.90
CA TYR A 98 -11.60 40.07 -7.25
C TYR A 98 -11.74 39.81 -8.75
N SER A 99 -11.31 40.77 -9.57
CA SER A 99 -11.40 40.63 -11.02
C SER A 99 -10.69 39.38 -11.53
N LEU A 100 -9.53 39.09 -10.94
CA LEU A 100 -8.74 37.93 -11.31
C LEU A 100 -9.30 36.61 -10.73
N VAL A 101 -10.06 36.71 -9.64
CA VAL A 101 -10.66 35.55 -8.98
C VAL A 101 -11.96 35.10 -9.65
N MET A 102 -12.76 36.07 -10.08
CA MET A 102 -14.05 35.81 -10.72
C MET A 102 -13.91 35.05 -12.03
N GLY A 103 -14.72 34.00 -12.17
CA GLY A 103 -14.71 33.17 -13.37
C GLY A 103 -13.38 32.48 -13.60
N ALA A 104 -12.57 32.36 -12.56
CA ALA A 104 -11.27 31.71 -12.71
C ALA A 104 -10.79 30.87 -11.53
N CYS A 105 -10.88 31.41 -10.31
CA CYS A 105 -10.37 30.71 -9.13
C CYS A 105 -11.32 30.34 -8.02
N CYS A 106 -12.48 30.98 -7.94
CA CYS A 106 -13.42 30.72 -6.86
C CYS A 106 -14.83 31.25 -7.18
N GLU A 107 -15.84 30.65 -6.55
CA GLU A 107 -17.24 31.07 -6.75
C GLU A 107 -17.89 31.35 -5.39
N ASN A 108 -19.04 32.04 -5.41
CA ASN A 108 -19.79 32.42 -4.21
C ASN A 108 -18.85 33.05 -3.20
N VAL A 109 -17.99 33.94 -3.67
CA VAL A 109 -16.99 34.60 -2.86
C VAL A 109 -17.56 35.50 -1.77
N ILE A 110 -17.09 35.29 -0.54
CA ILE A 110 -17.53 36.10 0.60
C ILE A 110 -16.37 36.78 1.28
N GLY A 111 -15.20 36.74 0.64
CA GLY A 111 -14.02 37.37 1.22
C GLY A 111 -12.76 36.58 0.94
N TYR A 112 -11.76 36.73 1.80
CA TYR A 112 -10.50 36.03 1.63
C TYR A 112 -9.92 35.65 2.98
N MET A 113 -9.11 34.59 2.99
CA MET A 113 -8.47 34.09 4.20
C MET A 113 -6.98 34.40 4.20
N PRO A 114 -6.53 35.27 5.10
CA PRO A 114 -5.10 35.63 5.19
C PRO A 114 -4.26 34.55 5.86
N ILE A 115 -3.22 34.07 5.18
CA ILE A 115 -2.34 33.07 5.77
C ILE A 115 -0.99 33.74 5.98
N PRO A 116 -0.47 33.76 7.22
CA PRO A 116 0.82 34.40 7.44
C PRO A 116 1.92 33.83 6.55
N VAL A 117 2.73 34.71 5.98
CA VAL A 117 3.84 34.29 5.13
C VAL A 117 5.15 34.66 5.80
N GLY A 118 5.99 33.64 6.01
CA GLY A 118 7.30 33.85 6.62
C GLY A 118 8.34 33.52 5.59
N VAL A 119 9.60 33.87 5.86
CA VAL A 119 10.67 33.58 4.91
C VAL A 119 11.79 32.77 5.52
N ALA A 120 12.23 31.77 4.78
CA ALA A 120 13.33 30.90 5.21
C ALA A 120 14.42 31.01 4.17
N GLY A 121 15.64 31.25 4.63
CA GLY A 121 16.76 31.38 3.72
C GLY A 121 17.94 32.15 4.28
N PRO A 122 18.98 32.35 3.49
CA PRO A 122 19.06 31.89 2.10
C PRO A 122 19.23 30.38 1.93
N LEU A 123 18.61 29.85 0.88
CA LEU A 123 18.75 28.42 0.58
C LEU A 123 19.79 28.39 -0.51
N CYS A 124 20.95 27.85 -0.20
CA CYS A 124 22.04 27.77 -1.17
C CYS A 124 21.86 26.50 -1.97
N LEU A 125 21.33 26.66 -3.18
CA LEU A 125 21.04 25.52 -4.03
C LEU A 125 21.57 25.72 -5.44
N ASP A 126 22.35 24.75 -5.89
CA ASP A 126 22.95 24.80 -7.23
C ASP A 126 23.68 26.15 -7.51
N GLU A 127 24.46 26.59 -6.53
CA GLU A 127 25.24 27.83 -6.63
C GLU A 127 24.43 29.10 -6.76
N LYS A 128 23.18 29.05 -6.31
CA LYS A 128 22.29 30.22 -6.33
C LYS A 128 21.80 30.36 -4.89
N GLU A 129 21.17 31.49 -4.59
CA GLU A 129 20.64 31.74 -3.24
C GLU A 129 19.17 32.08 -3.37
N PHE A 130 18.33 31.36 -2.63
CA PHE A 130 16.90 31.59 -2.67
C PHE A 130 16.33 32.01 -1.32
N GLN A 131 15.37 32.93 -1.37
CA GLN A 131 14.68 33.39 -0.17
C GLN A 131 13.30 32.75 -0.35
N VAL A 132 13.04 31.71 0.44
CA VAL A 132 11.82 30.92 0.33
C VAL A 132 10.61 31.35 1.15
N PRO A 133 9.54 31.74 0.46
CA PRO A 133 8.28 32.17 1.09
C PRO A 133 7.49 30.93 1.55
N MET A 134 6.99 30.98 2.79
CA MET A 134 6.25 29.89 3.39
C MET A 134 5.01 30.39 4.10
N ALA A 135 3.85 30.02 3.57
CA ALA A 135 2.55 30.41 4.13
C ALA A 135 2.11 29.32 5.10
N THR A 136 2.10 29.64 6.39
CA THR A 136 1.72 28.63 7.37
C THR A 136 1.17 29.24 8.67
N THR A 137 0.51 28.40 9.46
CA THR A 137 0.00 28.82 10.76
C THR A 137 0.60 27.93 11.83
N GLU A 138 1.60 27.12 11.45
CA GLU A 138 2.24 26.25 12.43
C GLU A 138 3.49 26.92 13.01
N GLY A 139 3.44 27.21 14.31
CA GLY A 139 4.55 27.84 14.98
C GLY A 139 5.84 27.05 14.91
N CYS A 140 6.93 27.79 14.72
CA CYS A 140 8.28 27.25 14.64
C CYS A 140 8.65 26.57 13.33
N LEU A 141 7.69 26.40 12.42
CA LEU A 141 7.97 25.74 11.15
C LEU A 141 8.97 26.53 10.30
N VAL A 142 8.71 27.82 10.13
CA VAL A 142 9.62 28.68 9.35
C VAL A 142 10.99 28.75 10.06
N ALA A 143 10.97 28.91 11.39
CA ALA A 143 12.22 28.98 12.18
C ALA A 143 13.05 27.72 12.00
N SER A 144 12.41 26.56 12.14
CA SER A 144 13.10 25.28 12.00
C SER A 144 13.66 25.11 10.58
N THR A 145 12.86 25.45 9.58
CA THR A 145 13.31 25.34 8.19
C THR A 145 14.49 26.28 7.92
N ASN A 146 14.43 27.46 8.51
CA ASN A 146 15.50 28.46 8.37
C ASN A 146 16.78 27.89 8.97
N ARG A 147 16.70 27.27 10.14
CA ARG A 147 17.88 26.67 10.73
C ARG A 147 18.48 25.63 9.79
N GLY A 148 17.60 24.87 9.11
CA GLY A 148 18.06 23.85 8.18
C GLY A 148 18.80 24.50 7.02
N CYS A 149 18.27 25.61 6.52
CA CYS A 149 18.93 26.33 5.42
C CYS A 149 20.34 26.78 5.87
N ARG A 150 20.45 27.23 7.12
CA ARG A 150 21.72 27.69 7.68
C ARG A 150 22.78 26.60 7.66
N ALA A 151 22.41 25.41 8.13
CA ALA A 151 23.33 24.28 8.15
C ALA A 151 23.81 23.93 6.75
N ILE A 152 22.91 24.05 5.77
CA ILE A 152 23.25 23.73 4.39
C ILE A 152 24.23 24.76 3.81
N GLY A 153 23.95 26.04 4.06
CA GLY A 153 24.81 27.12 3.58
C GLY A 153 26.24 27.00 4.12
N LEU A 154 26.36 26.70 5.41
CA LEU A 154 27.66 26.54 6.05
C LEU A 154 28.37 25.29 5.57
N GLY A 155 27.61 24.43 4.88
CA GLY A 155 28.17 23.19 4.38
C GLY A 155 28.59 23.26 2.92
N GLY A 156 28.48 24.43 2.31
CA GLY A 156 28.87 24.54 0.92
C GLY A 156 27.71 24.43 -0.06
N GLY A 157 26.48 24.46 0.47
CA GLY A 157 25.30 24.40 -0.39
C GLY A 157 24.81 23.02 -0.82
N ALA A 158 23.66 23.03 -1.47
CA ALA A 158 23.01 21.81 -1.94
C ALA A 158 22.99 21.73 -3.46
N SER A 159 22.93 20.51 -3.98
CA SER A 159 22.86 20.27 -5.42
C SER A 159 21.57 19.51 -5.71
N SER A 160 20.94 19.80 -6.84
CA SER A 160 19.69 19.12 -7.18
C SER A 160 19.62 18.84 -8.66
N ARG A 161 18.80 17.84 -9.02
CA ARG A 161 18.58 17.46 -10.40
C ARG A 161 17.13 17.05 -10.65
N VAL A 162 16.61 17.45 -11.80
CA VAL A 162 15.27 17.08 -12.21
C VAL A 162 15.50 15.81 -13.00
N LEU A 163 14.89 14.71 -12.55
CA LEU A 163 15.03 13.40 -13.18
C LEU A 163 14.00 13.09 -14.24
N ALA A 164 12.82 13.68 -14.09
CA ALA A 164 11.73 13.45 -15.03
C ALA A 164 10.72 14.57 -14.92
N ASP A 165 9.96 14.80 -15.98
CA ASP A 165 8.98 15.86 -16.00
C ASP A 165 7.79 15.46 -16.87
N GLY A 166 6.62 15.29 -16.26
CA GLY A 166 5.47 14.92 -17.03
C GLY A 166 4.21 14.69 -16.20
N MET A 167 3.21 15.54 -16.44
CA MET A 167 1.93 15.46 -15.75
C MET A 167 1.14 14.29 -16.39
N THR A 168 0.22 13.70 -15.64
CA THR A 168 -0.53 12.58 -16.18
C THR A 168 -2.03 12.68 -16.01
N ARG A 169 -2.76 11.85 -16.75
CA ARG A 169 -4.21 11.74 -16.65
C ARG A 169 -4.44 10.27 -17.01
N GLY A 170 -5.16 9.55 -16.15
CA GLY A 170 -5.40 8.14 -16.40
C GLY A 170 -6.87 7.73 -16.54
N PRO A 171 -7.48 7.94 -17.71
CA PRO A 171 -8.89 7.59 -17.96
C PRO A 171 -9.15 6.10 -17.92
N VAL A 172 -10.41 5.72 -17.73
CA VAL A 172 -10.77 4.32 -17.79
C VAL A 172 -11.80 4.13 -18.92
N VAL A 173 -11.51 3.18 -19.81
CA VAL A 173 -12.39 2.84 -20.91
C VAL A 173 -12.77 1.37 -20.79
N ARG A 174 -13.83 0.96 -21.46
CA ARG A 174 -14.28 -0.44 -21.42
C ARG A 174 -14.57 -0.97 -22.81
N LEU A 175 -14.24 -2.23 -23.00
CA LEU A 175 -14.49 -2.91 -24.25
C LEU A 175 -15.51 -4.00 -23.90
N PRO A 176 -16.16 -4.60 -24.91
CA PRO A 176 -17.15 -5.64 -24.62
C PRO A 176 -16.57 -6.86 -23.90
N ARG A 177 -15.35 -7.21 -24.25
CA ARG A 177 -14.67 -8.37 -23.67
C ARG A 177 -13.21 -8.07 -23.36
N ALA A 178 -12.63 -8.84 -22.44
CA ALA A 178 -11.23 -8.69 -22.04
C ALA A 178 -10.32 -8.95 -23.24
N CYS A 179 -10.77 -9.82 -24.15
CA CYS A 179 -10.02 -10.11 -25.37
C CYS A 179 -9.92 -8.86 -26.25
N ASP A 180 -10.93 -8.01 -26.19
CA ASP A 180 -10.94 -6.77 -26.97
C ASP A 180 -10.04 -5.73 -26.32
N SER A 181 -10.17 -5.55 -25.00
CA SER A 181 -9.34 -4.60 -24.30
C SER A 181 -7.85 -4.98 -24.47
N ALA A 182 -7.56 -6.29 -24.52
CA ALA A 182 -6.18 -6.76 -24.71
C ALA A 182 -5.70 -6.33 -26.10
N GLU A 183 -6.60 -6.37 -27.07
CA GLU A 183 -6.30 -5.98 -28.45
C GLU A 183 -5.97 -4.49 -28.50
N VAL A 184 -6.73 -3.68 -27.78
CA VAL A 184 -6.49 -2.25 -27.74
C VAL A 184 -5.14 -1.96 -27.08
N LYS A 185 -4.82 -2.71 -26.03
CA LYS A 185 -3.55 -2.54 -25.33
C LYS A 185 -2.40 -2.83 -26.28
N ALA A 186 -2.48 -3.92 -27.04
CA ALA A 186 -1.43 -4.27 -28.01
C ALA A 186 -1.35 -3.22 -29.11
N TRP A 187 -2.48 -2.73 -29.56
CA TRP A 187 -2.52 -1.74 -30.60
C TRP A 187 -1.81 -0.48 -30.12
N LEU A 188 -2.13 -0.05 -28.91
CA LEU A 188 -1.52 1.15 -28.32
C LEU A 188 0.00 0.97 -28.13
N GLU A 189 0.45 -0.28 -28.07
CA GLU A 189 1.86 -0.59 -27.88
C GLU A 189 2.70 -0.70 -29.17
N THR A 190 2.06 -0.73 -30.33
CA THR A 190 2.80 -0.77 -31.60
C THR A 190 3.25 0.66 -31.91
N SER A 191 4.31 0.80 -32.70
CA SER A 191 4.83 2.11 -33.05
C SER A 191 3.83 2.99 -33.83
N GLU A 192 3.05 2.38 -34.71
CA GLU A 192 2.07 3.13 -35.49
C GLU A 192 0.85 3.55 -34.66
N GLY A 193 0.44 2.67 -33.73
CA GLY A 193 -0.69 2.98 -32.88
C GLY A 193 -0.37 4.18 -32.00
N PHE A 194 0.83 4.19 -31.44
CA PHE A 194 1.23 5.30 -30.58
C PHE A 194 1.31 6.64 -31.33
N ALA A 195 1.85 6.58 -32.54
CA ALA A 195 1.99 7.78 -33.40
C ALA A 195 0.65 8.48 -33.68
N VAL A 196 -0.39 7.71 -34.03
CA VAL A 196 -1.68 8.32 -34.32
C VAL A 196 -2.27 8.93 -33.06
N ILE A 197 -2.04 8.26 -31.91
CA ILE A 197 -2.54 8.77 -30.63
C ILE A 197 -1.80 10.04 -30.25
N LYS A 198 -0.48 10.00 -30.36
CA LYS A 198 0.38 11.14 -30.05
C LYS A 198 0.04 12.33 -30.94
N GLU A 199 -0.22 12.04 -32.21
CA GLU A 199 -0.59 13.08 -33.18
C GLU A 199 -1.87 13.75 -32.71
N ALA A 200 -2.85 12.94 -32.31
CA ALA A 200 -4.12 13.48 -31.85
C ALA A 200 -3.94 14.28 -30.56
N PHE A 201 -3.16 13.73 -29.63
CA PHE A 201 -2.90 14.36 -28.34
C PHE A 201 -2.18 15.71 -28.50
N ASP A 202 -1.10 15.71 -29.28
CA ASP A 202 -0.31 16.93 -29.49
C ASP A 202 -0.96 18.07 -30.28
N SER A 203 -2.02 17.78 -31.03
CA SER A 203 -2.71 18.80 -31.81
C SER A 203 -3.56 19.76 -30.98
N THR A 204 -3.61 19.53 -29.67
CA THR A 204 -4.42 20.33 -28.77
C THR A 204 -3.74 21.57 -28.20
N SER A 205 -2.41 21.54 -28.20
CA SER A 205 -1.64 22.67 -27.67
C SER A 205 -0.19 22.62 -28.14
N ARG A 206 0.45 23.79 -28.12
CA ARG A 206 1.84 23.92 -28.52
C ARG A 206 2.76 23.21 -27.53
N PHE A 207 2.33 23.11 -26.28
CA PHE A 207 3.15 22.47 -25.26
C PHE A 207 2.88 20.99 -25.00
N ALA A 208 1.75 20.49 -25.50
CA ALA A 208 1.37 19.10 -25.35
C ALA A 208 2.22 18.17 -26.21
N ARG A 209 3.15 17.45 -25.58
CA ARG A 209 4.01 16.50 -26.28
C ARG A 209 3.98 15.15 -25.55
N LEU A 210 3.10 14.27 -26.00
CA LEU A 210 2.93 12.95 -25.38
C LEU A 210 4.24 12.18 -25.30
N GLN A 211 4.65 11.85 -24.07
CA GLN A 211 5.89 11.13 -23.82
C GLN A 211 5.82 9.63 -23.93
N LYS A 212 4.82 9.07 -23.28
CA LYS A 212 4.69 7.63 -23.26
C LYS A 212 3.32 7.23 -22.74
N LEU A 213 3.09 5.93 -22.83
CA LEU A 213 1.82 5.35 -22.41
C LEU A 213 2.04 4.15 -21.51
N HIS A 214 1.40 4.18 -20.35
CA HIS A 214 1.43 3.03 -19.46
C HIS A 214 -0.02 2.56 -19.48
N THR A 215 -0.25 1.36 -19.96
CA THR A 215 -1.60 0.81 -20.10
C THR A 215 -1.81 -0.37 -19.21
N SER A 216 -2.92 -0.41 -18.46
CA SER A 216 -3.19 -1.52 -17.55
C SER A 216 -4.60 -2.09 -17.71
N ILE A 217 -4.69 -3.41 -17.70
CA ILE A 217 -5.96 -4.10 -17.87
C ILE A 217 -6.55 -4.71 -16.61
N ALA A 218 -7.87 -4.61 -16.49
CA ALA A 218 -8.59 -5.25 -15.39
C ALA A 218 -9.85 -5.83 -16.07
N GLY A 219 -9.71 -7.05 -16.58
CA GLY A 219 -10.82 -7.68 -17.30
C GLY A 219 -11.09 -6.90 -18.57
N ARG A 220 -12.34 -6.46 -18.75
CA ARG A 220 -12.68 -5.69 -19.96
C ARG A 220 -12.40 -4.20 -19.82
N ASN A 221 -11.95 -3.78 -18.65
CA ASN A 221 -11.59 -2.38 -18.42
C ASN A 221 -10.16 -2.16 -18.88
N LEU A 222 -9.86 -0.93 -19.35
CA LEU A 222 -8.54 -0.56 -19.78
C LEU A 222 -8.24 0.83 -19.21
N TYR A 223 -7.17 0.92 -18.44
CA TYR A 223 -6.73 2.17 -17.82
C TYR A 223 -5.53 2.64 -18.63
N ILE A 224 -5.58 3.88 -19.11
CA ILE A 224 -4.50 4.41 -19.94
C ILE A 224 -3.92 5.64 -19.28
N ARG A 225 -2.64 5.56 -18.92
CA ARG A 225 -1.97 6.67 -18.27
C ARG A 225 -1.25 7.52 -19.32
N PHE A 226 -1.80 8.68 -19.63
CA PHE A 226 -1.18 9.59 -20.60
C PHE A 226 -0.19 10.47 -19.85
N GLN A 227 1.02 10.59 -20.35
CA GLN A 227 2.02 11.44 -19.69
C GLN A 227 2.61 12.46 -20.66
N SER A 228 2.61 13.72 -20.28
CA SER A 228 3.13 14.75 -21.16
C SER A 228 3.67 15.98 -20.44
N ARG A 229 4.59 16.67 -21.10
CA ARG A 229 5.17 17.90 -20.59
C ARG A 229 4.08 18.93 -20.76
N SER A 230 4.24 20.09 -20.12
CA SER A 230 3.19 21.12 -20.19
C SER A 230 3.77 22.51 -20.00
N GLY A 231 4.96 22.73 -20.55
CA GLY A 231 5.61 24.03 -20.39
C GLY A 231 5.79 24.31 -18.91
N ASP A 232 5.48 25.53 -18.49
CA ASP A 232 5.60 25.93 -17.09
C ASP A 232 4.30 25.72 -16.31
N ALA A 233 3.29 25.15 -16.95
CA ALA A 233 2.00 24.93 -16.31
C ALA A 233 1.98 23.59 -15.56
N MET A 234 1.23 23.50 -14.45
CA MET A 234 1.12 22.24 -13.70
C MET A 234 0.57 21.24 -14.71
N GLY A 235 -0.29 21.71 -15.60
CA GLY A 235 -0.76 20.87 -16.68
C GLY A 235 -2.03 20.03 -16.68
N MET A 236 -2.79 20.04 -15.60
CA MET A 236 -4.02 19.24 -15.53
C MET A 236 -4.99 19.50 -16.70
N ASN A 237 -5.44 20.76 -16.87
CA ASN A 237 -6.38 21.13 -17.93
C ASN A 237 -5.84 20.78 -19.31
N MET A 238 -4.57 21.08 -19.52
CA MET A 238 -3.90 20.81 -20.79
C MET A 238 -3.86 19.32 -21.11
N ILE A 239 -3.37 18.52 -20.17
CA ILE A 239 -3.28 17.08 -20.36
C ILE A 239 -4.68 16.47 -20.54
N SER A 240 -5.67 17.02 -19.85
CA SER A 240 -7.03 16.52 -19.94
C SER A 240 -7.61 16.75 -21.33
N LYS A 241 -7.38 17.95 -21.87
CA LYS A 241 -7.84 18.31 -23.21
C LYS A 241 -7.19 17.34 -24.20
N GLY A 242 -5.88 17.13 -24.03
CA GLY A 242 -5.16 16.20 -24.91
C GLY A 242 -5.67 14.78 -24.81
N THR A 243 -6.04 14.34 -23.61
CA THR A 243 -6.52 12.98 -23.40
C THR A 243 -7.86 12.74 -24.08
N GLU A 244 -8.75 13.73 -24.03
CA GLU A 244 -10.06 13.63 -24.67
C GLU A 244 -9.99 13.52 -26.19
N LYS A 245 -9.10 14.29 -26.80
CA LYS A 245 -8.92 14.27 -28.26
C LYS A 245 -8.30 12.93 -28.67
N ALA A 246 -7.40 12.41 -27.84
CA ALA A 246 -6.74 11.15 -28.12
C ALA A 246 -7.74 9.99 -28.00
N LEU A 247 -8.61 10.08 -27.00
CA LEU A 247 -9.61 9.03 -26.81
C LEU A 247 -10.63 9.00 -27.97
N SER A 248 -10.96 10.16 -28.53
CA SER A 248 -11.87 10.21 -29.69
C SER A 248 -11.17 9.54 -30.86
N LYS A 249 -9.89 9.84 -31.04
CA LYS A 249 -9.15 9.23 -32.14
C LYS A 249 -9.11 7.71 -31.98
N LEU A 250 -8.88 7.27 -30.74
CA LEU A 250 -8.83 5.85 -30.44
C LEU A 250 -10.19 5.22 -30.74
N HIS A 251 -11.25 5.97 -30.45
CA HIS A 251 -12.61 5.51 -30.68
C HIS A 251 -12.92 5.24 -32.17
N GLU A 252 -12.20 5.92 -33.06
CA GLU A 252 -12.40 5.73 -34.49
C GLU A 252 -11.89 4.36 -34.91
N TYR A 253 -10.83 3.89 -34.26
CA TYR A 253 -10.28 2.57 -34.55
C TYR A 253 -11.01 1.46 -33.79
N PHE A 254 -11.59 1.80 -32.64
CA PHE A 254 -12.32 0.83 -31.85
C PHE A 254 -13.66 1.42 -31.44
N PRO A 255 -14.62 1.45 -32.38
CA PRO A 255 -15.97 1.99 -32.16
C PRO A 255 -16.77 1.37 -31.01
N GLU A 256 -16.44 0.14 -30.64
CA GLU A 256 -17.15 -0.50 -29.55
C GLU A 256 -16.65 -0.08 -28.15
N MET A 257 -15.59 0.73 -28.12
CA MET A 257 -15.01 1.21 -26.87
C MET A 257 -15.87 2.28 -26.20
N GLN A 258 -16.15 2.07 -24.91
CA GLN A 258 -16.92 3.02 -24.13
C GLN A 258 -15.97 3.81 -23.23
N ILE A 259 -16.03 5.14 -23.31
CA ILE A 259 -15.21 5.99 -22.47
C ILE A 259 -16.01 6.18 -21.17
N LEU A 260 -15.61 5.45 -20.14
CA LEU A 260 -16.30 5.49 -18.85
C LEU A 260 -16.08 6.77 -18.05
N ALA A 261 -14.85 7.25 -18.02
CA ALA A 261 -14.52 8.46 -17.28
C ALA A 261 -13.14 8.97 -17.71
N VAL A 262 -13.04 10.27 -17.97
CA VAL A 262 -11.78 10.88 -18.40
C VAL A 262 -10.70 10.65 -17.34
N SER A 263 -11.12 10.44 -16.10
CA SER A 263 -10.19 10.09 -15.02
C SER A 263 -10.69 8.83 -14.33
N GLY A 264 -9.94 7.75 -14.47
CA GLY A 264 -10.27 6.49 -13.81
C GLY A 264 -9.41 6.23 -12.58
N ASN A 265 -8.87 7.30 -11.98
CA ASN A 265 -8.00 7.24 -10.80
C ASN A 265 -6.67 6.54 -11.03
N TYR A 266 -6.29 6.42 -12.29
CA TYR A 266 -5.03 5.80 -12.63
C TYR A 266 -3.96 6.86 -12.89
N CYS A 267 -4.30 8.13 -12.68
CA CYS A 267 -3.34 9.23 -12.92
C CYS A 267 -2.06 9.16 -12.03
N THR A 268 -2.16 9.20 -10.70
CA THR A 268 -3.38 9.33 -9.93
C THR A 268 -3.34 10.74 -9.34
N ASP A 269 -4.45 11.45 -9.40
CA ASP A 269 -4.51 12.81 -8.88
C ASP A 269 -5.17 12.97 -7.52
N LYS A 270 -4.43 13.55 -6.59
CA LYS A 270 -4.88 13.87 -5.25
C LYS A 270 -5.31 12.73 -4.30
N LYS A 271 -4.83 11.52 -4.59
CA LYS A 271 -5.09 10.38 -3.71
C LYS A 271 -3.76 9.65 -3.64
N PRO A 272 -3.45 9.06 -2.48
CA PRO A 272 -2.18 8.32 -2.36
C PRO A 272 -2.16 7.14 -3.36
N ALA A 273 -1.06 6.91 -4.06
CA ALA A 273 -1.00 5.80 -5.01
C ALA A 273 0.42 5.37 -5.29
N ALA A 274 0.65 4.06 -5.26
CA ALA A 274 1.97 3.53 -5.54
C ALA A 274 2.44 3.86 -6.95
N ILE A 275 1.51 4.06 -7.88
CA ILE A 275 1.90 4.37 -9.24
C ILE A 275 2.65 5.71 -9.35
N ASN A 276 2.29 6.71 -8.56
CA ASN A 276 2.98 8.00 -8.60
C ASN A 276 4.38 7.87 -8.01
N TRP A 277 4.49 7.04 -6.98
CA TRP A 277 5.74 6.78 -6.28
C TRP A 277 6.75 6.05 -7.17
N ILE A 278 6.26 5.04 -7.90
CA ILE A 278 7.08 4.22 -8.75
C ILE A 278 7.38 4.77 -10.15
N GLU A 279 6.40 5.43 -10.77
CA GLU A 279 6.58 5.95 -12.12
C GLU A 279 6.76 7.47 -12.19
N GLY A 280 6.52 8.15 -11.08
CA GLY A 280 6.63 9.60 -11.04
C GLY A 280 5.37 10.26 -11.59
N ARG A 281 5.20 11.53 -11.27
CA ARG A 281 4.08 12.32 -11.76
C ARG A 281 4.51 13.77 -11.62
N GLY A 282 4.39 14.55 -12.70
CA GLY A 282 4.83 15.93 -12.63
C GLY A 282 6.35 15.89 -12.68
N LYS A 283 7.01 16.51 -11.69
CA LYS A 283 8.46 16.53 -11.65
C LYS A 283 9.12 15.61 -10.61
N SER A 284 10.02 14.75 -11.05
CA SER A 284 10.76 13.86 -10.13
C SER A 284 12.08 14.60 -9.87
N VAL A 285 12.40 14.79 -8.59
CA VAL A 285 13.58 15.56 -8.22
C VAL A 285 14.38 14.91 -7.12
N VAL A 286 15.69 15.17 -7.12
CA VAL A 286 16.59 14.67 -6.09
C VAL A 286 17.50 15.82 -5.69
N CYS A 287 17.79 15.93 -4.40
CA CYS A 287 18.66 16.98 -3.90
C CYS A 287 19.60 16.32 -2.88
N GLU A 288 20.76 16.94 -2.65
CA GLU A 288 21.74 16.41 -1.70
C GLU A 288 22.64 17.50 -1.13
N ALA A 289 23.29 17.21 -0.01
CA ALA A 289 24.22 18.13 0.65
C ALA A 289 25.04 17.36 1.68
N VAL A 290 26.18 17.93 2.05
CA VAL A 290 27.04 17.33 3.05
C VAL A 290 27.20 18.38 4.14
N ILE A 291 26.86 18.01 5.37
CA ILE A 291 26.97 18.95 6.48
C ILE A 291 28.18 18.56 7.34
N PRO A 292 29.18 19.47 7.43
CA PRO A 292 30.40 19.27 8.21
C PRO A 292 30.07 18.96 9.66
N ALA A 293 30.79 18.02 10.26
CA ALA A 293 30.56 17.63 11.65
C ALA A 293 30.41 18.81 12.62
N LYS A 294 31.24 19.83 12.44
CA LYS A 294 31.22 21.03 13.27
C LYS A 294 29.86 21.74 13.17
N VAL A 295 29.33 21.81 11.96
CA VAL A 295 28.03 22.45 11.73
C VAL A 295 26.89 21.64 12.36
N VAL A 296 26.99 20.31 12.28
CA VAL A 296 25.98 19.44 12.85
C VAL A 296 25.99 19.64 14.36
N ARG A 297 27.19 19.81 14.91
CA ARG A 297 27.38 20.03 16.34
C ARG A 297 26.86 21.39 16.81
N GLU A 298 27.29 22.46 16.13
CA GLU A 298 26.95 23.83 16.53
C GLU A 298 25.62 24.41 16.07
N VAL A 299 25.22 24.10 14.84
CA VAL A 299 23.95 24.61 14.34
C VAL A 299 22.78 23.67 14.68
N LEU A 300 23.00 22.37 14.47
CA LEU A 300 21.97 21.35 14.68
C LEU A 300 21.91 20.72 16.09
N LYS A 301 22.90 21.05 16.92
CA LYS A 301 22.97 20.56 18.31
C LYS A 301 22.93 19.06 18.51
N THR A 302 23.59 18.33 17.62
CA THR A 302 23.60 16.87 17.71
C THR A 302 24.83 16.34 16.97
N THR A 303 24.87 15.03 16.73
CA THR A 303 25.98 14.42 16.00
C THR A 303 25.49 13.71 14.74
N THR A 304 26.43 13.46 13.84
CA THR A 304 26.10 12.77 12.60
C THR A 304 25.58 11.36 12.90
N GLU A 305 26.22 10.69 13.87
CA GLU A 305 25.83 9.34 14.25
C GLU A 305 24.38 9.29 14.77
N ALA A 306 24.02 10.25 15.62
CA ALA A 306 22.68 10.29 16.19
C ALA A 306 21.62 10.55 15.10
N MET A 307 21.92 11.46 14.17
CA MET A 307 21.03 11.79 13.06
C MET A 307 20.76 10.54 12.21
N ILE A 308 21.83 9.82 11.87
CA ILE A 308 21.73 8.64 11.04
C ILE A 308 20.87 7.56 11.69
N GLU A 309 21.06 7.36 12.99
CA GLU A 309 20.28 6.36 13.69
C GLU A 309 18.79 6.74 13.78
N VAL A 310 18.49 8.03 13.87
CA VAL A 310 17.10 8.45 13.91
C VAL A 310 16.49 8.31 12.52
N ASN A 311 17.24 8.67 11.48
CA ASN A 311 16.74 8.58 10.13
C ASN A 311 16.38 7.14 9.72
N ILE A 312 17.28 6.22 10.02
CA ILE A 312 17.07 4.83 9.68
C ILE A 312 15.89 4.23 10.42
N ASN A 313 15.82 4.50 11.73
CA ASN A 313 14.77 3.91 12.52
C ASN A 313 13.40 4.58 12.53
N LYS A 314 13.35 5.82 12.06
CA LYS A 314 12.13 6.58 11.96
C LYS A 314 11.65 6.60 10.50
N ASN A 315 12.45 7.19 9.63
CA ASN A 315 12.08 7.33 8.22
C ASN A 315 12.10 6.06 7.37
N LEU A 316 12.85 5.05 7.78
CA LEU A 316 12.88 3.80 7.03
C LEU A 316 12.08 2.72 7.78
N VAL A 317 12.59 2.28 8.93
CA VAL A 317 11.92 1.23 9.70
C VAL A 317 10.55 1.64 10.23
N GLY A 318 10.44 2.84 10.80
CA GLY A 318 9.15 3.28 11.32
C GLY A 318 8.09 3.38 10.25
N SER A 319 8.42 4.05 9.15
CA SER A 319 7.49 4.17 8.03
C SER A 319 7.13 2.77 7.49
N ALA A 320 8.08 1.85 7.52
CA ALA A 320 7.82 0.48 7.06
C ALA A 320 6.84 -0.23 8.00
N MET A 321 7.04 -0.06 9.31
CA MET A 321 6.14 -0.68 10.29
C MET A 321 4.73 -0.09 10.19
N ALA A 322 4.64 1.17 9.77
CA ALA A 322 3.35 1.84 9.62
C ALA A 322 2.62 1.49 8.32
N GLY A 323 3.28 0.75 7.44
CA GLY A 323 2.68 0.39 6.17
C GLY A 323 2.58 1.57 5.22
N SER A 324 3.65 2.35 5.15
CA SER A 324 3.70 3.52 4.27
C SER A 324 4.14 3.23 2.84
N ILE A 325 3.53 3.92 1.88
CA ILE A 325 3.96 3.81 0.50
C ILE A 325 4.33 5.25 0.19
N GLY A 326 5.62 5.53 0.03
CA GLY A 326 6.07 6.88 -0.29
C GLY A 326 6.28 7.87 0.85
N GLY A 327 6.05 7.45 2.09
CA GLY A 327 6.21 8.36 3.20
C GLY A 327 7.43 8.10 4.07
N TYR A 328 8.58 7.94 3.42
CA TYR A 328 9.86 7.68 4.10
C TYR A 328 10.60 8.97 4.41
N ASN A 329 9.94 9.85 5.14
CA ASN A 329 10.47 11.16 5.48
C ASN A 329 9.84 11.63 6.78
N ALA A 330 10.34 12.75 7.31
CA ALA A 330 9.82 13.25 8.58
C ALA A 330 8.65 14.21 8.41
N HIS A 331 8.81 15.23 7.57
CA HIS A 331 7.73 16.18 7.38
C HIS A 331 7.77 16.96 6.09
N ALA A 332 8.05 16.28 4.99
CA ALA A 332 8.08 16.93 3.68
C ALA A 332 6.78 17.68 3.41
N ALA A 333 5.66 17.11 3.87
CA ALA A 333 4.35 17.73 3.67
C ALA A 333 4.25 19.15 4.27
N ASN A 334 4.93 19.41 5.40
CA ASN A 334 4.91 20.73 6.01
C ASN A 334 5.50 21.77 5.05
N ILE A 335 6.65 21.44 4.47
CA ILE A 335 7.31 22.36 3.54
C ILE A 335 6.56 22.47 2.24
N VAL A 336 6.16 21.34 1.66
CA VAL A 336 5.43 21.38 0.40
C VAL A 336 4.15 22.23 0.54
N THR A 337 3.41 22.03 1.64
CA THR A 337 2.17 22.75 1.86
C THR A 337 2.35 24.26 2.00
N ALA A 338 3.35 24.65 2.80
CA ALA A 338 3.65 26.05 3.05
C ALA A 338 4.07 26.78 1.78
N ILE A 339 4.93 26.16 0.98
CA ILE A 339 5.36 26.79 -0.26
C ILE A 339 4.22 26.84 -1.28
N TYR A 340 3.44 25.76 -1.36
CA TYR A 340 2.31 25.69 -2.29
C TYR A 340 1.27 26.78 -2.06
N ILE A 341 0.93 27.01 -0.79
CA ILE A 341 -0.06 28.04 -0.48
C ILE A 341 0.46 29.44 -0.81
N ALA A 342 1.73 29.69 -0.51
CA ALA A 342 2.32 31.00 -0.76
C ALA A 342 2.51 31.27 -2.24
N CYS A 343 2.77 30.22 -3.03
CA CYS A 343 3.00 30.39 -4.46
C CYS A 343 1.84 30.07 -5.41
N GLY A 344 0.62 30.03 -4.90
CA GLY A 344 -0.52 29.76 -5.76
C GLY A 344 -0.64 28.40 -6.39
N GLN A 345 -0.08 27.36 -5.75
CA GLN A 345 -0.17 26.01 -6.26
C GLN A 345 -1.47 25.41 -5.74
N ASP A 346 -1.79 24.22 -6.23
CA ASP A 346 -2.99 23.53 -5.77
C ASP A 346 -2.58 22.77 -4.51
N ALA A 347 -2.94 23.29 -3.34
CA ALA A 347 -2.56 22.67 -2.07
C ALA A 347 -3.07 21.25 -1.85
N ALA A 348 -4.16 20.88 -2.51
CA ALA A 348 -4.68 19.53 -2.38
C ALA A 348 -3.71 18.53 -3.01
N GLN A 349 -2.85 19.00 -3.91
CA GLN A 349 -1.86 18.14 -4.54
C GLN A 349 -0.70 17.80 -3.60
N ASN A 350 -0.80 18.30 -2.39
CA ASN A 350 0.17 18.03 -1.36
C ASN A 350 0.17 16.53 -1.05
N VAL A 351 -0.96 15.87 -1.33
CA VAL A 351 -1.11 14.44 -1.09
C VAL A 351 0.00 13.62 -1.76
N GLY A 352 0.14 13.77 -3.07
CA GLY A 352 1.21 13.04 -3.76
C GLY A 352 2.51 13.84 -3.88
N SER A 353 2.41 15.17 -3.93
CA SER A 353 3.59 16.01 -4.06
C SER A 353 4.60 15.85 -2.92
N SER A 354 4.10 15.49 -1.75
CA SER A 354 4.90 15.27 -0.55
C SER A 354 5.63 13.93 -0.49
N ASN A 355 5.40 13.04 -1.46
CA ASN A 355 6.11 11.75 -1.47
C ASN A 355 7.61 12.04 -1.37
N CYS A 356 8.32 11.31 -0.52
CA CYS A 356 9.72 11.60 -0.34
C CYS A 356 10.44 10.55 0.48
N ILE A 357 11.65 10.22 0.04
CA ILE A 357 12.50 9.32 0.81
C ILE A 357 13.75 10.13 1.22
N THR A 358 13.92 10.30 2.53
CA THR A 358 15.06 11.03 3.08
C THR A 358 16.13 10.04 3.52
N LEU A 359 17.36 10.17 3.01
CA LEU A 359 18.44 9.28 3.38
C LEU A 359 19.63 10.04 3.97
N MET A 360 20.24 9.46 5.00
CA MET A 360 21.39 10.05 5.68
C MET A 360 22.51 9.05 5.88
N GLU A 361 23.75 9.47 5.67
CA GLU A 361 24.90 8.59 5.90
C GLU A 361 26.19 9.33 6.24
N ALA A 362 27.12 8.60 6.88
CA ALA A 362 28.41 9.13 7.28
C ALA A 362 29.24 9.43 6.05
N SER A 363 29.88 10.60 6.06
CA SER A 363 30.69 11.03 4.93
C SER A 363 32.00 11.67 5.46
N GLY A 364 32.92 11.94 4.53
CA GLY A 364 34.18 12.57 4.90
C GLY A 364 35.34 11.66 5.26
N PRO A 365 36.53 12.26 5.52
CA PRO A 365 37.79 11.58 5.88
C PRO A 365 37.65 10.69 7.11
N THR A 366 37.00 11.21 8.14
CA THR A 366 36.82 10.47 9.38
C THR A 366 35.39 9.96 9.61
N ASN A 367 34.56 10.00 8.56
CA ASN A 367 33.15 9.56 8.63
C ASN A 367 32.37 10.33 9.69
N GLU A 368 32.68 11.61 9.85
CA GLU A 368 31.99 12.41 10.85
C GLU A 368 31.05 13.44 10.23
N ASP A 369 31.16 13.64 8.92
CA ASP A 369 30.28 14.59 8.24
C ASP A 369 28.98 13.89 7.81
N LEU A 370 27.89 14.63 7.78
CA LEU A 370 26.59 14.11 7.44
C LEU A 370 26.16 14.27 5.98
N TYR A 371 26.05 13.17 5.26
CA TYR A 371 25.56 13.23 3.89
C TYR A 371 24.03 13.07 3.96
N ILE A 372 23.30 13.92 3.25
CA ILE A 372 21.85 13.83 3.23
C ILE A 372 21.27 14.02 1.82
N SER A 373 20.25 13.23 1.52
CA SER A 373 19.56 13.35 0.23
C SER A 373 18.05 13.17 0.39
N CYS A 374 17.30 13.90 -0.44
CA CYS A 374 15.85 13.81 -0.47
C CYS A 374 15.48 13.53 -1.92
N THR A 375 14.67 12.49 -2.13
CA THR A 375 14.22 12.12 -3.46
C THR A 375 12.69 12.23 -3.44
N MET A 376 12.17 13.07 -4.34
CA MET A 376 10.74 13.35 -4.46
C MET A 376 10.36 13.10 -5.92
N PRO A 377 9.76 11.95 -6.18
CA PRO A 377 9.34 11.54 -7.52
C PRO A 377 8.08 12.12 -8.11
N SER A 378 7.32 12.87 -7.33
CA SER A 378 6.05 13.35 -7.88
C SER A 378 5.58 14.73 -7.41
N ILE A 379 6.41 15.74 -7.67
CA ILE A 379 6.10 17.12 -7.34
C ILE A 379 5.21 17.70 -8.46
N GLU A 380 3.94 17.94 -8.15
CA GLU A 380 2.97 18.48 -9.09
C GLU A 380 2.98 19.98 -8.87
N ILE A 381 3.52 20.70 -9.85
CA ILE A 381 3.71 22.13 -9.66
C ILE A 381 3.70 22.92 -10.98
N GLY A 382 3.53 24.23 -10.87
CA GLY A 382 3.51 25.10 -12.05
C GLY A 382 3.71 26.57 -11.70
N THR A 383 4.13 27.36 -12.67
CA THR A 383 4.35 28.79 -12.45
C THR A 383 3.44 29.66 -13.30
N VAL A 384 2.51 29.01 -14.01
CA VAL A 384 1.54 29.69 -14.86
C VAL A 384 0.19 29.02 -14.66
N GLY A 385 -0.89 29.81 -14.65
CA GLY A 385 -2.22 29.24 -14.48
C GLY A 385 -2.71 29.05 -13.07
N GLY A 386 -4.02 28.85 -12.94
CA GLY A 386 -4.62 28.64 -11.64
C GLY A 386 -4.36 29.79 -10.69
N GLY A 387 -4.01 29.46 -9.45
CA GLY A 387 -3.74 30.46 -8.44
C GLY A 387 -2.49 31.30 -8.69
N THR A 388 -1.64 30.87 -9.63
CA THR A 388 -0.43 31.61 -9.93
C THR A 388 -0.77 32.86 -10.76
N ASN A 389 -2.03 32.97 -11.18
CA ASN A 389 -2.48 34.14 -11.94
C ASN A 389 -2.79 35.31 -11.01
N LEU A 390 -2.89 35.06 -9.71
CA LEU A 390 -3.20 36.12 -8.74
C LEU A 390 -1.93 36.88 -8.32
N LEU A 391 -2.07 38.19 -8.15
CA LEU A 391 -0.94 39.07 -7.81
C LEU A 391 -0.14 38.73 -6.56
N PRO A 392 -0.82 38.50 -5.41
CA PRO A 392 -0.05 38.17 -4.20
C PRO A 392 0.79 36.91 -4.38
N GLN A 393 0.22 35.87 -5.01
CA GLN A 393 1.01 34.66 -5.21
C GLN A 393 2.12 34.87 -6.25
N GLN A 394 1.88 35.74 -7.24
CA GLN A 394 2.91 36.04 -8.24
C GLN A 394 4.09 36.73 -7.55
N ALA A 395 3.80 37.47 -6.50
CA ALA A 395 4.83 38.16 -5.72
C ALA A 395 5.77 37.15 -5.10
N CYS A 396 5.21 36.09 -4.51
CA CYS A 396 6.03 35.05 -3.89
C CYS A 396 6.83 34.29 -4.94
N LEU A 397 6.23 34.10 -6.12
CA LEU A 397 6.93 33.42 -7.21
C LEU A 397 8.09 34.32 -7.71
N GLN A 398 7.84 35.63 -7.80
CA GLN A 398 8.85 36.59 -8.24
C GLN A 398 10.03 36.59 -7.27
N MET A 399 9.72 36.48 -5.98
CA MET A 399 10.73 36.43 -4.93
C MET A 399 11.76 35.34 -5.27
N LEU A 400 11.28 34.26 -5.89
CA LEU A 400 12.13 33.13 -6.27
C LEU A 400 12.64 33.22 -7.69
N GLY A 401 12.17 34.21 -8.43
CA GLY A 401 12.58 34.40 -9.81
C GLY A 401 12.01 33.38 -10.78
N VAL A 402 10.83 32.85 -10.50
CA VAL A 402 10.21 31.85 -11.35
C VAL A 402 8.77 32.16 -11.77
N GLN A 403 8.34 33.40 -11.61
CA GLN A 403 6.97 33.76 -11.97
C GLN A 403 6.70 33.69 -13.47
N GLY A 404 5.53 33.13 -13.82
CA GLY A 404 5.11 33.03 -15.20
C GLY A 404 5.94 32.12 -16.08
N ALA A 405 5.72 32.25 -17.39
CA ALA A 405 6.41 31.45 -18.37
C ALA A 405 7.87 31.84 -18.54
N CYS A 406 8.71 30.86 -18.85
CA CYS A 406 10.11 31.11 -19.14
C CYS A 406 10.14 31.19 -20.66
N LYS A 407 10.24 32.41 -21.17
CA LYS A 407 10.25 32.67 -22.61
C LYS A 407 11.29 31.86 -23.39
N ASP A 408 12.55 31.97 -22.97
CA ASP A 408 13.68 31.31 -23.62
C ASP A 408 13.75 29.79 -23.52
N ASN A 409 13.15 29.22 -22.48
CA ASN A 409 13.16 27.78 -22.27
C ASN A 409 11.91 27.34 -21.49
N PRO A 410 10.82 27.03 -22.21
CA PRO A 410 9.53 26.60 -21.65
C PRO A 410 9.65 25.43 -20.66
N GLY A 411 9.13 25.66 -19.45
CA GLY A 411 9.18 24.64 -18.42
C GLY A 411 10.27 24.86 -17.38
N GLU A 412 11.27 25.67 -17.73
CA GLU A 412 12.39 25.93 -16.83
C GLU A 412 12.02 26.61 -15.50
N ASN A 413 11.00 27.47 -15.50
CA ASN A 413 10.57 28.12 -14.27
C ASN A 413 9.94 27.08 -13.33
N ALA A 414 9.10 26.22 -13.89
CA ALA A 414 8.43 25.17 -13.12
C ALA A 414 9.46 24.16 -12.61
N ARG A 415 10.45 23.83 -13.43
CA ARG A 415 11.49 22.91 -13.00
C ARG A 415 12.30 23.53 -11.86
N GLN A 416 12.59 24.82 -11.98
CA GLN A 416 13.36 25.53 -10.95
C GLN A 416 12.57 25.55 -9.64
N LEU A 417 11.26 25.79 -9.74
CA LEU A 417 10.43 25.80 -8.53
C LEU A 417 10.42 24.43 -7.84
N ALA A 418 10.39 23.35 -8.62
CA ALA A 418 10.39 21.99 -8.08
C ALA A 418 11.71 21.70 -7.34
N ARG A 419 12.82 22.19 -7.91
CA ARG A 419 14.15 22.02 -7.29
C ARG A 419 14.19 22.76 -5.94
N ILE A 420 13.63 23.96 -5.92
CA ILE A 420 13.58 24.77 -4.70
C ILE A 420 12.77 24.06 -3.61
N VAL A 421 11.66 23.45 -4.01
CA VAL A 421 10.80 22.73 -3.09
C VAL A 421 11.56 21.54 -2.51
N CYS A 422 12.21 20.77 -3.37
CA CYS A 422 12.97 19.62 -2.91
C CYS A 422 14.12 20.06 -1.97
N GLY A 423 14.74 21.19 -2.29
CA GLY A 423 15.83 21.72 -1.47
C GLY A 423 15.35 22.22 -0.12
N THR A 424 14.20 22.89 -0.11
CA THR A 424 13.63 23.40 1.14
C THR A 424 13.16 22.22 2.02
N VAL A 425 12.64 21.17 1.39
CA VAL A 425 12.21 19.95 2.09
C VAL A 425 13.44 19.35 2.81
N MET A 426 14.56 19.26 2.10
CA MET A 426 15.77 18.71 2.71
C MET A 426 16.20 19.60 3.92
N ALA A 427 16.10 20.92 3.77
CA ALA A 427 16.43 21.83 4.87
C ALA A 427 15.51 21.53 6.06
N GLY A 428 14.23 21.32 5.77
CA GLY A 428 13.27 21.01 6.82
C GLY A 428 13.53 19.67 7.48
N GLU A 429 13.92 18.69 6.68
CA GLU A 429 14.22 17.36 7.20
C GLU A 429 15.43 17.40 8.12
N LEU A 430 16.48 18.11 7.70
CA LEU A 430 17.70 18.25 8.50
C LEU A 430 17.41 18.80 9.90
N SER A 431 16.69 19.91 9.95
CA SER A 431 16.39 20.55 11.21
C SER A 431 15.48 19.74 12.14
N LEU A 432 14.35 19.25 11.63
CA LEU A 432 13.46 18.47 12.49
C LEU A 432 14.15 17.18 12.95
N MET A 433 14.89 16.54 12.06
CA MET A 433 15.56 15.31 12.45
C MET A 433 16.59 15.57 13.55
N ALA A 434 17.27 16.72 13.48
CA ALA A 434 18.26 17.06 14.51
C ALA A 434 17.55 17.30 15.84
N ALA A 435 16.42 17.98 15.79
CA ALA A 435 15.65 18.25 17.01
C ALA A 435 15.14 16.96 17.64
N LEU A 436 14.77 15.98 16.82
CA LEU A 436 14.29 14.71 17.35
C LEU A 436 15.46 13.91 17.93
N ALA A 437 16.61 13.97 17.26
CA ALA A 437 17.81 13.28 17.67
C ALA A 437 18.36 13.82 18.97
N ALA A 438 18.45 15.14 19.07
CA ALA A 438 18.98 15.79 20.26
C ALA A 438 18.05 15.67 21.48
N GLY A 439 16.94 16.40 21.46
CA GLY A 439 16.00 16.35 22.57
C GLY A 439 15.16 15.09 22.59
N HIS A 440 15.42 14.22 23.57
CA HIS A 440 14.70 12.94 23.72
C HIS A 440 14.96 11.98 22.54
N SER B 42 13.95 56.22 12.46
CA SER B 42 13.41 56.08 11.08
C SER B 42 13.77 54.71 10.48
N ASP B 43 12.95 54.23 9.55
CA ASP B 43 13.21 52.93 8.91
C ASP B 43 14.65 52.89 8.38
N ALA B 44 15.08 53.96 7.74
CA ALA B 44 16.42 54.08 7.17
C ALA B 44 17.57 53.78 8.15
N GLU B 45 17.50 54.38 9.32
CA GLU B 45 18.51 54.21 10.34
C GLU B 45 18.44 52.85 11.03
N ILE B 46 17.23 52.30 11.15
CA ILE B 46 17.08 50.98 11.75
C ILE B 46 17.72 49.98 10.80
N ILE B 47 17.52 50.19 9.50
CA ILE B 47 18.06 49.32 8.46
C ILE B 47 19.60 49.35 8.47
N GLN B 48 20.19 50.54 8.61
CA GLN B 48 21.64 50.65 8.65
C GLN B 48 22.20 49.93 9.90
N LEU B 49 21.45 49.97 11.00
CA LEU B 49 21.84 49.31 12.25
C LEU B 49 21.99 47.81 12.07
N VAL B 50 20.96 47.19 11.50
CA VAL B 50 20.94 45.76 11.25
C VAL B 50 22.00 45.43 10.17
N ASN B 51 22.25 46.40 9.29
CA ASN B 51 23.21 46.33 8.17
C ASN B 51 22.64 45.76 6.89
N ALA B 57 19.22 40.18 10.76
CA ALA B 57 18.64 39.53 11.94
C ALA B 57 17.12 39.37 11.81
N TYR B 58 16.58 38.43 12.59
CA TYR B 58 15.14 38.12 12.62
C TYR B 58 14.53 38.41 13.99
N LYS B 59 15.07 39.41 14.66
CA LYS B 59 14.64 39.82 15.98
C LYS B 59 13.88 41.16 15.91
N LEU B 60 13.36 41.47 14.72
CA LEU B 60 12.64 42.73 14.47
C LEU B 60 11.48 43.07 15.40
N GLU B 61 10.61 42.10 15.69
CA GLU B 61 9.46 42.35 16.56
C GLU B 61 9.85 42.71 17.99
N THR B 62 10.92 42.08 18.50
CA THR B 62 11.42 42.34 19.85
C THR B 62 12.21 43.64 19.89
N LEU B 63 13.10 43.82 18.91
CA LEU B 63 13.96 45.01 18.80
C LEU B 63 13.19 46.34 18.73
N ILE B 64 12.05 46.34 18.03
CA ILE B 64 11.23 47.54 17.87
C ILE B 64 9.97 47.40 18.73
N GLU B 65 8.88 48.06 18.33
CA GLU B 65 7.63 48.01 19.06
C GLU B 65 6.48 47.42 18.24
N THR B 66 5.88 48.24 17.37
CA THR B 66 4.77 47.81 16.54
C THR B 66 5.10 46.66 15.58
N HIS B 67 4.17 45.71 15.49
CA HIS B 67 4.32 44.53 14.64
C HIS B 67 4.37 44.83 13.15
N GLU B 68 3.40 45.61 12.68
CA GLU B 68 3.36 45.95 11.26
C GLU B 68 4.66 46.61 10.80
N ARG B 69 5.24 47.46 11.64
CA ARG B 69 6.48 48.13 11.27
C ARG B 69 7.62 47.12 11.19
N GLY B 70 7.62 46.16 12.10
CA GLY B 70 8.64 45.13 12.10
C GLY B 70 8.61 44.42 10.76
N VAL B 71 7.40 44.08 10.30
CA VAL B 71 7.20 43.41 9.03
C VAL B 71 7.70 44.31 7.90
N SER B 72 7.32 45.59 7.97
CA SER B 72 7.71 46.60 6.99
C SER B 72 9.23 46.63 6.84
N ILE B 73 9.93 46.66 7.97
CA ILE B 73 11.38 46.70 7.93
C ILE B 73 11.98 45.42 7.39
N ARG B 74 11.47 44.27 7.81
CA ARG B 74 11.98 42.99 7.32
C ARG B 74 11.80 42.90 5.80
N ARG B 75 10.67 43.43 5.31
CA ARG B 75 10.40 43.44 3.88
C ARG B 75 11.45 44.26 3.13
N GLN B 76 11.70 45.48 3.60
CA GLN B 76 12.69 46.37 2.96
C GLN B 76 14.06 45.69 2.89
N LEU B 77 14.48 45.08 4.00
CA LEU B 77 15.76 44.37 4.03
C LEU B 77 15.77 43.19 3.04
N LEU B 78 14.66 42.46 2.96
CA LEU B 78 14.60 41.31 2.04
C LEU B 78 14.65 41.74 0.59
N SER B 79 14.01 42.88 0.29
CA SER B 79 13.95 43.42 -1.06
C SER B 79 15.31 43.64 -1.72
N LYS B 80 16.33 43.94 -0.92
CA LYS B 80 17.67 44.18 -1.45
C LYS B 80 18.46 42.88 -1.71
N LYS B 81 17.89 41.74 -1.34
CA LYS B 81 18.53 40.45 -1.55
C LYS B 81 17.94 39.72 -2.76
N LEU B 82 16.88 40.28 -3.32
CA LEU B 82 16.19 39.67 -4.45
C LEU B 82 16.69 40.09 -5.82
N SER B 83 16.66 39.15 -6.77
CA SER B 83 17.10 39.42 -8.12
C SER B 83 16.18 40.48 -8.72
N GLU B 84 15.01 40.63 -8.11
CA GLU B 84 14.02 41.61 -8.54
C GLU B 84 13.43 42.28 -7.29
N PRO B 85 14.09 43.34 -6.81
CA PRO B 85 13.75 44.15 -5.63
C PRO B 85 12.30 44.53 -5.39
N SER B 86 11.53 44.73 -6.45
CA SER B 86 10.13 45.11 -6.26
C SER B 86 9.14 43.93 -6.26
N SER B 87 9.66 42.69 -6.23
CA SER B 87 8.78 41.53 -6.25
C SER B 87 7.74 41.45 -5.13
N LEU B 88 8.01 42.08 -3.98
CA LEU B 88 7.07 42.05 -2.86
C LEU B 88 5.92 43.04 -2.96
N GLN B 89 6.00 43.93 -3.94
CA GLN B 89 5.00 44.97 -4.17
C GLN B 89 3.54 44.59 -3.96
N TYR B 90 3.11 43.47 -4.56
CA TYR B 90 1.73 43.05 -4.41
C TYR B 90 1.44 42.04 -3.29
N LEU B 91 2.43 41.76 -2.45
CA LEU B 91 2.25 40.88 -1.31
C LEU B 91 1.75 41.78 -0.16
N PRO B 92 0.46 41.65 0.22
CA PRO B 92 -0.12 42.46 1.30
C PRO B 92 0.54 42.21 2.65
N TYR B 93 0.44 43.20 3.54
CA TYR B 93 1.01 43.12 4.87
C TYR B 93 0.38 44.09 5.86
N ARG B 94 -0.33 45.10 5.33
CA ARG B 94 -0.96 46.12 6.16
C ARG B 94 -2.30 45.74 6.76
N ASP B 95 -2.59 46.35 7.91
CA ASP B 95 -3.84 46.13 8.64
C ASP B 95 -4.11 44.67 8.89
N TYR B 96 -3.23 44.06 9.68
CA TYR B 96 -3.37 42.67 10.03
C TYR B 96 -2.93 42.46 11.47
N ASN B 97 -3.78 41.79 12.24
CA ASN B 97 -3.53 41.52 13.64
C ASN B 97 -2.41 40.49 13.81
N TYR B 98 -1.16 40.94 13.73
CA TYR B 98 0.00 40.08 13.87
C TYR B 98 0.27 39.75 15.34
N SER B 99 -0.60 40.25 16.21
CA SER B 99 -0.47 40.05 17.65
C SER B 99 -0.57 38.57 17.98
N LEU B 100 -1.57 37.95 17.38
CA LEU B 100 -1.86 36.53 17.56
C LEU B 100 -0.92 35.63 16.75
N VAL B 101 -0.24 36.20 15.75
CA VAL B 101 0.67 35.44 14.90
C VAL B 101 2.11 35.37 15.43
N MET B 102 2.65 36.50 15.88
CA MET B 102 4.03 36.54 16.38
C MET B 102 4.25 35.58 17.56
N GLY B 103 5.20 34.66 17.37
CA GLY B 103 5.49 33.69 18.42
C GLY B 103 4.36 32.72 18.72
N ALA B 104 3.68 32.24 17.69
CA ALA B 104 2.58 31.29 17.89
C ALA B 104 2.12 30.62 16.60
N CYS B 105 2.25 31.32 15.47
CA CYS B 105 1.83 30.77 14.19
C CYS B 105 2.81 30.91 13.04
N CYS B 106 3.76 31.84 13.15
CA CYS B 106 4.71 32.05 12.05
C CYS B 106 5.92 32.91 12.48
N GLU B 107 7.05 32.73 11.81
CA GLU B 107 8.25 33.50 12.13
C GLU B 107 8.76 34.18 10.85
N ASN B 108 9.64 35.18 11.02
CA ASN B 108 10.20 35.97 9.92
C ASN B 108 9.09 36.41 8.98
N VAL B 109 8.02 36.92 9.56
CA VAL B 109 6.85 37.35 8.82
C VAL B 109 7.09 38.56 7.91
N ILE B 110 6.69 38.42 6.66
CA ILE B 110 6.86 39.47 5.67
C ILE B 110 5.52 39.88 5.07
N GLY B 111 4.43 39.39 5.65
CA GLY B 111 3.11 39.71 5.16
C GLY B 111 2.14 38.55 5.28
N TYR B 112 1.13 38.52 4.42
CA TYR B 112 0.15 37.46 4.44
C TYR B 112 -0.33 37.12 3.03
N MET B 113 -0.79 35.89 2.85
CA MET B 113 -1.27 35.43 1.55
C MET B 113 -2.79 35.26 1.58
N PRO B 114 -3.51 36.09 0.79
CA PRO B 114 -4.97 36.01 0.74
C PRO B 114 -5.47 34.85 -0.12
N ILE B 115 -6.30 33.98 0.46
CA ILE B 115 -6.85 32.85 -0.29
C ILE B 115 -8.35 33.12 -0.45
N PRO B 116 -8.85 33.18 -1.67
CA PRO B 116 -10.29 33.44 -1.85
C PRO B 116 -11.15 32.42 -1.07
N VAL B 117 -12.19 32.92 -0.40
CA VAL B 117 -13.09 32.06 0.36
C VAL B 117 -14.47 32.10 -0.28
N GLY B 118 -14.96 30.94 -0.67
CA GLY B 118 -16.28 30.85 -1.27
C GLY B 118 -17.17 30.06 -0.33
N VAL B 119 -18.48 30.05 -0.57
CA VAL B 119 -19.37 29.30 0.29
C VAL B 119 -20.24 28.30 -0.47
N ALA B 120 -20.34 27.10 0.10
CA ALA B 120 -21.12 26.04 -0.49
C ALA B 120 -22.17 25.64 0.53
N GLY B 121 -23.43 25.59 0.08
CA GLY B 121 -24.50 25.23 0.97
C GLY B 121 -25.87 25.68 0.50
N PRO B 122 -26.91 25.43 1.29
CA PRO B 122 -26.79 24.76 2.60
C PRO B 122 -26.50 23.26 2.52
N LEU B 123 -25.73 22.77 3.49
CA LEU B 123 -25.44 21.35 3.54
C LEU B 123 -26.39 20.82 4.61
N CYS B 124 -27.36 20.03 4.19
CA CYS B 124 -28.35 19.47 5.11
C CYS B 124 -27.78 18.22 5.71
N LEU B 125 -27.30 18.34 6.95
CA LEU B 125 -26.65 17.24 7.62
C LEU B 125 -27.18 17.05 9.02
N ASP B 126 -27.63 15.82 9.31
CA ASP B 126 -28.19 15.48 10.62
C ASP B 126 -29.29 16.48 11.08
N GLU B 127 -30.20 16.80 10.17
CA GLU B 127 -31.31 17.71 10.45
C GLU B 127 -30.91 19.15 10.75
N LYS B 128 -29.70 19.54 10.36
CA LYS B 128 -29.20 20.90 10.57
C LYS B 128 -28.79 21.41 9.20
N GLU B 129 -28.56 22.72 9.08
CA GLU B 129 -28.15 23.31 7.81
C GLU B 129 -26.85 24.08 8.01
N PHE B 130 -25.85 23.76 7.20
CA PHE B 130 -24.56 24.40 7.32
C PHE B 130 -24.17 25.15 6.07
N GLN B 131 -23.53 26.30 6.27
CA GLN B 131 -23.04 27.12 5.17
C GLN B 131 -21.54 26.92 5.29
N VAL B 132 -20.99 26.13 4.36
CA VAL B 132 -19.58 25.74 4.37
C VAL B 132 -18.58 26.63 3.66
N PRO B 133 -17.65 27.22 4.43
CA PRO B 133 -16.60 28.10 3.92
C PRO B 133 -15.50 27.24 3.27
N MET B 134 -15.08 27.63 2.07
CA MET B 134 -14.04 26.91 1.32
C MET B 134 -13.01 27.87 0.73
N ALA B 135 -11.79 27.78 1.23
CA ALA B 135 -10.68 28.63 0.79
C ALA B 135 -9.95 27.90 -0.34
N THR B 136 -10.08 28.38 -1.56
CA THR B 136 -9.43 27.72 -2.69
C THR B 136 -9.10 28.65 -3.84
N THR B 137 -8.24 28.19 -4.75
CA THR B 137 -7.92 28.95 -5.95
C THR B 137 -8.24 28.08 -7.15
N GLU B 138 -8.95 26.97 -6.94
CA GLU B 138 -9.32 26.09 -8.03
C GLU B 138 -10.71 26.45 -8.55
N GLY B 139 -10.78 26.91 -9.78
CA GLY B 139 -12.04 27.28 -10.39
C GLY B 139 -13.04 26.15 -10.47
N CYS B 140 -14.29 26.49 -10.20
CA CYS B 140 -15.43 25.57 -10.22
C CYS B 140 -15.54 24.62 -9.05
N LEU B 141 -14.55 24.60 -8.15
CA LEU B 141 -14.60 23.69 -7.01
C LEU B 141 -15.77 24.00 -6.08
N VAL B 142 -15.91 25.27 -5.69
CA VAL B 142 -17.01 25.70 -4.84
C VAL B 142 -18.34 25.45 -5.55
N ALA B 143 -18.41 25.82 -6.84
CA ALA B 143 -19.65 25.63 -7.61
C ALA B 143 -20.05 24.16 -7.67
N SER B 144 -19.08 23.29 -7.96
CA SER B 144 -19.35 21.87 -8.05
C SER B 144 -19.80 21.31 -6.71
N THR B 145 -19.13 21.73 -5.63
CA THR B 145 -19.47 21.27 -4.29
C THR B 145 -20.89 21.76 -3.89
N ASN B 146 -21.22 22.98 -4.30
CA ASN B 146 -22.53 23.57 -4.04
C ASN B 146 -23.59 22.74 -4.76
N ARG B 147 -23.33 22.36 -6.01
CA ARG B 147 -24.30 21.54 -6.72
C ARG B 147 -24.54 20.23 -5.96
N GLY B 148 -23.47 19.66 -5.38
CA GLY B 148 -23.58 18.43 -4.63
C GLY B 148 -24.46 18.63 -3.41
N CYS B 149 -24.28 19.77 -2.73
CA CYS B 149 -25.09 20.09 -1.56
C CYS B 149 -26.57 20.15 -1.95
N ARG B 150 -26.85 20.73 -3.12
CA ARG B 150 -28.20 20.88 -3.64
C ARG B 150 -28.89 19.53 -3.82
N ALA B 151 -28.19 18.59 -4.45
CA ALA B 151 -28.73 17.25 -4.67
C ALA B 151 -29.03 16.55 -3.34
N ILE B 152 -28.19 16.78 -2.34
CA ILE B 152 -28.39 16.18 -1.04
C ILE B 152 -29.62 16.76 -0.33
N GLY B 153 -29.76 18.08 -0.39
CA GLY B 153 -30.89 18.78 0.23
C GLY B 153 -32.22 18.34 -0.33
N LEU B 154 -32.29 18.20 -1.66
CA LEU B 154 -33.49 17.78 -2.34
C LEU B 154 -33.77 16.29 -2.10
N GLY B 155 -32.80 15.61 -1.52
CA GLY B 155 -32.95 14.19 -1.24
C GLY B 155 -33.34 13.90 0.18
N GLY B 156 -33.56 14.94 0.99
CA GLY B 156 -33.92 14.72 2.37
C GLY B 156 -32.76 14.82 3.35
N GLY B 157 -31.62 15.30 2.87
CA GLY B 157 -30.45 15.45 3.73
C GLY B 157 -29.56 14.24 3.97
N ALA B 158 -28.45 14.48 4.64
CA ALA B 158 -27.47 13.45 4.94
C ALA B 158 -27.39 13.16 6.43
N SER B 159 -26.96 11.94 6.76
CA SER B 159 -26.79 11.53 8.14
C SER B 159 -25.32 11.16 8.34
N SER B 160 -24.77 11.44 9.51
CA SER B 160 -23.38 11.11 9.77
C SER B 160 -23.18 10.65 11.20
N ARG B 161 -22.09 9.90 11.42
CA ARG B 161 -21.74 9.40 12.74
C ARG B 161 -20.24 9.41 12.95
N VAL B 162 -19.83 9.78 14.16
CA VAL B 162 -18.43 9.75 14.54
C VAL B 162 -18.25 8.35 15.14
N LEU B 163 -17.35 7.58 14.55
CA LEU B 163 -17.09 6.20 14.95
C LEU B 163 -15.98 6.06 15.97
N ALA B 164 -15.02 6.99 15.94
CA ALA B 164 -13.89 6.95 16.86
C ALA B 164 -13.28 8.34 16.95
N ASP B 165 -12.59 8.61 18.05
CA ASP B 165 -11.97 9.90 18.28
C ASP B 165 -10.71 9.72 19.10
N GLY B 166 -9.56 10.03 18.50
CA GLY B 166 -8.31 9.90 19.24
C GLY B 166 -7.08 10.21 18.42
N MET B 167 -6.38 11.26 18.80
CA MET B 167 -5.15 11.68 18.14
C MET B 167 -4.04 10.72 18.61
N THR B 168 -2.99 10.56 17.81
CA THR B 168 -1.91 9.65 18.19
C THR B 168 -0.52 10.22 18.07
N ARG B 169 0.43 9.52 18.68
CA ARG B 169 1.85 9.87 18.63
C ARG B 169 2.52 8.51 18.75
N GLY B 170 3.42 8.19 17.82
CA GLY B 170 4.07 6.90 17.84
C GLY B 170 5.58 6.94 17.95
N PRO B 171 6.14 7.14 19.19
CA PRO B 171 7.59 7.19 19.39
C PRO B 171 8.27 5.86 19.14
N VAL B 172 9.58 5.92 18.93
CA VAL B 172 10.36 4.70 18.77
C VAL B 172 11.42 4.65 19.88
N VAL B 173 11.45 3.53 20.60
CA VAL B 173 12.43 3.32 21.67
C VAL B 173 13.21 2.05 21.32
N ARG B 174 14.37 1.87 21.96
CA ARG B 174 15.20 0.70 21.73
C ARG B 174 15.66 0.07 23.03
N LEU B 175 15.74 -1.26 23.01
CA LEU B 175 16.22 -2.02 24.14
C LEU B 175 17.50 -2.68 23.65
N PRO B 176 18.33 -3.20 24.59
CA PRO B 176 19.58 -3.85 24.20
C PRO B 176 19.36 -5.06 23.28
N ARG B 177 18.32 -5.83 23.56
CA ARG B 177 18.00 -7.02 22.78
C ARG B 177 16.51 -7.12 22.46
N ALA B 178 16.18 -7.88 21.42
CA ALA B 178 14.80 -8.10 21.01
C ALA B 178 14.04 -8.79 22.13
N CYS B 179 14.74 -9.62 22.91
CA CYS B 179 14.12 -10.31 24.05
C CYS B 179 13.68 -9.30 25.10
N ASP B 180 14.40 -8.18 25.20
CA ASP B 180 14.06 -7.13 26.16
C ASP B 180 12.87 -6.31 25.66
N SER B 181 12.90 -5.93 24.38
CA SER B 181 11.79 -5.15 23.80
C SER B 181 10.49 -5.98 23.88
N ALA B 182 10.62 -7.29 23.70
CA ALA B 182 9.46 -8.20 23.79
C ALA B 182 8.88 -8.16 25.21
N GLU B 183 9.78 -8.08 26.20
CA GLU B 183 9.39 -8.02 27.60
C GLU B 183 8.64 -6.70 27.89
N VAL B 184 9.12 -5.59 27.30
CA VAL B 184 8.44 -4.31 27.49
C VAL B 184 7.06 -4.35 26.84
N LYS B 185 6.97 -4.99 25.68
CA LYS B 185 5.69 -5.10 24.97
C LYS B 185 4.68 -5.85 25.85
N ALA B 186 5.13 -6.96 26.44
CA ALA B 186 4.28 -7.78 27.31
C ALA B 186 3.90 -7.00 28.57
N TRP B 187 4.85 -6.26 29.10
CA TRP B 187 4.60 -5.44 30.30
C TRP B 187 3.53 -4.41 30.01
N LEU B 188 3.66 -3.72 28.87
CA LEU B 188 2.69 -2.69 28.47
C LEU B 188 1.31 -3.27 28.21
N GLU B 189 1.26 -4.59 27.97
CA GLU B 189 0.00 -5.29 27.70
C GLU B 189 -0.75 -5.81 28.93
N THR B 190 -0.11 -5.79 30.09
CA THR B 190 -0.78 -6.23 31.32
C THR B 190 -1.58 -5.03 31.83
N SER B 191 -2.65 -5.31 32.55
CA SER B 191 -3.51 -4.26 33.09
C SER B 191 -2.79 -3.34 34.07
N GLU B 192 -1.85 -3.90 34.83
CA GLU B 192 -1.09 -3.11 35.80
C GLU B 192 -0.07 -2.20 35.12
N GLY B 193 0.66 -2.75 34.16
CA GLY B 193 1.65 -1.97 33.43
C GLY B 193 1.00 -0.82 32.67
N PHE B 194 -0.19 -1.08 32.12
CA PHE B 194 -0.94 -0.08 31.36
C PHE B 194 -1.36 1.05 32.28
N ALA B 195 -2.05 0.71 33.37
CA ALA B 195 -2.52 1.70 34.34
C ALA B 195 -1.41 2.66 34.78
N VAL B 196 -0.21 2.13 34.99
CA VAL B 196 0.92 2.96 35.40
C VAL B 196 1.36 3.95 34.32
N ILE B 197 1.31 3.50 33.06
CA ILE B 197 1.68 4.36 31.96
C ILE B 197 0.57 5.37 31.77
N LYS B 198 -0.66 4.90 31.87
CA LYS B 198 -1.84 5.74 31.71
C LYS B 198 -1.89 6.84 32.76
N GLU B 199 -1.47 6.53 33.98
CA GLU B 199 -1.49 7.50 35.06
C GLU B 199 -0.50 8.62 34.74
N ALA B 200 0.68 8.25 34.27
CA ALA B 200 1.69 9.24 33.95
C ALA B 200 1.27 10.10 32.77
N PHE B 201 0.62 9.47 31.78
CA PHE B 201 0.16 10.15 30.56
C PHE B 201 -0.95 11.13 30.91
N ASP B 202 -1.95 10.65 31.63
CA ASP B 202 -3.09 11.48 32.04
C ASP B 202 -2.75 12.59 33.02
N SER B 203 -1.61 12.49 33.70
CA SER B 203 -1.19 13.51 34.67
C SER B 203 -0.68 14.80 34.04
N THR B 204 -0.37 14.75 32.74
CA THR B 204 0.18 15.90 32.03
C THR B 204 -0.79 16.99 31.59
N SER B 205 -2.05 16.64 31.40
CA SER B 205 -3.02 17.61 30.93
C SER B 205 -4.44 17.28 31.32
N ARG B 206 -5.30 18.29 31.21
CA ARG B 206 -6.71 18.18 31.52
C ARG B 206 -7.49 17.24 30.63
N PHE B 207 -7.10 17.14 29.36
CA PHE B 207 -7.85 16.27 28.43
C PHE B 207 -7.13 14.99 28.03
N ALA B 208 -5.99 14.72 28.65
CA ALA B 208 -5.21 13.53 28.35
C ALA B 208 -5.81 12.25 28.91
N ARG B 209 -6.67 11.57 28.16
CA ARG B 209 -7.27 10.30 28.61
C ARG B 209 -6.67 9.21 27.70
N LEU B 210 -5.64 8.52 28.17
CA LEU B 210 -5.01 7.46 27.38
C LEU B 210 -5.94 6.27 27.20
N GLN B 211 -6.20 5.94 25.94
CA GLN B 211 -7.04 4.82 25.58
C GLN B 211 -6.12 3.69 25.17
N LYS B 212 -6.58 2.82 24.28
CA LYS B 212 -5.79 1.70 23.80
C LYS B 212 -4.33 2.07 23.51
N LEU B 213 -3.46 1.07 23.63
CA LEU B 213 -2.04 1.27 23.39
C LEU B 213 -1.61 0.19 22.38
N HIS B 214 -1.22 0.62 21.18
CA HIS B 214 -0.80 -0.32 20.15
C HIS B 214 0.73 -0.30 20.02
N THR B 215 1.35 -1.46 20.23
CA THR B 215 2.80 -1.56 20.16
C THR B 215 3.21 -2.50 19.06
N SER B 216 4.38 -2.25 18.49
CA SER B 216 4.89 -3.06 17.41
C SER B 216 6.40 -3.19 17.54
N ILE B 217 6.89 -4.40 17.32
CA ILE B 217 8.31 -4.70 17.44
C ILE B 217 9.02 -4.90 16.12
N ALA B 218 10.26 -4.42 16.05
CA ALA B 218 11.11 -4.61 14.88
C ALA B 218 12.48 -4.88 15.51
N GLY B 219 12.75 -6.15 15.81
CA GLY B 219 14.00 -6.52 16.45
C GLY B 219 14.05 -5.91 17.83
N ARG B 220 15.11 -5.14 18.11
CA ARG B 220 15.23 -4.51 19.43
C ARG B 220 14.51 -3.16 19.52
N ASN B 221 13.90 -2.72 18.41
CA ASN B 221 13.15 -1.47 18.41
C ASN B 221 11.73 -1.76 18.85
N LEU B 222 11.11 -0.78 19.50
CA LEU B 222 9.72 -0.89 19.93
C LEU B 222 9.02 0.42 19.58
N TYR B 223 7.94 0.32 18.79
CA TYR B 223 7.16 1.47 18.38
C TYR B 223 5.88 1.43 19.22
N ILE B 224 5.58 2.54 19.89
CA ILE B 224 4.42 2.59 20.76
C ILE B 224 3.47 3.66 20.27
N ARG B 225 2.27 3.24 19.88
CA ARG B 225 1.28 4.18 19.40
C ARG B 225 0.36 4.60 20.55
N PHE B 226 0.54 5.83 21.04
CA PHE B 226 -0.29 6.35 22.13
C PHE B 226 -1.52 7.01 21.49
N GLN B 227 -2.72 6.68 21.96
CA GLN B 227 -3.93 7.28 21.41
C GLN B 227 -4.77 7.90 22.53
N SER B 228 -5.16 9.15 22.34
CA SER B 228 -5.95 9.83 23.36
C SER B 228 -6.86 10.92 22.83
N ARG B 229 -7.94 11.19 23.55
CA ARG B 229 -8.87 12.26 23.20
C ARG B 229 -8.12 13.54 23.54
N SER B 230 -8.64 14.67 23.10
CA SER B 230 -7.95 15.94 23.35
C SER B 230 -8.94 17.12 23.36
N GLY B 231 -10.13 16.88 23.91
CA GLY B 231 -11.15 17.91 23.94
C GLY B 231 -11.42 18.36 22.51
N ASP B 232 -11.51 19.67 22.30
CA ASP B 232 -11.77 20.20 20.96
C ASP B 232 -10.48 20.55 20.21
N ALA B 233 -9.34 20.22 20.76
CA ALA B 233 -8.06 20.50 20.13
C ALA B 233 -7.66 19.34 19.19
N MET B 234 -6.92 19.66 18.11
CA MET B 234 -6.45 18.63 17.18
C MET B 234 -5.61 17.68 18.06
N GLY B 235 -4.90 18.26 19.02
CA GLY B 235 -4.18 17.48 19.99
C GLY B 235 -2.73 17.04 19.88
N MET B 236 -2.03 17.41 18.82
CA MET B 236 -0.66 16.97 18.71
C MET B 236 0.24 17.39 19.84
N ASN B 237 0.26 18.68 20.17
CA ASN B 237 1.07 19.17 21.28
C ASN B 237 0.73 18.42 22.58
N MET B 238 -0.57 18.36 22.89
CA MET B 238 -1.04 17.69 24.09
C MET B 238 -0.63 16.22 24.16
N ILE B 239 -0.90 15.46 23.10
CA ILE B 239 -0.55 14.05 23.07
C ILE B 239 0.96 13.86 23.18
N SER B 240 1.72 14.81 22.62
CA SER B 240 3.18 14.74 22.67
C SER B 240 3.67 14.88 24.11
N LYS B 241 3.12 15.87 24.81
CA LYS B 241 3.47 16.14 26.20
C LYS B 241 3.17 14.88 27.02
N GLY B 242 1.99 14.31 26.79
CA GLY B 242 1.60 13.10 27.50
C GLY B 242 2.52 11.91 27.20
N THR B 243 2.96 11.81 25.96
CA THR B 243 3.83 10.72 25.52
C THR B 243 5.19 10.76 26.22
N GLU B 244 5.74 11.97 26.34
CA GLU B 244 7.03 12.18 26.99
C GLU B 244 7.03 11.80 28.48
N LYS B 245 6.00 12.19 29.22
CA LYS B 245 5.99 11.79 30.63
C LYS B 245 5.80 10.30 30.75
N ALA B 246 4.92 9.74 29.90
CA ALA B 246 4.68 8.31 29.92
C ALA B 246 5.96 7.53 29.64
N LEU B 247 6.77 8.04 28.71
CA LEU B 247 8.03 7.38 28.38
C LEU B 247 9.02 7.48 29.55
N SER B 248 9.00 8.59 30.28
CA SER B 248 9.87 8.73 31.44
C SER B 248 9.45 7.73 32.53
N LYS B 249 8.14 7.56 32.70
CA LYS B 249 7.66 6.60 33.69
C LYS B 249 8.07 5.20 33.28
N LEU B 250 7.97 4.90 31.98
CA LEU B 250 8.33 3.60 31.46
C LEU B 250 9.82 3.37 31.70
N HIS B 251 10.60 4.44 31.56
CA HIS B 251 12.05 4.35 31.75
C HIS B 251 12.45 3.97 33.18
N GLU B 252 11.58 4.27 34.15
CA GLU B 252 11.87 3.93 35.54
C GLU B 252 11.79 2.42 35.72
N TYR B 253 10.91 1.76 34.97
CA TYR B 253 10.78 0.30 35.06
C TYR B 253 11.78 -0.40 34.14
N PHE B 254 12.22 0.29 33.09
CA PHE B 254 13.17 -0.29 32.16
C PHE B 254 14.28 0.72 31.88
N PRO B 255 15.20 0.90 32.84
CA PRO B 255 16.32 1.84 32.73
C PRO B 255 17.24 1.68 31.52
N GLU B 256 17.30 0.47 30.97
CA GLU B 256 18.15 0.23 29.80
C GLU B 256 17.51 0.73 28.49
N MET B 257 16.25 1.16 28.56
CA MET B 257 15.53 1.66 27.38
C MET B 257 16.01 3.02 26.90
N GLN B 258 16.31 3.11 25.61
CA GLN B 258 16.74 4.36 25.00
C GLN B 258 15.58 4.95 24.20
N ILE B 259 15.25 6.20 24.49
CA ILE B 259 14.20 6.89 23.76
C ILE B 259 14.86 7.49 22.54
N LEU B 260 14.69 6.84 21.39
CA LEU B 260 15.32 7.30 20.17
C LEU B 260 14.70 8.55 19.55
N ALA B 261 13.37 8.64 19.57
CA ALA B 261 12.67 9.79 19.01
C ALA B 261 11.23 9.79 19.47
N VAL B 262 10.74 10.95 19.91
CA VAL B 262 9.38 11.07 20.40
C VAL B 262 8.38 10.69 19.30
N SER B 263 8.82 10.80 18.05
CA SER B 263 8.02 10.39 16.91
C SER B 263 8.86 9.44 16.05
N GLY B 264 8.44 8.18 16.00
CA GLY B 264 9.13 7.19 15.17
C GLY B 264 8.37 6.90 13.88
N ASN B 265 7.51 7.82 13.47
CA ASN B 265 6.71 7.68 12.24
C ASN B 265 5.64 6.60 12.33
N TYR B 266 5.34 6.18 13.55
CA TYR B 266 4.34 5.16 13.76
C TYR B 266 3.00 5.80 14.16
N CYS B 267 2.93 7.12 14.14
CA CYS B 267 1.71 7.83 14.52
C CYS B 267 0.48 7.54 13.61
N THR B 268 0.53 7.80 12.30
CA THR B 268 1.64 8.41 11.58
C THR B 268 1.15 9.81 11.20
N ASP B 269 2.01 10.80 11.39
CA ASP B 269 1.63 12.18 11.10
C ASP B 269 2.19 12.72 9.80
N LYS B 270 1.28 13.22 8.97
CA LYS B 270 1.60 13.86 7.69
C LYS B 270 2.32 13.05 6.60
N LYS B 271 2.24 11.73 6.69
CA LYS B 271 2.83 10.85 5.66
C LYS B 271 1.77 9.78 5.44
N PRO B 272 1.63 9.28 4.21
CA PRO B 272 0.62 8.25 3.94
C PRO B 272 0.99 6.98 4.74
N ALA B 273 0.01 6.35 5.37
CA ALA B 273 0.33 5.12 6.13
C ALA B 273 -0.90 4.25 6.31
N ALA B 274 -0.72 2.96 6.08
CA ALA B 274 -1.83 2.01 6.24
C ALA B 274 -2.36 1.99 7.66
N ILE B 275 -1.49 2.29 8.63
CA ILE B 275 -1.93 2.27 10.02
C ILE B 275 -3.04 3.27 10.33
N ASN B 276 -3.00 4.46 9.70
CA ASN B 276 -4.06 5.45 9.93
C ASN B 276 -5.36 4.99 9.28
N TRP B 277 -5.24 4.32 8.13
CA TRP B 277 -6.39 3.83 7.38
C TRP B 277 -7.10 2.71 8.11
N ILE B 278 -6.32 1.81 8.68
CA ILE B 278 -6.84 0.63 9.38
C ILE B 278 -7.26 0.86 10.83
N GLU B 279 -6.50 1.67 11.56
CA GLU B 279 -6.82 1.90 12.96
C GLU B 279 -7.41 3.26 13.27
N GLY B 280 -7.45 4.14 12.27
CA GLY B 280 -7.97 5.48 12.46
C GLY B 280 -6.95 6.39 13.15
N ARG B 281 -7.17 7.69 13.03
CA ARG B 281 -6.32 8.71 13.68
C ARG B 281 -7.17 9.96 13.74
N GLY B 282 -7.27 10.57 14.92
CA GLY B 282 -8.13 11.74 15.05
C GLY B 282 -9.57 11.24 15.05
N LYS B 283 -10.40 11.78 14.16
CA LYS B 283 -11.80 11.38 14.06
C LYS B 283 -12.14 10.45 12.89
N SER B 284 -12.79 9.32 13.17
CA SER B 284 -13.22 8.39 12.13
C SER B 284 -14.70 8.72 11.93
N VAL B 285 -15.09 9.02 10.70
CA VAL B 285 -16.44 9.44 10.40
C VAL B 285 -17.04 8.75 9.19
N VAL B 286 -18.36 8.61 9.21
CA VAL B 286 -19.08 8.04 8.08
C VAL B 286 -20.33 8.90 7.86
N CYS B 287 -20.66 9.15 6.59
CA CYS B 287 -21.86 9.90 6.27
C CYS B 287 -22.54 9.20 5.10
N GLU B 288 -23.83 9.44 4.94
CA GLU B 288 -24.62 8.80 3.89
C GLU B 288 -25.83 9.66 3.47
N ALA B 289 -26.39 9.33 2.31
CA ALA B 289 -27.56 10.01 1.77
C ALA B 289 -28.15 9.21 0.62
N VAL B 290 -29.42 9.46 0.32
CA VAL B 290 -30.07 8.79 -0.80
C VAL B 290 -30.56 9.91 -1.72
N ILE B 291 -30.17 9.86 -2.98
CA ILE B 291 -30.56 10.88 -3.95
C ILE B 291 -31.62 10.28 -4.86
N PRO B 292 -32.85 10.86 -4.86
CA PRO B 292 -33.96 10.41 -5.69
C PRO B 292 -33.59 10.46 -7.16
N ALA B 293 -34.02 9.45 -7.92
CA ALA B 293 -33.73 9.36 -9.35
C ALA B 293 -33.92 10.68 -10.09
N LYS B 294 -35.04 11.34 -9.80
CA LYS B 294 -35.38 12.61 -10.44
C LYS B 294 -34.30 13.67 -10.19
N VAL B 295 -33.79 13.72 -8.96
CA VAL B 295 -32.74 14.66 -8.61
C VAL B 295 -31.42 14.33 -9.32
N VAL B 296 -31.11 13.04 -9.45
CA VAL B 296 -29.90 12.62 -10.12
C VAL B 296 -29.99 13.04 -11.57
N ARG B 297 -31.21 12.98 -12.10
CA ARG B 297 -31.49 13.31 -13.48
C ARG B 297 -31.44 14.82 -13.74
N GLU B 298 -32.14 15.59 -12.91
CA GLU B 298 -32.24 17.04 -13.08
C GLU B 298 -31.12 17.91 -12.52
N VAL B 299 -30.62 17.54 -11.36
CA VAL B 299 -29.55 18.32 -10.75
C VAL B 299 -28.17 17.83 -11.19
N LEU B 300 -27.97 16.51 -11.18
CA LEU B 300 -26.68 15.91 -11.53
C LEU B 300 -26.48 15.55 -13.00
N LYS B 301 -27.54 15.67 -13.82
CA LYS B 301 -27.47 15.43 -15.26
C LYS B 301 -27.00 14.05 -15.69
N THR B 302 -27.40 13.03 -14.95
CA THR B 302 -26.97 11.67 -15.26
C THR B 302 -27.96 10.68 -14.65
N THR B 303 -27.60 9.40 -14.61
CA THR B 303 -28.45 8.38 -14.03
C THR B 303 -27.75 7.68 -12.86
N THR B 304 -28.54 7.02 -12.02
CA THR B 304 -27.98 6.28 -10.91
C THR B 304 -27.07 5.15 -11.42
N GLU B 305 -27.50 4.47 -12.48
CA GLU B 305 -26.74 3.38 -13.06
C GLU B 305 -25.35 3.85 -13.53
N ALA B 306 -25.32 4.99 -14.23
CA ALA B 306 -24.08 5.55 -14.74
C ALA B 306 -23.12 5.94 -13.61
N MET B 307 -23.67 6.55 -12.56
CA MET B 307 -22.85 6.93 -11.41
C MET B 307 -22.24 5.73 -10.71
N ILE B 308 -23.03 4.67 -10.53
CA ILE B 308 -22.57 3.46 -9.88
C ILE B 308 -21.43 2.80 -10.67
N GLU B 309 -21.57 2.75 -12.00
CA GLU B 309 -20.55 2.16 -12.85
C GLU B 309 -19.24 2.96 -12.80
N VAL B 310 -19.34 4.28 -12.70
CA VAL B 310 -18.16 5.10 -12.63
C VAL B 310 -17.49 4.95 -11.26
N ASN B 311 -18.29 4.90 -10.21
CA ASN B 311 -17.75 4.75 -8.86
C ASN B 311 -16.98 3.45 -8.68
N ILE B 312 -17.56 2.35 -9.15
CA ILE B 312 -16.94 1.07 -9.00
C ILE B 312 -15.64 0.98 -9.80
N ASN B 313 -15.69 1.44 -11.04
CA ASN B 313 -14.54 1.33 -11.91
C ASN B 313 -13.43 2.36 -11.75
N LYS B 314 -13.74 3.47 -11.10
CA LYS B 314 -12.78 4.53 -10.86
C LYS B 314 -12.32 4.48 -9.41
N ASN B 315 -13.25 4.65 -8.47
CA ASN B 315 -12.94 4.68 -7.05
C ASN B 315 -12.54 3.36 -6.39
N LEU B 316 -12.96 2.24 -6.97
CA LEU B 316 -12.58 0.95 -6.42
C LEU B 316 -11.52 0.29 -7.31
N VAL B 317 -11.88 -0.10 -8.53
CA VAL B 317 -10.96 -0.77 -9.44
C VAL B 317 -9.76 0.09 -9.87
N GLY B 318 -10.02 1.34 -10.27
CA GLY B 318 -8.96 2.23 -10.67
C GLY B 318 -7.95 2.48 -9.55
N SER B 319 -8.44 2.82 -8.37
CA SER B 319 -7.57 3.04 -7.23
C SER B 319 -6.80 1.77 -6.89
N ALA B 320 -7.44 0.62 -7.10
CA ALA B 320 -6.78 -0.65 -6.84
C ALA B 320 -5.64 -0.88 -7.84
N MET B 321 -5.89 -0.58 -9.11
CA MET B 321 -4.88 -0.76 -10.15
C MET B 321 -3.70 0.21 -9.91
N ALA B 322 -3.99 1.37 -9.31
CA ALA B 322 -2.97 2.37 -9.04
C ALA B 322 -2.12 2.06 -7.79
N GLY B 323 -2.51 1.01 -7.04
CA GLY B 323 -1.80 0.66 -5.84
C GLY B 323 -2.04 1.66 -4.72
N SER B 324 -3.30 2.06 -4.56
CA SER B 324 -3.66 2.99 -3.51
C SER B 324 -3.99 2.37 -2.16
N ILE B 325 -3.57 3.03 -1.08
CA ILE B 325 -3.95 2.60 0.24
C ILE B 325 -4.70 3.80 0.79
N GLY B 326 -6.02 3.67 0.93
CA GLY B 326 -6.84 4.74 1.45
C GLY B 326 -7.37 5.79 0.47
N GLY B 327 -7.05 5.65 -0.82
CA GLY B 327 -7.50 6.65 -1.78
C GLY B 327 -8.61 6.17 -2.70
N TYR B 328 -9.66 5.58 -2.12
CA TYR B 328 -10.81 5.04 -2.86
C TYR B 328 -11.91 6.10 -2.99
N ASN B 329 -11.55 7.23 -3.55
CA ASN B 329 -12.46 8.36 -3.71
C ASN B 329 -12.04 9.18 -4.91
N ALA B 330 -12.85 10.16 -5.27
CA ALA B 330 -12.54 11.00 -6.44
C ALA B 330 -11.70 12.23 -6.09
N HIS B 331 -12.15 13.01 -5.11
CA HIS B 331 -11.40 14.19 -4.75
C HIS B 331 -11.64 14.71 -3.35
N ALA B 332 -11.69 13.81 -2.37
CA ALA B 332 -11.88 14.22 -0.98
C ALA B 332 -10.85 15.28 -0.56
N ALA B 333 -9.62 15.15 -1.06
CA ALA B 333 -8.56 16.10 -0.75
C ALA B 333 -8.90 17.54 -1.13
N ASN B 334 -9.63 17.74 -2.24
CA ASN B 334 -10.05 19.10 -2.63
C ASN B 334 -10.90 19.75 -1.56
N ILE B 335 -11.90 19.00 -1.05
CA ILE B 335 -12.77 19.54 0.00
C ILE B 335 -12.07 19.67 1.33
N VAL B 336 -11.32 18.64 1.74
CA VAL B 336 -10.59 18.69 3.00
C VAL B 336 -9.64 19.91 3.03
N THR B 337 -8.91 20.11 1.94
CA THR B 337 -7.95 21.20 1.85
C THR B 337 -8.58 22.57 1.94
N ALA B 338 -9.66 22.77 1.18
CA ALA B 338 -10.36 24.05 1.15
C ALA B 338 -10.98 24.42 2.49
N ILE B 339 -11.58 23.44 3.17
CA ILE B 339 -12.17 23.71 4.48
C ILE B 339 -11.07 23.94 5.53
N TYR B 340 -10.00 23.15 5.44
CA TYR B 340 -8.89 23.27 6.39
C TYR B 340 -8.23 24.65 6.36
N ILE B 341 -8.00 25.16 5.15
CA ILE B 341 -7.38 26.48 5.02
C ILE B 341 -8.29 27.59 5.55
N ALA B 342 -9.57 27.49 5.25
CA ALA B 342 -10.53 28.47 5.70
C ALA B 342 -10.75 28.46 7.20
N CYS B 343 -10.66 27.28 7.82
CA CYS B 343 -10.91 27.14 9.25
C CYS B 343 -9.69 27.05 10.18
N GLY B 344 -8.52 27.44 9.69
CA GLY B 344 -7.34 27.42 10.55
C GLY B 344 -6.80 26.06 10.96
N GLN B 345 -7.04 25.04 10.14
CA GLN B 345 -6.53 23.71 10.45
C GLN B 345 -5.11 23.62 9.88
N ASP B 346 -4.44 22.51 10.17
CA ASP B 346 -3.09 22.30 9.65
C ASP B 346 -3.29 21.64 8.28
N ALA B 347 -3.13 22.43 7.22
CA ALA B 347 -3.33 21.94 5.86
C ALA B 347 -2.42 20.79 5.43
N ALA B 348 -1.26 20.66 6.06
CA ALA B 348 -0.34 19.57 5.75
C ALA B 348 -0.96 18.23 6.18
N GLN B 349 -1.91 18.28 7.11
CA GLN B 349 -2.58 17.06 7.57
C GLN B 349 -3.61 16.55 6.57
N ASN B 350 -3.69 17.24 5.44
CA ASN B 350 -4.61 16.81 4.38
C ASN B 350 -4.12 15.48 3.81
N VAL B 351 -2.83 15.16 4.05
CA VAL B 351 -2.26 13.91 3.59
C VAL B 351 -3.06 12.68 4.10
N GLY B 352 -3.23 12.58 5.41
CA GLY B 352 -4.00 11.48 5.95
C GLY B 352 -5.47 11.82 6.16
N SER B 353 -5.77 13.09 6.42
CA SER B 353 -7.17 13.48 6.65
C SER B 353 -8.09 13.24 5.46
N SER B 354 -7.53 13.22 4.26
CA SER B 354 -8.28 12.98 3.04
C SER B 354 -8.53 11.49 2.72
N ASN B 355 -8.06 10.57 3.57
CA ASN B 355 -8.31 9.14 3.35
C ASN B 355 -9.83 8.97 3.28
N CYS B 356 -10.32 8.23 2.29
CA CYS B 356 -11.76 8.10 2.13
C CYS B 356 -12.15 7.03 1.14
N ILE B 357 -13.20 6.28 1.48
CA ILE B 357 -13.75 5.30 0.56
C ILE B 357 -15.19 5.75 0.25
N THR B 358 -15.44 6.05 -1.01
CA THR B 358 -16.75 6.48 -1.48
C THR B 358 -17.48 5.29 -2.09
N LEU B 359 -18.68 5.00 -1.60
CA LEU B 359 -19.47 3.87 -2.10
C LEU B 359 -20.83 4.33 -2.64
N MET B 360 -21.24 3.75 -3.76
CA MET B 360 -22.50 4.07 -4.40
C MET B 360 -23.29 2.82 -4.71
N GLU B 361 -24.59 2.89 -4.46
CA GLU B 361 -25.45 1.73 -4.65
C GLU B 361 -26.85 2.12 -5.17
N ALA B 362 -27.43 1.25 -5.97
CA ALA B 362 -28.79 1.47 -6.49
C ALA B 362 -29.74 1.11 -5.36
N SER B 363 -30.70 1.98 -5.08
CA SER B 363 -31.71 1.68 -4.06
C SER B 363 -33.08 2.17 -4.49
N GLY B 364 -34.08 1.95 -3.66
CA GLY B 364 -35.44 2.38 -3.98
C GLY B 364 -36.29 1.32 -4.66
N PRO B 365 -37.60 1.58 -4.75
CA PRO B 365 -38.60 0.69 -5.35
C PRO B 365 -38.23 0.10 -6.70
N THR B 366 -37.68 0.94 -7.58
CA THR B 366 -37.27 0.50 -8.91
C THR B 366 -35.74 0.48 -9.11
N ASN B 367 -34.98 0.55 -8.01
CA ASN B 367 -33.51 0.58 -8.05
C ASN B 367 -32.96 1.70 -8.92
N GLU B 368 -33.66 2.82 -8.90
CA GLU B 368 -33.24 3.96 -9.70
C GLU B 368 -32.77 5.12 -8.87
N ASP B 369 -32.86 4.98 -7.55
CA ASP B 369 -32.39 6.02 -6.63
C ASP B 369 -30.92 5.72 -6.25
N LEU B 370 -30.17 6.75 -5.89
CA LEU B 370 -28.75 6.60 -5.60
C LEU B 370 -28.38 6.65 -4.12
N TYR B 371 -27.91 5.53 -3.58
CA TYR B 371 -27.44 5.53 -2.21
C TYR B 371 -25.93 5.84 -2.27
N ILE B 372 -25.47 6.74 -1.41
CA ILE B 372 -24.06 7.09 -1.37
C ILE B 372 -23.55 7.23 0.06
N SER B 373 -22.31 6.76 0.28
CA SER B 373 -21.68 6.86 1.57
C SER B 373 -20.18 7.18 1.42
N CYS B 374 -19.67 7.95 2.38
CA CYS B 374 -18.25 8.28 2.44
C CYS B 374 -17.78 7.94 3.84
N THR B 375 -16.71 7.15 3.90
CA THR B 375 -16.13 6.77 5.18
C THR B 375 -14.71 7.33 5.22
N MET B 376 -14.45 8.14 6.24
CA MET B 376 -13.16 8.80 6.44
C MET B 376 -12.69 8.46 7.84
N PRO B 377 -11.76 7.51 7.93
CA PRO B 377 -11.21 7.05 9.20
C PRO B 377 -10.16 7.87 9.91
N SER B 378 -9.68 8.93 9.28
CA SER B 378 -8.61 9.68 9.93
C SER B 378 -8.60 11.18 9.70
N ILE B 379 -9.69 11.84 10.09
CA ILE B 379 -9.81 13.30 9.99
C ILE B 379 -9.13 13.94 11.20
N GLU B 380 -7.98 14.57 10.95
CA GLU B 380 -7.19 15.24 12.00
C GLU B 380 -7.68 16.69 12.01
N ILE B 381 -8.37 17.06 13.08
CA ILE B 381 -9.01 18.36 13.12
C ILE B 381 -9.19 18.91 14.53
N GLY B 382 -9.43 20.21 14.63
CA GLY B 382 -9.63 20.85 15.92
C GLY B 382 -10.27 22.23 15.79
N THR B 383 -10.89 22.70 16.87
CA THR B 383 -11.54 24.02 16.84
C THR B 383 -10.92 24.97 17.88
N VAL B 384 -9.81 24.55 18.48
CA VAL B 384 -9.08 25.35 19.47
C VAL B 384 -7.60 25.15 19.20
N GLY B 385 -6.80 26.20 19.34
CA GLY B 385 -5.37 26.09 19.13
C GLY B 385 -4.88 26.28 17.70
N GLY B 386 -3.57 26.47 17.56
CA GLY B 386 -2.96 26.68 16.26
C GLY B 386 -3.56 27.85 15.51
N GLY B 387 -3.84 27.63 14.22
CA GLY B 387 -4.41 28.65 13.38
C GLY B 387 -5.84 29.01 13.71
N THR B 388 -6.52 28.21 14.52
CA THR B 388 -7.90 28.51 14.89
C THR B 388 -7.92 29.65 15.92
N ASN B 389 -6.74 30.04 16.40
CA ASN B 389 -6.60 31.15 17.35
C ASN B 389 -6.71 32.51 16.63
N LEU B 390 -6.59 32.50 15.30
CA LEU B 390 -6.63 33.74 14.51
C LEU B 390 -8.08 34.15 14.21
N LEU B 391 -8.33 35.46 14.23
CA LEU B 391 -9.68 35.98 14.00
C LEU B 391 -10.38 35.63 12.68
N PRO B 392 -9.68 35.78 11.55
CA PRO B 392 -10.33 35.44 10.28
C PRO B 392 -10.76 33.97 10.24
N GLN B 393 -9.90 33.07 10.71
CA GLN B 393 -10.28 31.67 10.70
C GLN B 393 -11.37 31.36 11.72
N GLN B 394 -11.39 32.09 12.85
CA GLN B 394 -12.44 31.90 13.85
C GLN B 394 -13.78 32.30 13.24
N ALA B 395 -13.74 33.26 12.32
CA ALA B 395 -14.96 33.72 11.67
C ALA B 395 -15.57 32.58 10.84
N CYS B 396 -14.72 31.85 10.13
CA CYS B 396 -15.21 30.72 9.33
C CYS B 396 -15.72 29.59 10.23
N LEU B 397 -15.07 29.42 11.38
CA LEU B 397 -15.50 28.40 12.34
C LEU B 397 -16.87 28.82 12.95
N GLN B 398 -17.02 30.12 13.23
CA GLN B 398 -18.28 30.65 13.78
C GLN B 398 -19.41 30.44 12.80
N MET B 399 -19.11 30.63 11.52
CA MET B 399 -20.09 30.45 10.45
C MET B 399 -20.73 29.06 10.57
N LEU B 400 -19.95 28.09 11.04
CA LEU B 400 -20.40 26.71 11.21
C LEU B 400 -20.89 26.42 12.63
N GLY B 401 -20.70 27.38 13.53
CA GLY B 401 -21.13 27.22 14.91
C GLY B 401 -20.27 26.29 15.73
N VAL B 402 -18.98 26.19 15.38
CA VAL B 402 -18.08 25.30 16.10
C VAL B 402 -16.79 25.94 16.59
N GLN B 403 -16.75 27.27 16.63
CA GLN B 403 -15.55 27.96 17.07
C GLN B 403 -15.23 27.77 18.55
N GLY B 404 -13.95 27.53 18.84
CA GLY B 404 -13.48 27.36 20.20
C GLY B 404 -13.97 26.11 20.92
N ALA B 405 -13.78 26.11 22.23
CA ALA B 405 -14.19 24.99 23.08
C ALA B 405 -15.70 24.88 23.26
N CYS B 406 -16.18 23.66 23.38
CA CYS B 406 -17.59 23.41 23.66
C CYS B 406 -17.61 23.27 25.17
N LYS B 407 -18.06 24.33 25.84
CA LYS B 407 -18.11 24.39 27.29
C LYS B 407 -18.83 23.24 27.99
N ASP B 408 -20.05 22.95 27.55
CA ASP B 408 -20.85 21.89 28.13
C ASP B 408 -20.37 20.47 27.83
N ASN B 409 -19.88 20.24 26.61
CA ASN B 409 -19.42 18.91 26.20
C ASN B 409 -18.11 19.00 25.40
N PRO B 410 -16.95 18.92 26.08
CA PRO B 410 -15.62 18.99 25.48
C PRO B 410 -15.41 17.99 24.33
N GLY B 411 -15.01 18.54 23.18
CA GLY B 411 -14.76 17.73 22.00
C GLY B 411 -15.89 17.77 20.98
N GLU B 412 -17.08 18.18 21.43
CA GLU B 412 -18.24 18.22 20.54
C GLU B 412 -18.13 19.19 19.35
N ASN B 413 -17.41 20.29 19.50
CA ASN B 413 -17.23 21.24 18.41
C ASN B 413 -16.33 20.59 17.34
N ALA B 414 -15.25 19.96 17.78
CA ALA B 414 -14.32 19.27 16.87
C ALA B 414 -15.02 18.09 16.17
N ARG B 415 -15.85 17.36 16.91
CA ARG B 415 -16.58 16.25 16.31
C ARG B 415 -17.56 16.76 15.27
N GLN B 416 -18.22 17.87 15.59
CA GLN B 416 -19.18 18.48 14.67
C GLN B 416 -18.46 18.92 13.39
N LEU B 417 -17.29 19.53 13.54
CA LEU B 417 -16.53 19.98 12.37
C LEU B 417 -16.10 18.80 11.48
N ALA B 418 -15.74 17.66 12.09
CA ALA B 418 -15.34 16.47 11.33
C ALA B 418 -16.54 15.91 10.54
N ARG B 419 -17.71 15.96 11.15
CA ARG B 419 -18.93 15.49 10.47
C ARG B 419 -19.24 16.39 9.27
N ILE B 420 -19.06 17.70 9.44
CA ILE B 420 -19.30 18.64 8.35
C ILE B 420 -18.33 18.39 7.19
N VAL B 421 -17.08 18.09 7.53
CA VAL B 421 -16.07 17.81 6.53
C VAL B 421 -16.44 16.56 5.75
N CYS B 422 -16.82 15.50 6.45
CA CYS B 422 -17.20 14.26 5.80
C CYS B 422 -18.45 14.46 4.92
N GLY B 423 -19.39 15.29 5.39
CA GLY B 423 -20.59 15.59 4.63
C GLY B 423 -20.30 16.43 3.38
N THR B 424 -19.43 17.41 3.51
CA THR B 424 -19.07 18.25 2.37
C THR B 424 -18.28 17.42 1.34
N VAL B 425 -17.46 16.46 1.82
CA VAL B 425 -16.70 15.58 0.93
C VAL B 425 -17.70 14.76 0.11
N MET B 426 -18.73 14.23 0.77
CA MET B 426 -19.74 13.44 0.06
C MET B 426 -20.44 14.31 -1.01
N ALA B 427 -20.74 15.57 -0.66
CA ALA B 427 -21.35 16.49 -1.63
C ALA B 427 -20.39 16.68 -2.83
N GLY B 428 -19.10 16.83 -2.53
CA GLY B 428 -18.12 17.00 -3.61
C GLY B 428 -17.98 15.74 -4.46
N GLU B 429 -18.04 14.57 -3.83
CA GLU B 429 -17.94 13.31 -4.54
C GLU B 429 -19.13 13.13 -5.49
N LEU B 430 -20.33 13.42 -4.98
CA LEU B 430 -21.53 13.30 -5.78
C LEU B 430 -21.47 14.14 -7.07
N SER B 431 -21.10 15.40 -6.93
CA SER B 431 -21.04 16.30 -8.08
C SER B 431 -19.97 15.96 -9.11
N LEU B 432 -18.73 15.77 -8.65
CA LEU B 432 -17.66 15.42 -9.58
C LEU B 432 -17.95 14.07 -10.25
N MET B 433 -18.43 13.10 -9.49
CA MET B 433 -18.73 11.79 -10.09
C MET B 433 -19.80 11.91 -11.17
N ALA B 434 -20.81 12.77 -10.94
CA ALA B 434 -21.87 12.96 -11.93
C ALA B 434 -21.28 13.59 -13.19
N ALA B 435 -20.41 14.57 -13.00
CA ALA B 435 -19.77 15.25 -14.12
C ALA B 435 -18.92 14.29 -14.95
N LEU B 436 -18.24 13.35 -14.28
CA LEU B 436 -17.42 12.38 -14.98
C LEU B 436 -18.31 11.39 -15.70
N ALA B 437 -19.42 11.04 -15.04
CA ALA B 437 -20.41 10.10 -15.58
C ALA B 437 -21.07 10.67 -16.83
N ALA B 438 -21.43 11.96 -16.77
CA ALA B 438 -22.07 12.66 -17.89
C ALA B 438 -21.14 13.01 -19.04
N GLY B 439 -19.90 13.35 -18.72
CA GLY B 439 -18.92 13.71 -19.75
C GLY B 439 -18.79 15.21 -20.00
N LEU C 41 -15.30 -57.86 -9.95
CA LEU C 41 -15.24 -57.33 -11.35
C LEU C 41 -13.81 -56.97 -11.74
N SER C 42 -13.57 -56.83 -13.03
CA SER C 42 -12.25 -56.48 -13.55
C SER C 42 -12.14 -54.98 -13.78
N ASP C 43 -10.91 -54.50 -13.93
CA ASP C 43 -10.65 -53.07 -14.19
C ASP C 43 -11.44 -52.61 -15.41
N ALA C 44 -11.20 -53.28 -16.54
CA ALA C 44 -11.89 -52.96 -17.80
C ALA C 44 -13.42 -52.96 -17.66
N GLU C 45 -13.92 -53.81 -16.75
CA GLU C 45 -15.36 -53.93 -16.51
C GLU C 45 -15.89 -52.74 -15.71
N ILE C 46 -15.07 -52.22 -14.80
CA ILE C 46 -15.42 -51.06 -13.99
C ILE C 46 -15.41 -49.86 -14.93
N ILE C 47 -14.42 -49.83 -15.82
CA ILE C 47 -14.25 -48.76 -16.82
C ILE C 47 -15.49 -48.67 -17.70
N GLN C 48 -15.94 -49.79 -18.24
CA GLN C 48 -17.13 -49.84 -19.09
C GLN C 48 -18.35 -49.33 -18.32
N LEU C 49 -18.47 -49.76 -17.06
CA LEU C 49 -19.57 -49.38 -16.19
C LEU C 49 -19.62 -47.87 -15.94
N VAL C 50 -18.46 -47.27 -15.65
CA VAL C 50 -18.36 -45.84 -15.39
C VAL C 50 -18.65 -45.04 -16.67
N ASN C 51 -18.15 -45.52 -17.80
CA ASN C 51 -18.36 -44.86 -19.08
C ASN C 51 -19.79 -45.04 -19.61
N ALA C 52 -20.35 -46.23 -19.42
CA ALA C 52 -21.69 -46.56 -19.90
C ALA C 52 -22.86 -46.22 -18.96
N LYS C 53 -22.58 -45.56 -17.85
CA LYS C 53 -23.64 -45.20 -16.91
C LYS C 53 -23.59 -43.70 -16.61
N HIS C 54 -22.68 -43.00 -17.28
CA HIS C 54 -22.48 -41.56 -17.10
C HIS C 54 -22.20 -41.23 -15.63
N ILE C 55 -21.81 -42.26 -14.86
CA ILE C 55 -21.48 -42.10 -13.45
C ILE C 55 -20.19 -41.27 -13.42
N PRO C 56 -20.27 -40.02 -12.93
CA PRO C 56 -19.09 -39.16 -12.88
C PRO C 56 -17.96 -39.89 -12.13
N ALA C 57 -16.71 -39.62 -12.51
CA ALA C 57 -15.56 -40.24 -11.86
C ALA C 57 -15.53 -39.84 -10.37
N TYR C 58 -14.36 -39.94 -9.75
CA TYR C 58 -14.17 -39.58 -8.34
C TYR C 58 -15.06 -40.27 -7.30
N LYS C 59 -16.18 -40.82 -7.76
CA LYS C 59 -17.10 -41.52 -6.88
C LYS C 59 -16.54 -42.93 -6.69
N LEU C 60 -15.42 -43.20 -7.36
CA LEU C 60 -14.74 -44.49 -7.33
C LEU C 60 -14.46 -45.00 -5.92
N GLU C 61 -14.19 -44.09 -4.99
CA GLU C 61 -13.89 -44.45 -3.61
C GLU C 61 -15.04 -45.16 -2.89
N THR C 62 -16.26 -44.65 -3.05
CA THR C 62 -17.44 -45.25 -2.43
C THR C 62 -17.91 -46.48 -3.22
N LEU C 63 -17.61 -46.48 -4.52
CA LEU C 63 -17.98 -47.58 -5.40
C LEU C 63 -17.18 -48.83 -5.07
N ILE C 64 -15.86 -48.74 -5.11
CA ILE C 64 -15.00 -49.88 -4.78
C ILE C 64 -14.83 -49.98 -3.25
N GLU C 65 -13.76 -50.63 -2.80
CA GLU C 65 -13.47 -50.81 -1.39
C GLU C 65 -12.01 -50.43 -1.09
N THR C 66 -11.08 -50.95 -1.89
CA THR C 66 -9.65 -50.64 -1.70
C THR C 66 -9.41 -49.21 -2.19
N HIS C 67 -8.52 -48.49 -1.51
CA HIS C 67 -8.23 -47.12 -1.89
C HIS C 67 -7.33 -46.95 -3.10
N GLU C 68 -6.26 -47.75 -3.16
CA GLU C 68 -5.33 -47.67 -4.28
C GLU C 68 -5.95 -48.06 -5.63
N ARG C 69 -6.94 -48.95 -5.61
CA ARG C 69 -7.58 -49.39 -6.85
C ARG C 69 -8.44 -48.29 -7.47
N GLY C 70 -9.12 -47.51 -6.63
CA GLY C 70 -9.93 -46.41 -7.11
C GLY C 70 -9.00 -45.42 -7.81
N VAL C 71 -7.82 -45.21 -7.22
CA VAL C 71 -6.82 -44.31 -7.79
C VAL C 71 -6.32 -44.85 -9.13
N SER C 72 -6.04 -46.16 -9.19
CA SER C 72 -5.55 -46.78 -10.42
C SER C 72 -6.59 -46.71 -11.54
N ILE C 73 -7.86 -46.77 -11.18
CA ILE C 73 -8.94 -46.70 -12.15
C ILE C 73 -9.11 -45.27 -12.68
N ARG C 74 -9.01 -44.29 -11.78
CA ARG C 74 -9.13 -42.90 -12.19
C ARG C 74 -7.99 -42.52 -13.14
N ARG C 75 -6.79 -42.99 -12.87
CA ARG C 75 -5.66 -42.69 -13.75
C ARG C 75 -5.92 -43.29 -15.14
N GLN C 76 -6.43 -44.52 -15.18
CA GLN C 76 -6.71 -45.18 -16.45
C GLN C 76 -7.79 -44.42 -17.20
N LEU C 77 -8.84 -44.01 -16.49
CA LEU C 77 -9.93 -43.23 -17.07
C LEU C 77 -9.41 -41.90 -17.65
N LEU C 78 -8.66 -41.17 -16.83
CA LEU C 78 -8.08 -39.88 -17.22
C LEU C 78 -7.16 -40.00 -18.42
N SER C 79 -6.35 -41.05 -18.44
CA SER C 79 -5.39 -41.25 -19.53
C SER C 79 -5.98 -41.16 -20.93
N LYS C 80 -7.23 -41.62 -21.08
CA LYS C 80 -7.89 -41.58 -22.38
C LYS C 80 -8.44 -40.20 -22.74
N LYS C 81 -8.29 -39.25 -21.82
CA LYS C 81 -8.74 -37.88 -22.01
C LYS C 81 -7.58 -36.92 -22.28
N LEU C 82 -6.39 -37.48 -22.51
CA LEU C 82 -5.18 -36.68 -22.75
C LEU C 82 -4.55 -36.87 -24.12
N SER C 83 -3.93 -35.82 -24.63
CA SER C 83 -3.24 -35.89 -25.90
C SER C 83 -2.05 -36.86 -25.83
N GLU C 84 -1.57 -37.12 -24.62
CA GLU C 84 -0.47 -38.06 -24.36
C GLU C 84 -0.94 -39.02 -23.25
N PRO C 85 -1.56 -40.15 -23.63
CA PRO C 85 -2.06 -41.12 -22.63
C PRO C 85 -0.98 -41.66 -21.69
N SER C 86 0.27 -41.64 -22.12
CA SER C 86 1.36 -42.15 -21.30
C SER C 86 2.00 -41.08 -20.41
N SER C 87 1.38 -39.91 -20.31
CA SER C 87 1.96 -38.83 -19.51
C SER C 87 1.99 -39.09 -18.02
N LEU C 88 1.09 -39.94 -17.54
CA LEU C 88 1.03 -40.28 -16.13
C LEU C 88 2.02 -41.40 -15.75
N GLN C 89 2.83 -41.85 -16.70
CA GLN C 89 3.78 -42.94 -16.46
C GLN C 89 4.66 -42.70 -15.23
N TYR C 90 5.30 -41.54 -15.16
CA TYR C 90 6.18 -41.25 -14.04
C TYR C 90 5.57 -40.54 -12.85
N LEU C 91 4.24 -40.48 -12.80
CA LEU C 91 3.55 -39.88 -11.65
C LEU C 91 3.21 -41.03 -10.71
N PRO C 92 4.00 -41.19 -9.63
CA PRO C 92 3.79 -42.26 -8.66
C PRO C 92 2.43 -42.20 -7.95
N TYR C 93 1.95 -43.37 -7.53
CA TYR C 93 0.67 -43.48 -6.84
C TYR C 93 0.62 -44.69 -5.91
N ARG C 94 1.44 -45.70 -6.20
CA ARG C 94 1.48 -46.93 -5.43
C ARG C 94 2.13 -46.83 -4.06
N ASP C 95 1.67 -47.71 -3.16
CA ASP C 95 2.20 -47.82 -1.81
C ASP C 95 2.15 -46.53 -0.99
N TYR C 96 1.02 -45.86 -1.11
CA TYR C 96 0.79 -44.63 -0.39
C TYR C 96 -0.48 -44.79 0.42
N ASN C 97 -0.46 -44.27 1.64
CA ASN C 97 -1.62 -44.36 2.52
C ASN C 97 -2.71 -43.35 2.13
N TYR C 98 -3.66 -43.80 1.31
CA TYR C 98 -4.75 -42.95 0.85
C TYR C 98 -5.92 -42.80 1.82
N SER C 99 -5.94 -43.61 2.89
CA SER C 99 -7.04 -43.54 3.86
C SER C 99 -7.07 -42.23 4.64
N LEU C 100 -5.90 -41.66 4.92
CA LEU C 100 -5.80 -40.40 5.64
C LEU C 100 -6.09 -39.20 4.72
N VAL C 101 -5.86 -39.37 3.43
CA VAL C 101 -6.09 -38.32 2.45
C VAL C 101 -7.57 -38.24 2.08
N MET C 102 -8.17 -39.37 1.72
CA MET C 102 -9.58 -39.44 1.33
C MET C 102 -10.52 -38.87 2.37
N GLY C 103 -11.42 -38.00 1.92
CA GLY C 103 -12.36 -37.38 2.84
C GLY C 103 -11.72 -36.42 3.84
N ALA C 104 -10.49 -35.96 3.56
CA ALA C 104 -9.80 -35.05 4.47
C ALA C 104 -8.80 -34.06 3.86
N CYS C 105 -7.98 -34.51 2.92
CA CYS C 105 -6.97 -33.66 2.33
C CYS C 105 -6.97 -33.40 0.84
N CYS C 106 -7.63 -34.24 0.04
CA CYS C 106 -7.62 -34.09 -1.41
C CYS C 106 -8.75 -34.91 -2.07
N GLU C 107 -9.13 -34.57 -3.31
CA GLU C 107 -10.16 -35.29 -4.04
C GLU C 107 -9.66 -35.61 -5.45
N ASN C 108 -10.34 -36.51 -6.16
CA ASN C 108 -9.98 -36.95 -7.52
C ASN C 108 -8.50 -37.28 -7.59
N VAL C 109 -8.02 -38.01 -6.59
CA VAL C 109 -6.63 -38.39 -6.47
C VAL C 109 -6.12 -39.29 -7.57
N ILE C 110 -5.00 -38.90 -8.18
CA ILE C 110 -4.40 -39.67 -9.26
C ILE C 110 -2.96 -40.05 -8.94
N GLY C 111 -2.55 -39.82 -7.70
CA GLY C 111 -1.21 -40.13 -7.27
C GLY C 111 -0.66 -39.14 -6.27
N TYR C 112 0.66 -38.99 -6.23
CA TYR C 112 1.30 -38.05 -5.32
C TYR C 112 2.55 -37.44 -5.96
N MET C 113 2.91 -36.24 -5.51
CA MET C 113 4.07 -35.54 -6.04
C MET C 113 5.20 -35.51 -4.99
N PRO C 114 6.31 -36.18 -5.30
CA PRO C 114 7.45 -36.23 -4.38
C PRO C 114 8.27 -34.95 -4.41
N ILE C 115 8.45 -34.33 -3.25
CA ILE C 115 9.26 -33.10 -3.17
C ILE C 115 10.52 -33.47 -2.36
N PRO C 116 11.70 -33.28 -2.94
CA PRO C 116 12.92 -33.60 -2.20
C PRO C 116 12.98 -32.89 -0.85
N VAL C 117 13.37 -33.63 0.19
CA VAL C 117 13.49 -33.07 1.53
C VAL C 117 14.95 -33.08 1.94
N GLY C 118 15.47 -31.89 2.26
CA GLY C 118 16.86 -31.77 2.70
C GLY C 118 16.86 -31.30 4.14
N VAL C 119 18.00 -31.36 4.81
CA VAL C 119 18.06 -30.92 6.21
C VAL C 119 19.11 -29.86 6.44
N ALA C 120 18.72 -28.85 7.20
CA ALA C 120 19.62 -27.75 7.53
C ALA C 120 19.71 -27.70 9.05
N GLY C 121 20.94 -27.64 9.54
CA GLY C 121 21.15 -27.59 10.98
C GLY C 121 22.53 -28.05 11.40
N PRO C 122 22.78 -28.09 12.72
CA PRO C 122 21.79 -27.73 13.75
C PRO C 122 21.49 -26.24 13.85
N LEU C 123 20.24 -25.93 14.17
CA LEU C 123 19.84 -24.54 14.36
C LEU C 123 19.84 -24.38 15.87
N CYS C 124 20.78 -23.59 16.38
CA CYS C 124 20.88 -23.36 17.82
C CYS C 124 19.95 -22.22 18.17
N LEU C 125 18.81 -22.58 18.73
CA LEU C 125 17.78 -21.61 19.06
C LEU C 125 17.27 -21.79 20.48
N ASP C 126 17.32 -20.72 21.26
CA ASP C 126 16.84 -20.75 22.64
C ASP C 126 17.46 -21.93 23.45
N GLU C 127 18.77 -22.11 23.29
CA GLU C 127 19.52 -23.16 23.99
C GLU C 127 19.13 -24.58 23.64
N LYS C 128 18.50 -24.76 22.48
CA LYS C 128 18.10 -26.07 21.99
C LYS C 128 18.73 -26.21 20.62
N GLU C 129 18.75 -27.44 20.08
CA GLU C 129 19.31 -27.68 18.75
C GLU C 129 18.27 -28.35 17.88
N PHE C 130 18.01 -27.75 16.72
CA PHE C 130 17.00 -28.28 15.81
C PHE C 130 17.59 -28.69 14.46
N GLN C 131 17.09 -29.80 13.95
CA GLN C 131 17.49 -30.30 12.64
C GLN C 131 16.24 -29.98 11.77
N VAL C 132 16.37 -28.96 10.95
CA VAL C 132 15.27 -28.46 10.12
C VAL C 132 15.04 -29.07 8.75
N PRO C 133 13.90 -29.73 8.58
CA PRO C 133 13.52 -30.37 7.31
C PRO C 133 13.01 -29.29 6.34
N MET C 134 13.49 -29.35 5.10
CA MET C 134 13.13 -28.38 4.06
C MET C 134 12.81 -29.09 2.75
N ALA C 135 11.55 -29.00 2.34
CA ALA C 135 11.10 -29.61 1.09
C ALA C 135 11.20 -28.58 -0.03
N THR C 136 12.12 -28.79 -0.96
CA THR C 136 12.30 -27.81 -2.02
C THR C 136 12.90 -28.41 -3.29
N THR C 137 12.80 -27.66 -4.40
CA THR C 137 13.40 -28.08 -5.65
C THR C 137 14.34 -27.00 -6.12
N GLU C 138 14.63 -26.04 -5.24
CA GLU C 138 15.56 -24.97 -5.59
C GLU C 138 16.98 -25.31 -5.15
N GLY C 139 17.87 -25.49 -6.12
CA GLY C 139 19.25 -25.82 -5.82
C GLY C 139 19.97 -24.78 -4.96
N CYS C 140 20.77 -25.28 -4.03
CA CYS C 140 21.57 -24.49 -3.10
C CYS C 140 20.81 -23.86 -1.94
N LEU C 141 19.48 -23.96 -1.94
CA LEU C 141 18.68 -23.37 -0.87
C LEU C 141 19.00 -23.98 0.48
N VAL C 142 18.96 -25.31 0.55
CA VAL C 142 19.27 -26.04 1.79
C VAL C 142 20.74 -25.75 2.21
N ALA C 143 21.66 -25.81 1.25
CA ALA C 143 23.08 -25.55 1.50
C ALA C 143 23.29 -24.14 2.07
N SER C 144 22.66 -23.14 1.45
CA SER C 144 22.80 -21.77 1.90
C SER C 144 22.22 -21.59 3.29
N THR C 145 21.05 -22.18 3.54
CA THR C 145 20.41 -22.08 4.84
C THR C 145 21.27 -22.76 5.93
N ASN C 146 21.90 -23.87 5.55
CA ASN C 146 22.75 -24.64 6.45
C ASN C 146 23.95 -23.75 6.83
N ARG C 147 24.55 -23.08 5.85
CA ARG C 147 25.67 -22.20 6.13
C ARG C 147 25.24 -21.13 7.15
N GLY C 148 23.99 -20.64 7.01
CA GLY C 148 23.49 -19.64 7.92
C GLY C 148 23.39 -20.20 9.33
N CYS C 149 22.91 -21.43 9.43
CA CYS C 149 22.79 -22.10 10.72
C CYS C 149 24.17 -22.18 11.39
N ARG C 150 25.19 -22.51 10.59
CA ARG C 150 26.56 -22.64 11.04
C ARG C 150 27.08 -21.35 11.69
N ALA C 151 26.90 -20.24 11.00
CA ALA C 151 27.33 -18.95 11.51
C ALA C 151 26.64 -18.61 12.83
N ILE C 152 25.37 -18.98 12.96
CA ILE C 152 24.63 -18.71 14.18
C ILE C 152 25.15 -19.55 15.34
N GLY C 153 25.40 -20.83 15.08
CA GLY C 153 25.90 -21.75 16.10
C GLY C 153 27.24 -21.29 16.65
N LEU C 154 28.15 -20.89 15.76
CA LEU C 154 29.46 -20.40 16.13
C LEU C 154 29.39 -19.07 16.85
N GLY C 155 28.22 -18.44 16.81
CA GLY C 155 28.02 -17.15 17.45
C GLY C 155 27.34 -17.24 18.80
N GLY C 156 27.11 -18.45 19.28
CA GLY C 156 26.46 -18.60 20.57
C GLY C 156 24.96 -18.82 20.50
N GLY C 157 24.44 -19.06 19.29
CA GLY C 157 23.02 -19.31 19.12
C GLY C 157 22.10 -18.11 19.00
N ALA C 158 20.83 -18.40 18.73
CA ALA C 158 19.81 -17.38 18.54
C ALA C 158 18.76 -17.45 19.63
N SER C 159 18.10 -16.32 19.87
CA SER C 159 17.04 -16.23 20.88
C SER C 159 15.78 -15.78 20.15
N SER C 160 14.62 -16.26 20.59
CA SER C 160 13.37 -15.90 19.95
C SER C 160 12.26 -15.76 20.97
N ARG C 161 11.24 -15.00 20.59
CA ARG C 161 10.08 -14.77 21.44
C ARG C 161 8.79 -14.69 20.62
N VAL C 162 7.73 -15.29 21.15
CA VAL C 162 6.44 -15.25 20.53
C VAL C 162 5.79 -14.01 21.16
N LEU C 163 5.44 -13.03 20.33
CA LEU C 163 4.85 -11.78 20.77
C LEU C 163 3.33 -11.80 20.85
N ALA C 164 2.71 -12.59 19.98
CA ALA C 164 1.26 -12.68 19.93
C ALA C 164 0.85 -13.98 19.26
N ASP C 165 -0.35 -14.45 19.57
CA ASP C 165 -0.86 -15.69 19.02
C ASP C 165 -2.36 -15.59 18.82
N GLY C 166 -2.82 -15.65 17.57
CA GLY C 166 -4.24 -15.57 17.34
C GLY C 166 -4.63 -15.57 15.87
N MET C 167 -5.32 -16.63 15.44
CA MET C 167 -5.78 -16.75 14.08
C MET C 167 -7.01 -15.85 13.93
N THR C 168 -7.30 -15.40 12.70
CA THR C 168 -8.44 -14.51 12.50
C THR C 168 -9.38 -14.93 11.37
N ARG C 169 -10.56 -14.31 11.36
CA ARG C 169 -11.56 -14.51 10.32
C ARG C 169 -12.28 -13.16 10.30
N GLY C 170 -12.37 -12.56 9.12
CA GLY C 170 -12.99 -11.25 9.02
C GLY C 170 -14.20 -11.17 8.12
N PRO C 171 -15.40 -11.61 8.58
CA PRO C 171 -16.63 -11.57 7.80
C PRO C 171 -17.09 -10.17 7.47
N VAL C 172 -17.95 -10.06 6.47
CA VAL C 172 -18.54 -8.77 6.11
C VAL C 172 -20.06 -8.89 6.25
N VAL C 173 -20.66 -7.98 7.02
CA VAL C 173 -22.09 -7.92 7.21
C VAL C 173 -22.58 -6.55 6.75
N ARG C 174 -23.88 -6.45 6.47
CA ARG C 174 -24.44 -5.16 6.05
C ARG C 174 -25.69 -4.82 6.84
N LEU C 175 -25.87 -3.54 7.09
CA LEU C 175 -27.03 -3.03 7.77
C LEU C 175 -27.75 -2.16 6.75
N PRO C 176 -29.01 -1.81 7.02
CA PRO C 176 -29.71 -0.97 6.03
C PRO C 176 -29.08 0.40 5.78
N ARG C 177 -28.52 0.98 6.84
CA ARG C 177 -27.90 2.30 6.74
C ARG C 177 -26.60 2.34 7.55
N ALA C 178 -25.73 3.27 7.19
CA ALA C 178 -24.45 3.44 7.87
C ALA C 178 -24.66 3.78 9.34
N CYS C 179 -25.75 4.47 9.64
CA CYS C 179 -26.09 4.83 11.01
C CYS C 179 -26.34 3.58 11.84
N ASP C 180 -26.88 2.55 11.19
CA ASP C 180 -27.14 1.26 11.83
C ASP C 180 -25.85 0.48 12.05
N SER C 181 -25.02 0.40 11.01
CA SER C 181 -23.76 -0.31 11.14
C SER C 181 -22.90 0.36 12.22
N ALA C 182 -23.00 1.69 12.33
CA ALA C 182 -22.25 2.43 13.36
C ALA C 182 -22.74 2.00 14.74
N GLU C 183 -24.05 1.77 14.87
CA GLU C 183 -24.64 1.36 16.14
C GLU C 183 -24.14 -0.03 16.52
N VAL C 184 -24.01 -0.90 15.53
CA VAL C 184 -23.52 -2.25 15.77
C VAL C 184 -22.06 -2.21 16.22
N LYS C 185 -21.29 -1.31 15.61
CA LYS C 185 -19.88 -1.16 15.95
C LYS C 185 -19.74 -0.72 17.40
N ALA C 186 -20.56 0.25 17.81
CA ALA C 186 -20.53 0.78 19.18
C ALA C 186 -20.98 -0.31 20.16
N TRP C 187 -22.00 -1.07 19.78
CA TRP C 187 -22.49 -2.15 20.62
C TRP C 187 -21.39 -3.18 20.84
N LEU C 188 -20.69 -3.56 19.77
CA LEU C 188 -19.61 -4.56 19.83
C LEU C 188 -18.39 -4.08 20.62
N GLU C 189 -18.30 -2.78 20.85
CA GLU C 189 -17.16 -2.24 21.59
C GLU C 189 -17.43 -2.04 23.09
N THR C 190 -18.64 -2.34 23.52
CA THR C 190 -18.99 -2.25 24.94
C THR C 190 -18.53 -3.57 25.57
N SER C 191 -18.38 -3.60 26.89
CA SER C 191 -17.95 -4.82 27.58
C SER C 191 -19.09 -5.85 27.56
N GLU C 192 -20.32 -5.38 27.59
CA GLU C 192 -21.49 -6.24 27.58
C GLU C 192 -21.66 -6.94 26.24
N GLY C 193 -21.57 -6.17 25.15
CA GLY C 193 -21.71 -6.74 23.81
C GLY C 193 -20.63 -7.76 23.50
N PHE C 194 -19.39 -7.44 23.87
CA PHE C 194 -18.27 -8.33 23.63
C PHE C 194 -18.40 -9.66 24.37
N ALA C 195 -18.79 -9.60 25.65
CA ALA C 195 -18.96 -10.81 26.47
C ALA C 195 -19.98 -11.76 25.83
N VAL C 196 -21.11 -11.23 25.37
CA VAL C 196 -22.09 -12.10 24.77
C VAL C 196 -21.52 -12.71 23.50
N ILE C 197 -20.79 -11.91 22.71
CA ILE C 197 -20.19 -12.42 21.50
C ILE C 197 -19.15 -13.48 21.82
N LYS C 198 -18.30 -13.20 22.81
CA LYS C 198 -17.27 -14.15 23.22
C LYS C 198 -17.92 -15.45 23.67
N GLU C 199 -19.02 -15.31 24.42
CA GLU C 199 -19.76 -16.46 24.92
C GLU C 199 -20.21 -17.38 23.80
N ALA C 200 -20.90 -16.83 22.80
CA ALA C 200 -21.38 -17.63 21.69
C ALA C 200 -20.22 -18.22 20.86
N PHE C 201 -19.14 -17.44 20.73
CA PHE C 201 -17.96 -17.85 19.97
C PHE C 201 -17.24 -19.03 20.65
N ASP C 202 -16.95 -18.87 21.93
CA ASP C 202 -16.23 -19.86 22.71
C ASP C 202 -16.94 -21.21 22.90
N SER C 203 -18.27 -21.21 22.78
CA SER C 203 -19.08 -22.41 22.95
C SER C 203 -18.97 -23.44 21.84
N THR C 204 -18.29 -23.11 20.74
CA THR C 204 -18.16 -24.05 19.63
C THR C 204 -16.95 -24.97 19.79
N SER C 205 -16.01 -24.61 20.65
CA SER C 205 -14.81 -25.40 20.81
C SER C 205 -14.13 -25.25 22.17
N ARG C 206 -13.33 -26.24 22.52
CA ARG C 206 -12.58 -26.26 23.78
C ARG C 206 -11.43 -25.24 23.73
N PHE C 207 -10.81 -25.11 22.55
CA PHE C 207 -9.68 -24.20 22.38
C PHE C 207 -10.03 -22.80 21.86
N ALA C 208 -11.27 -22.63 21.40
CA ALA C 208 -11.72 -21.35 20.87
C ALA C 208 -11.93 -20.30 21.95
N ARG C 209 -10.96 -19.42 22.11
CA ARG C 209 -11.07 -18.35 23.11
C ARG C 209 -10.88 -16.96 22.48
N LEU C 210 -12.00 -16.32 22.14
CA LEU C 210 -12.00 -15.00 21.52
C LEU C 210 -11.17 -13.97 22.33
N GLN C 211 -10.17 -13.40 21.68
CA GLN C 211 -9.28 -12.43 22.33
C GLN C 211 -9.76 -11.00 22.18
N LYS C 212 -10.13 -10.66 20.96
CA LYS C 212 -10.54 -9.30 20.68
C LYS C 212 -11.26 -9.16 19.34
N LEU C 213 -11.80 -7.96 19.15
CA LEU C 213 -12.52 -7.62 17.95
C LEU C 213 -12.05 -6.30 17.38
N HIS C 214 -11.71 -6.30 16.10
CA HIS C 214 -11.36 -5.08 15.42
C HIS C 214 -12.42 -4.96 14.35
N THR C 215 -13.21 -3.91 14.46
CA THR C 215 -14.29 -3.67 13.51
C THR C 215 -13.93 -2.50 12.63
N SER C 216 -14.46 -2.51 11.41
CA SER C 216 -14.19 -1.43 10.49
C SER C 216 -15.43 -1.20 9.64
N ILE C 217 -15.77 0.07 9.47
CA ILE C 217 -16.93 0.45 8.69
C ILE C 217 -16.63 1.03 7.31
N ALA C 218 -17.46 0.67 6.34
CA ALA C 218 -17.40 1.20 4.99
C ALA C 218 -18.87 1.47 4.64
N GLY C 219 -19.37 2.65 4.99
CA GLY C 219 -20.76 2.97 4.73
C GLY C 219 -21.64 2.05 5.55
N ARG C 220 -22.58 1.36 4.89
CA ARG C 220 -23.45 0.43 5.62
C ARG C 220 -22.85 -0.96 5.83
N ASN C 221 -21.64 -1.18 5.31
CA ASN C 221 -20.95 -2.45 5.51
C ASN C 221 -20.17 -2.41 6.82
N LEU C 222 -20.04 -3.57 7.46
CA LEU C 222 -19.28 -3.69 8.70
C LEU C 222 -18.41 -4.93 8.59
N TYR C 223 -17.11 -4.74 8.74
CA TYR C 223 -16.15 -5.83 8.68
C TYR C 223 -15.72 -6.10 10.12
N ILE C 224 -15.83 -7.35 10.55
CA ILE C 224 -15.49 -7.71 11.92
C ILE C 224 -14.38 -8.73 11.92
N ARG C 225 -13.25 -8.35 12.50
CA ARG C 225 -12.10 -9.24 12.57
C ARG C 225 -12.11 -9.99 13.90
N PHE C 226 -12.47 -11.27 13.86
CA PHE C 226 -12.48 -12.10 15.07
C PHE C 226 -11.08 -12.69 15.25
N GLN C 227 -10.51 -12.58 16.44
CA GLN C 227 -9.18 -13.14 16.70
C GLN C 227 -9.24 -14.08 17.91
N SER C 228 -8.69 -15.28 17.73
CA SER C 228 -8.74 -16.27 18.79
C SER C 228 -7.61 -17.27 18.74
N ARG C 229 -7.26 -17.80 19.91
CA ARG C 229 -6.22 -18.83 20.02
C ARG C 229 -6.90 -20.11 19.51
N SER C 230 -6.12 -21.13 19.22
CA SER C 230 -6.68 -22.36 18.68
C SER C 230 -5.86 -23.58 19.05
N GLY C 231 -5.31 -23.59 20.26
CA GLY C 231 -4.48 -24.70 20.69
C GLY C 231 -3.31 -24.82 19.75
N ASP C 232 -3.01 -26.04 19.32
CA ASP C 232 -1.91 -26.28 18.40
C ASP C 232 -2.33 -26.30 16.94
N ALA C 233 -3.61 -26.03 16.69
CA ALA C 233 -4.13 -26.02 15.33
C ALA C 233 -3.90 -24.65 14.65
N MET C 234 -3.75 -24.65 13.33
CA MET C 234 -3.58 -23.39 12.59
C MET C 234 -4.84 -22.60 12.90
N GLY C 235 -5.97 -23.30 13.01
CA GLY C 235 -7.21 -22.66 13.41
C GLY C 235 -8.27 -22.15 12.49
N MET C 236 -8.09 -22.22 11.17
CA MET C 236 -9.11 -21.72 10.24
C MET C 236 -10.51 -22.26 10.47
N ASN C 237 -10.68 -23.59 10.40
CA ASN C 237 -12.00 -24.22 10.59
C ASN C 237 -12.60 -23.89 11.95
N MET C 238 -11.77 -23.94 12.98
CA MET C 238 -12.20 -23.66 14.34
C MET C 238 -12.68 -22.21 14.49
N ILE C 239 -11.87 -21.24 14.06
CA ILE C 239 -12.26 -19.83 14.15
C ILE C 239 -13.49 -19.54 13.27
N SER C 240 -13.62 -20.25 12.15
CA SER C 240 -14.76 -20.07 11.25
C SER C 240 -16.05 -20.50 11.93
N LYS C 241 -16.01 -21.67 12.57
CA LYS C 241 -17.17 -22.22 13.29
C LYS C 241 -17.57 -21.22 14.36
N GLY C 242 -16.59 -20.77 15.14
CA GLY C 242 -16.86 -19.78 16.18
C GLY C 242 -17.47 -18.51 15.62
N THR C 243 -16.94 -18.04 14.49
CA THR C 243 -17.43 -16.82 13.85
C THR C 243 -18.89 -16.93 13.41
N GLU C 244 -19.26 -18.08 12.84
CA GLU C 244 -20.65 -18.30 12.41
C GLU C 244 -21.64 -18.26 13.57
N LYS C 245 -21.29 -18.88 14.69
CA LYS C 245 -22.20 -18.88 15.84
C LYS C 245 -22.28 -17.48 16.44
N ALA C 246 -21.15 -16.77 16.46
CA ALA C 246 -21.12 -15.41 16.97
C ALA C 246 -21.99 -14.51 16.09
N LEU C 247 -21.89 -14.68 14.77
CA LEU C 247 -22.68 -13.86 13.86
C LEU C 247 -24.17 -14.17 14.00
N SER C 248 -24.48 -15.43 14.33
CA SER C 248 -25.87 -15.85 14.54
C SER C 248 -26.37 -15.13 15.79
N LYS C 249 -25.56 -15.15 16.85
CA LYS C 249 -25.91 -14.47 18.09
C LYS C 249 -26.06 -12.96 17.84
N LEU C 250 -25.17 -12.37 17.04
CA LEU C 250 -25.23 -10.93 16.75
C LEU C 250 -26.55 -10.60 16.04
N HIS C 251 -26.98 -11.52 15.18
CA HIS C 251 -28.22 -11.33 14.43
C HIS C 251 -29.49 -11.33 15.28
N GLU C 252 -29.41 -11.82 16.51
CA GLU C 252 -30.56 -11.85 17.42
C GLU C 252 -30.77 -10.46 18.03
N TYR C 253 -29.68 -9.69 18.14
CA TYR C 253 -29.76 -8.33 18.66
C TYR C 253 -30.03 -7.36 17.52
N PHE C 254 -29.58 -7.70 16.32
CA PHE C 254 -29.77 -6.86 15.14
C PHE C 254 -30.35 -7.69 14.01
N PRO C 255 -31.66 -7.95 14.06
CA PRO C 255 -32.37 -8.73 13.05
C PRO C 255 -32.28 -8.20 11.63
N GLU C 256 -32.06 -6.89 11.48
CA GLU C 256 -31.95 -6.32 10.14
C GLU C 256 -30.58 -6.55 9.48
N MET C 257 -29.64 -7.10 10.23
CA MET C 257 -28.30 -7.37 9.74
C MET C 257 -28.23 -8.53 8.75
N GLN C 258 -27.61 -8.28 7.61
CA GLN C 258 -27.44 -9.31 6.59
C GLN C 258 -25.99 -9.81 6.63
N ILE C 259 -25.81 -11.12 6.75
CA ILE C 259 -24.49 -11.71 6.75
C ILE C 259 -24.16 -11.96 5.29
N LEU C 260 -23.33 -11.07 4.72
CA LEU C 260 -22.97 -11.16 3.31
C LEU C 260 -21.99 -12.29 2.98
N ALA C 261 -20.98 -12.49 3.83
CA ALA C 261 -20.00 -13.54 3.60
C ALA C 261 -19.21 -13.78 4.87
N VAL C 262 -19.03 -15.06 5.23
CA VAL C 262 -18.30 -15.41 6.45
C VAL C 262 -16.86 -14.87 6.38
N SER C 263 -16.37 -14.65 5.16
CA SER C 263 -15.06 -14.03 4.96
C SER C 263 -15.23 -12.85 4.02
N GLY C 264 -14.99 -11.65 4.54
CA GLY C 264 -15.07 -10.44 3.75
C GLY C 264 -13.67 -9.92 3.38
N ASN C 265 -12.68 -10.80 3.39
CA ASN C 265 -11.28 -10.46 3.06
C ASN C 265 -10.63 -9.51 4.08
N TYR C 266 -11.23 -9.43 5.26
CA TYR C 266 -10.69 -8.58 6.30
C TYR C 266 -9.89 -9.40 7.31
N CYS C 267 -9.70 -10.69 7.02
CA CYS C 267 -8.97 -11.58 7.92
C CYS C 267 -7.48 -11.17 8.13
N THR C 268 -6.64 -11.13 7.08
CA THR C 268 -6.97 -11.46 5.70
C THR C 268 -6.24 -12.77 5.42
N ASP C 269 -6.92 -13.70 4.78
CA ASP C 269 -6.33 -15.00 4.48
C ASP C 269 -5.85 -15.18 3.04
N LYS C 270 -4.57 -15.54 2.91
CA LYS C 270 -3.94 -15.83 1.62
C LYS C 270 -3.87 -14.73 0.55
N LYS C 271 -3.98 -13.48 0.96
CA LYS C 271 -3.82 -12.33 0.06
C LYS C 271 -2.96 -11.34 0.84
N PRO C 272 -2.09 -10.59 0.16
CA PRO C 272 -1.25 -9.61 0.87
C PRO C 272 -2.15 -8.53 1.49
N ALA C 273 -1.88 -8.14 2.73
CA ALA C 273 -2.70 -7.13 3.38
C ALA C 273 -1.97 -6.42 4.50
N ALA C 274 -2.06 -5.09 4.52
CA ALA C 274 -1.41 -4.32 5.56
C ALA C 274 -1.95 -4.67 6.94
N ILE C 275 -3.21 -5.12 7.02
CA ILE C 275 -3.79 -5.46 8.31
C ILE C 275 -3.06 -6.62 9.03
N ASN C 276 -2.56 -7.60 8.27
CA ASN C 276 -1.83 -8.71 8.86
C ASN C 276 -0.46 -8.24 9.35
N TRP C 277 0.14 -7.31 8.60
CA TRP C 277 1.45 -6.75 8.91
C TRP C 277 1.41 -5.90 10.18
N ILE C 278 0.38 -5.08 10.30
CA ILE C 278 0.21 -4.17 11.42
C ILE C 278 -0.40 -4.76 12.69
N GLU C 279 -1.38 -5.66 12.53
CA GLU C 279 -2.03 -6.24 13.69
C GLU C 279 -1.66 -7.69 13.98
N GLY C 280 -0.90 -8.30 13.08
CA GLY C 280 -0.52 -9.69 13.24
C GLY C 280 -1.64 -10.65 12.87
N ARG C 281 -1.29 -11.89 12.63
CA ARG C 281 -2.27 -12.93 12.32
C ARG C 281 -1.56 -14.24 12.62
N GLY C 282 -2.20 -15.12 13.39
CA GLY C 282 -1.52 -16.37 13.76
C GLY C 282 -0.48 -16.01 14.80
N LYS C 283 0.76 -16.39 14.56
CA LYS C 283 1.84 -16.10 15.49
C LYS C 283 2.81 -14.98 15.09
N SER C 284 2.99 -13.98 15.96
CA SER C 284 3.95 -12.89 15.72
C SER C 284 5.20 -13.33 16.45
N VAL C 285 6.33 -13.34 15.75
CA VAL C 285 7.57 -13.81 16.31
C VAL C 285 8.75 -12.92 15.99
N VAL C 286 9.73 -12.90 16.89
CA VAL C 286 10.95 -12.14 16.69
C VAL C 286 12.12 -13.05 17.10
N CYS C 287 13.22 -13.01 16.36
CA CYS C 287 14.39 -13.77 16.76
C CYS C 287 15.61 -12.91 16.46
N GLU C 288 16.71 -13.18 17.16
CA GLU C 288 17.94 -12.37 17.04
C GLU C 288 19.18 -13.22 17.31
N ALA C 289 20.33 -12.69 16.89
CA ALA C 289 21.61 -13.35 17.11
C ALA C 289 22.74 -12.35 16.82
N VAL C 290 23.92 -12.63 17.38
CA VAL C 290 25.09 -11.78 17.12
C VAL C 290 26.15 -12.70 16.52
N ILE C 291 26.67 -12.30 15.37
CA ILE C 291 27.69 -13.10 14.71
C ILE C 291 29.04 -12.41 14.84
N PRO C 292 30.01 -13.08 15.51
CA PRO C 292 31.36 -12.57 15.74
C PRO C 292 32.02 -12.21 14.42
N ALA C 293 32.75 -11.10 14.40
CA ALA C 293 33.43 -10.64 13.19
C ALA C 293 34.21 -11.74 12.48
N LYS C 294 34.91 -12.58 13.25
CA LYS C 294 35.69 -13.67 12.67
C LYS C 294 34.79 -14.65 11.92
N VAL C 295 33.62 -14.95 12.49
CA VAL C 295 32.68 -15.87 11.84
C VAL C 295 32.12 -15.27 10.55
N VAL C 296 31.86 -13.97 10.57
CA VAL C 296 31.34 -13.28 9.38
C VAL C 296 32.38 -13.36 8.29
N ARG C 297 33.65 -13.23 8.70
CA ARG C 297 34.79 -13.28 7.80
C ARG C 297 35.03 -14.68 7.22
N GLU C 298 35.10 -15.68 8.09
CA GLU C 298 35.41 -17.06 7.69
C GLU C 298 34.28 -17.95 7.20
N VAL C 299 33.10 -17.82 7.79
CA VAL C 299 31.98 -18.63 7.36
C VAL C 299 31.18 -17.93 6.26
N LEU C 300 30.91 -16.64 6.45
CA LEU C 300 30.10 -15.85 5.51
C LEU C 300 30.87 -15.13 4.39
N LYS C 301 32.21 -15.17 4.47
CA LYS C 301 33.07 -14.59 3.44
C LYS C 301 32.86 -13.10 3.14
N THR C 302 32.58 -12.33 4.17
CA THR C 302 32.32 -10.90 3.99
C THR C 302 32.59 -10.19 5.32
N THR C 303 32.21 -8.92 5.40
CA THR C 303 32.39 -8.13 6.63
C THR C 303 31.06 -7.65 7.18
N THR C 304 31.05 -7.29 8.46
CA THR C 304 29.86 -6.78 9.09
C THR C 304 29.41 -5.49 8.41
N GLU C 305 30.36 -4.63 8.06
CA GLU C 305 30.06 -3.36 7.40
C GLU C 305 29.35 -3.57 6.05
N ALA C 306 29.87 -4.49 5.24
CA ALA C 306 29.29 -4.77 3.93
C ALA C 306 27.87 -5.35 4.07
N MET C 307 27.66 -6.25 5.03
CA MET C 307 26.35 -6.86 5.28
C MET C 307 25.33 -5.77 5.63
N ILE C 308 25.71 -4.88 6.54
CA ILE C 308 24.82 -3.81 6.97
C ILE C 308 24.42 -2.89 5.82
N GLU C 309 25.37 -2.54 4.98
CA GLU C 309 25.13 -1.68 3.84
C GLU C 309 24.18 -2.34 2.83
N VAL C 310 24.29 -3.66 2.67
CA VAL C 310 23.42 -4.36 1.75
C VAL C 310 22.03 -4.47 2.35
N ASN C 311 21.95 -4.73 3.66
CA ASN C 311 20.66 -4.86 4.29
C ASN C 311 19.83 -3.58 4.23
N ILE C 312 20.47 -2.46 4.54
CA ILE C 312 19.79 -1.19 4.53
C ILE C 312 19.32 -0.79 3.14
N ASN C 313 20.21 -0.94 2.16
CA ASN C 313 19.89 -0.55 0.81
C ASN C 313 19.04 -1.48 -0.04
N LYS C 314 18.96 -2.74 0.36
CA LYS C 314 18.16 -3.75 -0.32
C LYS C 314 16.86 -3.98 0.45
N ASN C 315 16.97 -4.46 1.69
CA ASN C 315 15.80 -4.79 2.49
C ASN C 315 14.98 -3.64 3.04
N LEU C 316 15.58 -2.44 3.13
CA LEU C 316 14.83 -1.30 3.59
C LEU C 316 14.53 -0.35 2.43
N VAL C 317 15.57 0.26 1.86
CA VAL C 317 15.39 1.21 0.78
C VAL C 317 14.85 0.58 -0.51
N GLY C 318 15.40 -0.55 -0.92
CA GLY C 318 14.94 -1.22 -2.12
C GLY C 318 13.49 -1.64 -2.01
N SER C 319 13.12 -2.27 -0.90
CA SER C 319 11.74 -2.68 -0.69
C SER C 319 10.82 -1.47 -0.65
N ALA C 320 11.34 -0.35 -0.14
CA ALA C 320 10.55 0.87 -0.08
C ALA C 320 10.34 1.45 -1.48
N MET C 321 11.37 1.41 -2.32
CA MET C 321 11.26 1.93 -3.68
C MET C 321 10.30 1.03 -4.51
N ALA C 322 10.22 -0.25 -4.15
CA ALA C 322 9.37 -1.20 -4.85
C ALA C 322 7.89 -1.09 -4.42
N GLY C 323 7.62 -0.29 -3.39
CA GLY C 323 6.26 -0.17 -2.88
C GLY C 323 5.81 -1.42 -2.13
N SER C 324 6.70 -1.97 -1.31
CA SER C 324 6.38 -3.15 -0.53
C SER C 324 5.68 -2.90 0.79
N ILE C 325 4.75 -3.77 1.14
CA ILE C 325 4.10 -3.70 2.44
C ILE C 325 4.46 -5.04 3.05
N GLY C 326 5.35 -5.05 4.05
CA GLY C 326 5.73 -6.29 4.70
C GLY C 326 6.84 -7.13 4.09
N GLY C 327 7.43 -6.66 2.98
CA GLY C 327 8.47 -7.44 2.33
C GLY C 327 9.87 -6.86 2.51
N TYR C 328 10.21 -6.51 3.74
CA TYR C 328 11.53 -5.93 4.08
C TYR C 328 12.54 -7.02 4.46
N ASN C 329 12.74 -7.96 3.54
CA ASN C 329 13.62 -9.09 3.76
C ASN C 329 14.14 -9.58 2.41
N ALA C 330 15.07 -10.52 2.44
CA ALA C 330 15.65 -11.01 1.22
C ALA C 330 14.91 -12.21 0.63
N HIS C 331 14.66 -13.23 1.46
CA HIS C 331 13.97 -14.40 0.96
C HIS C 331 13.30 -15.26 2.00
N ALA C 332 12.63 -14.61 2.94
CA ALA C 332 11.91 -15.36 3.98
C ALA C 332 10.96 -16.38 3.37
N ALA C 333 10.34 -16.02 2.24
CA ALA C 333 9.40 -16.93 1.57
C ALA C 333 10.05 -18.28 1.18
N ASN C 334 11.32 -18.28 0.79
CA ASN C 334 12.00 -19.53 0.45
C ASN C 334 12.02 -20.50 1.64
N ILE C 335 12.35 -19.99 2.82
CA ILE C 335 12.42 -20.80 4.04
C ILE C 335 11.03 -21.18 4.49
N VAL C 336 10.12 -20.21 4.55
CA VAL C 336 8.76 -20.51 4.98
C VAL C 336 8.11 -21.60 4.11
N THR C 337 8.29 -21.47 2.79
CA THR C 337 7.69 -22.43 1.87
C THR C 337 8.26 -23.84 2.02
N ALA C 338 9.57 -23.94 2.11
CA ALA C 338 10.23 -25.23 2.23
C ALA C 338 9.86 -25.95 3.52
N ILE C 339 9.78 -25.23 4.64
CA ILE C 339 9.40 -25.85 5.90
C ILE C 339 7.91 -26.22 5.89
N TYR C 340 7.08 -25.33 5.34
CA TYR C 340 5.65 -25.56 5.27
C TYR C 340 5.29 -26.84 4.50
N ILE C 341 5.94 -27.04 3.35
CA ILE C 341 5.65 -28.23 2.54
C ILE C 341 6.10 -29.51 3.26
N ALA C 342 7.27 -29.46 3.90
CA ALA C 342 7.79 -30.62 4.60
C ALA C 342 7.00 -30.97 5.85
N CYS C 343 6.41 -29.96 6.49
CA CYS C 343 5.66 -30.16 7.72
C CYS C 343 4.14 -30.20 7.64
N GLY C 344 3.61 -30.35 6.43
CA GLY C 344 2.15 -30.43 6.28
C GLY C 344 1.36 -29.16 6.54
N GLN C 345 2.00 -28.00 6.38
CA GLN C 345 1.29 -26.74 6.57
C GLN C 345 0.56 -26.39 5.27
N ASP C 346 -0.22 -25.33 5.30
CA ASP C 346 -0.93 -24.88 4.12
C ASP C 346 0.05 -23.94 3.40
N ALA C 347 0.68 -24.44 2.34
CA ALA C 347 1.67 -23.67 1.59
C ALA C 347 1.15 -22.37 0.97
N ALA C 348 -0.14 -22.29 0.69
CA ALA C 348 -0.71 -21.06 0.13
C ALA C 348 -0.64 -19.93 1.16
N GLN C 349 -0.53 -20.28 2.45
CA GLN C 349 -0.43 -19.26 3.48
C GLN C 349 0.97 -18.63 3.56
N ASN C 350 1.80 -19.04 2.63
CA ASN C 350 3.14 -18.49 2.51
C ASN C 350 3.02 -17.00 2.13
N VAL C 351 1.88 -16.63 1.53
CA VAL C 351 1.65 -15.25 1.13
C VAL C 351 1.81 -14.27 2.31
N GLY C 352 1.07 -14.50 3.39
CA GLY C 352 1.21 -13.63 4.55
C GLY C 352 2.22 -14.14 5.57
N SER C 353 2.40 -15.45 5.66
CA SER C 353 3.35 -16.03 6.62
C SER C 353 4.78 -15.57 6.45
N SER C 354 5.14 -15.23 5.22
CA SER C 354 6.46 -14.75 4.83
C SER C 354 6.73 -13.28 5.17
N ASN C 355 5.74 -12.54 5.66
CA ASN C 355 5.97 -11.13 6.02
C ASN C 355 7.17 -11.09 6.99
N CYS C 356 8.11 -10.19 6.74
CA CYS C 356 9.28 -10.14 7.58
C CYS C 356 10.12 -8.90 7.38
N ILE C 357 10.62 -8.35 8.48
CA ILE C 357 11.55 -7.24 8.41
C ILE C 357 12.88 -7.74 9.02
N THR C 358 13.91 -7.75 8.18
CA THR C 358 15.25 -8.18 8.58
C THR C 358 16.11 -6.96 8.90
N LEU C 359 16.63 -6.88 10.13
CA LEU C 359 17.48 -5.75 10.53
C LEU C 359 18.89 -6.18 10.92
N MET C 360 19.88 -5.40 10.49
CA MET C 360 21.28 -5.68 10.79
C MET C 360 22.01 -4.45 11.33
N GLU C 361 22.84 -4.63 12.36
CA GLU C 361 23.62 -3.50 12.89
C GLU C 361 24.93 -3.91 13.57
N ALA C 362 25.86 -2.95 13.64
CA ALA C 362 27.17 -3.17 14.26
C ALA C 362 27.00 -3.39 15.75
N SER C 363 27.71 -4.39 16.26
CA SER C 363 27.65 -4.74 17.67
C SER C 363 29.05 -5.04 18.23
N GLY C 364 29.14 -5.17 19.54
CA GLY C 364 30.40 -5.48 20.19
C GLY C 364 31.29 -4.32 20.62
N PRO C 365 32.43 -4.63 21.28
CA PRO C 365 33.43 -3.68 21.79
C PRO C 365 33.97 -2.75 20.70
N THR C 366 34.32 -3.32 19.55
CA THR C 366 34.86 -2.56 18.42
C THR C 366 33.86 -2.31 17.28
N ASN C 367 32.58 -2.61 17.51
CA ASN C 367 31.55 -2.45 16.49
C ASN C 367 31.91 -3.25 15.23
N GLU C 368 32.44 -4.45 15.42
CA GLU C 368 32.81 -5.31 14.29
C GLU C 368 31.95 -6.57 14.21
N ASP C 369 31.16 -6.82 15.25
CA ASP C 369 30.28 -7.98 15.28
C ASP C 369 28.93 -7.62 14.66
N LEU C 370 28.29 -8.60 14.01
CA LEU C 370 27.02 -8.38 13.34
C LEU C 370 25.79 -8.76 14.15
N TYR C 371 24.99 -7.77 14.53
CA TYR C 371 23.73 -8.06 15.21
C TYR C 371 22.66 -8.21 14.11
N ILE C 372 21.81 -9.23 14.25
CA ILE C 372 20.75 -9.47 13.27
C ILE C 372 19.46 -9.88 13.92
N SER C 373 18.36 -9.36 13.40
CA SER C 373 17.05 -9.72 13.90
C SER C 373 16.03 -9.85 12.74
N CYS C 374 15.09 -10.78 12.92
CA CYS C 374 14.02 -10.99 11.95
C CYS C 374 12.73 -10.93 12.75
N THR C 375 11.80 -10.10 12.30
CA THR C 375 10.50 -9.96 12.94
C THR C 375 9.44 -10.38 11.92
N MET C 376 8.65 -11.36 12.30
CA MET C 376 7.61 -11.95 11.47
C MET C 376 6.31 -11.92 12.25
N PRO C 377 5.45 -10.94 11.94
CA PRO C 377 4.18 -10.75 12.62
C PRO C 377 2.99 -11.62 12.26
N SER C 378 3.14 -12.47 11.26
CA SER C 378 1.98 -13.23 10.84
C SER C 378 2.23 -14.63 10.31
N ILE C 379 2.87 -15.46 11.15
CA ILE C 379 3.16 -16.85 10.81
C ILE C 379 1.91 -17.69 11.09
N GLU C 380 1.26 -18.14 10.03
CA GLU C 380 0.04 -18.97 10.11
C GLU C 380 0.53 -20.41 10.09
N ILE C 381 0.40 -21.08 11.23
CA ILE C 381 0.96 -22.41 11.36
C ILE C 381 0.24 -23.27 12.39
N GLY C 382 0.48 -24.58 12.31
CA GLY C 382 -0.16 -25.53 13.22
C GLY C 382 0.53 -26.88 13.23
N THR C 383 0.32 -27.65 14.30
CA THR C 383 0.93 -28.97 14.41
C THR C 383 -0.10 -30.08 14.52
N VAL C 384 -1.37 -29.72 14.34
CA VAL C 384 -2.50 -30.65 14.38
C VAL C 384 -3.46 -30.27 13.25
N GLY C 385 -4.05 -31.25 12.59
CA GLY C 385 -5.01 -30.98 11.54
C GLY C 385 -4.45 -30.78 10.14
N GLY C 386 -5.34 -30.85 9.16
CA GLY C 386 -4.96 -30.69 7.77
C GLY C 386 -3.89 -31.67 7.35
N GLY C 387 -2.88 -31.17 6.64
CA GLY C 387 -1.79 -32.00 6.17
C GLY C 387 -0.90 -32.55 7.26
N THR C 388 -1.02 -32.04 8.49
CA THR C 388 -0.20 -32.57 9.58
C THR C 388 -0.75 -33.90 10.06
N ASN C 389 -1.89 -34.32 9.52
CA ASN C 389 -2.50 -35.60 9.87
C ASN C 389 -1.83 -36.74 9.09
N LEU C 390 -1.07 -36.40 8.05
CA LEU C 390 -0.42 -37.42 7.23
C LEU C 390 0.92 -37.86 7.84
N LEU C 391 1.22 -39.16 7.73
CA LEU C 391 2.43 -39.72 8.31
C LEU C 391 3.78 -39.14 7.87
N PRO C 392 4.01 -38.97 6.56
CA PRO C 392 5.29 -38.40 6.16
C PRO C 392 5.51 -36.98 6.72
N GLN C 393 4.47 -36.16 6.74
CA GLN C 393 4.63 -34.82 7.30
C GLN C 393 4.78 -34.87 8.83
N GLN C 394 4.12 -35.84 9.48
CA GLN C 394 4.24 -36.00 10.94
C GLN C 394 5.69 -36.36 11.27
N ALA C 395 6.34 -37.08 10.36
CA ALA C 395 7.73 -37.47 10.55
C ALA C 395 8.62 -36.23 10.62
N CYS C 396 8.40 -35.28 9.72
CA CYS C 396 9.18 -34.04 9.72
C CYS C 396 8.87 -33.22 10.97
N LEU C 397 7.62 -33.25 11.43
CA LEU C 397 7.25 -32.53 12.64
C LEU C 397 7.93 -33.20 13.87
N GLN C 398 7.98 -34.54 13.87
CA GLN C 398 8.60 -35.29 14.96
C GLN C 398 10.08 -34.97 15.01
N MET C 399 10.70 -34.83 13.85
CA MET C 399 12.12 -34.46 13.76
C MET C 399 12.40 -33.22 14.60
N LEU C 400 11.42 -32.32 14.66
CA LEU C 400 11.53 -31.07 15.41
C LEU C 400 10.96 -31.17 16.81
N GLY C 401 10.31 -32.29 17.11
CA GLY C 401 9.73 -32.49 18.42
C GLY C 401 8.47 -31.70 18.68
N VAL C 402 7.72 -31.41 17.62
CA VAL C 402 6.50 -30.62 17.76
C VAL C 402 5.25 -31.25 17.15
N GLN C 403 5.30 -32.55 16.83
CA GLN C 403 4.16 -33.22 16.22
C GLN C 403 2.95 -33.35 17.13
N GLY C 404 1.79 -33.06 16.57
CA GLY C 404 0.53 -33.17 17.31
C GLY C 404 0.33 -32.18 18.43
N ALA C 405 -0.70 -32.43 19.23
CA ALA C 405 -1.06 -31.58 20.35
C ALA C 405 -0.15 -31.68 21.56
N CYS C 406 0.01 -30.56 22.24
CA CYS C 406 0.80 -30.48 23.47
C CYS C 406 -0.25 -30.52 24.57
N LYS C 407 -0.45 -31.72 25.12
CA LYS C 407 -1.44 -32.01 26.18
C LYS C 407 -1.40 -31.11 27.42
N ASP C 408 -0.21 -30.93 28.00
CA ASP C 408 -0.03 -30.13 29.21
C ASP C 408 0.14 -28.62 29.03
N ASN C 409 0.25 -28.18 27.78
CA ASN C 409 0.39 -26.76 27.46
C ASN C 409 -0.07 -26.52 26.02
N PRO C 410 -1.39 -26.66 25.78
CA PRO C 410 -2.00 -26.48 24.45
C PRO C 410 -1.51 -25.24 23.71
N GLY C 411 -1.01 -25.46 22.50
CA GLY C 411 -0.48 -24.38 21.68
C GLY C 411 1.02 -24.29 21.66
N GLU C 412 1.66 -24.91 22.65
CA GLU C 412 3.12 -24.85 22.75
C GLU C 412 3.89 -25.47 21.58
N ASN C 413 3.34 -26.52 20.97
CA ASN C 413 4.01 -27.16 19.84
C ASN C 413 3.97 -26.21 18.64
N ALA C 414 2.81 -25.60 18.40
CA ALA C 414 2.63 -24.64 17.30
C ALA C 414 3.51 -23.40 17.53
N ARG C 415 3.60 -22.94 18.77
CA ARG C 415 4.44 -21.79 19.09
C ARG C 415 5.90 -22.13 18.84
N GLN C 416 6.29 -23.33 19.23
CA GLN C 416 7.67 -23.78 19.05
C GLN C 416 7.99 -23.87 17.56
N LEU C 417 7.05 -24.37 16.76
CA LEU C 417 7.26 -24.47 15.31
C LEU C 417 7.44 -23.07 14.68
N ALA C 418 6.66 -22.10 15.13
CA ALA C 418 6.74 -20.72 14.62
C ALA C 418 8.10 -20.11 14.95
N ARG C 419 8.63 -20.41 16.15
CA ARG C 419 9.95 -19.91 16.55
C ARG C 419 11.03 -20.52 15.67
N ILE C 420 10.91 -21.81 15.39
CA ILE C 420 11.88 -22.49 14.51
C ILE C 420 11.88 -21.88 13.10
N VAL C 421 10.68 -21.57 12.60
CA VAL C 421 10.53 -20.96 11.29
C VAL C 421 11.21 -19.60 11.27
N CYS C 422 10.93 -18.79 12.29
CA CYS C 422 11.56 -17.47 12.34
C CYS C 422 13.09 -17.58 12.45
N GLY C 423 13.56 -18.57 13.21
CA GLY C 423 14.99 -18.79 13.37
C GLY C 423 15.66 -19.27 12.08
N THR C 424 14.99 -20.16 11.37
CA THR C 424 15.52 -20.68 10.10
C THR C 424 15.53 -19.57 9.04
N VAL C 425 14.52 -18.69 9.07
CA VAL C 425 14.44 -17.56 8.16
C VAL C 425 15.66 -16.66 8.41
N MET C 426 15.97 -16.38 9.68
CA MET C 426 17.12 -15.55 10.00
C MET C 426 18.42 -16.21 9.47
N ALA C 427 18.53 -17.53 9.61
CA ALA C 427 19.69 -18.25 9.09
C ALA C 427 19.76 -18.07 7.57
N GLY C 428 18.60 -18.16 6.91
CA GLY C 428 18.56 -17.98 5.46
C GLY C 428 18.90 -16.57 5.04
N GLU C 429 18.44 -15.59 5.82
CA GLU C 429 18.72 -14.19 5.54
C GLU C 429 20.23 -13.91 5.67
N LEU C 430 20.83 -14.42 6.72
CA LEU C 430 22.27 -14.22 6.96
C LEU C 430 23.11 -14.70 5.79
N SER C 431 22.84 -15.93 5.36
CA SER C 431 23.61 -16.53 4.28
C SER C 431 23.43 -15.86 2.92
N LEU C 432 22.19 -15.66 2.49
CA LEU C 432 21.97 -15.01 1.20
C LEU C 432 22.50 -13.58 1.22
N MET C 433 22.29 -12.86 2.31
CA MET C 433 22.78 -11.48 2.38
C MET C 433 24.31 -11.44 2.26
N ALA C 434 25.00 -12.40 2.87
CA ALA C 434 26.46 -12.47 2.81
C ALA C 434 26.88 -12.73 1.36
N ALA C 435 26.19 -13.65 0.69
CA ALA C 435 26.51 -13.97 -0.70
C ALA C 435 26.30 -12.78 -1.62
N LEU C 436 25.26 -11.99 -1.35
CA LEU C 436 24.99 -10.80 -2.16
C LEU C 436 26.07 -9.74 -1.86
N ALA C 437 26.43 -9.63 -0.58
CA ALA C 437 27.44 -8.66 -0.13
C ALA C 437 28.83 -8.98 -0.66
N ALA C 438 29.16 -10.26 -0.73
CA ALA C 438 30.46 -10.71 -1.20
C ALA C 438 30.67 -10.58 -2.70
N GLY C 439 29.68 -11.02 -3.47
CA GLY C 439 29.77 -10.98 -4.93
C GLY C 439 30.35 -12.27 -5.49
N SER D 42 30.74 -51.25 4.05
CA SER D 42 29.36 -51.58 4.51
C SER D 42 28.72 -50.44 5.32
N ASP D 43 27.40 -50.52 5.48
CA ASP D 43 26.62 -49.52 6.25
C ASP D 43 27.01 -49.57 7.73
N ALA D 44 28.18 -49.01 8.05
CA ALA D 44 28.70 -48.98 9.42
C ALA D 44 29.93 -48.09 9.48
N GLU D 45 31.06 -48.61 9.02
CA GLU D 45 32.31 -47.86 9.04
C GLU D 45 32.46 -46.83 7.91
N ILE D 46 31.32 -46.32 7.44
CA ILE D 46 31.31 -45.28 6.41
C ILE D 46 31.12 -43.99 7.19
N ILE D 47 30.50 -44.14 8.36
CA ILE D 47 30.24 -43.04 9.29
C ILE D 47 31.61 -42.60 9.81
N GLN D 48 32.52 -43.58 9.88
CA GLN D 48 33.89 -43.40 10.35
C GLN D 48 34.68 -42.61 9.30
N LEU D 60 28.23 -37.43 0.07
CA LEU D 60 28.12 -38.89 0.12
C LEU D 60 27.94 -39.51 -1.27
N GLU D 61 27.27 -38.80 -2.17
CA GLU D 61 27.09 -39.30 -3.53
C GLU D 61 28.40 -39.06 -4.28
N THR D 62 29.32 -38.37 -3.60
CA THR D 62 30.65 -38.02 -4.12
C THR D 62 31.62 -39.17 -3.81
N LEU D 63 31.38 -39.86 -2.70
CA LEU D 63 32.23 -40.96 -2.26
C LEU D 63 31.64 -42.33 -2.64
N ILE D 64 30.53 -42.70 -2.00
CA ILE D 64 29.84 -43.97 -2.22
C ILE D 64 29.30 -44.14 -3.65
N GLU D 65 28.78 -45.34 -3.93
CA GLU D 65 28.24 -45.70 -5.24
C GLU D 65 26.76 -45.33 -5.44
N THR D 66 25.84 -46.15 -4.94
CA THR D 66 24.40 -45.92 -5.07
C THR D 66 23.95 -44.58 -4.49
N HIS D 67 23.01 -43.92 -5.18
CA HIS D 67 22.47 -42.65 -4.70
C HIS D 67 21.58 -42.88 -3.49
N GLU D 68 20.71 -43.88 -3.59
CA GLU D 68 19.79 -44.24 -2.53
C GLU D 68 20.50 -44.66 -1.25
N ARG D 69 21.73 -45.15 -1.38
CA ARG D 69 22.52 -45.59 -0.24
C ARG D 69 23.05 -44.39 0.53
N GLY D 70 23.54 -43.39 -0.21
CA GLY D 70 24.06 -42.18 0.41
C GLY D 70 23.00 -41.51 1.26
N VAL D 71 21.75 -41.61 0.83
CA VAL D 71 20.61 -41.03 1.55
C VAL D 71 20.38 -41.82 2.82
N SER D 72 20.40 -43.15 2.70
CA SER D 72 20.20 -44.05 3.85
C SER D 72 21.21 -43.70 4.92
N ILE D 73 22.46 -43.57 4.51
CA ILE D 73 23.54 -43.23 5.43
C ILE D 73 23.35 -41.84 6.03
N ARG D 74 22.95 -40.88 5.19
CA ARG D 74 22.72 -39.52 5.68
C ARG D 74 21.59 -39.58 6.71
N ARG D 75 20.57 -40.39 6.44
CA ARG D 75 19.45 -40.54 7.39
C ARG D 75 19.94 -41.18 8.68
N GLN D 76 20.91 -42.09 8.55
CA GLN D 76 21.45 -42.79 9.70
C GLN D 76 22.25 -41.83 10.57
N LEU D 77 23.09 -41.02 9.94
CA LEU D 77 23.89 -40.02 10.64
C LEU D 77 22.97 -39.04 11.38
N LEU D 78 21.96 -38.53 10.68
CA LEU D 78 20.99 -37.58 11.24
C LEU D 78 20.21 -38.20 12.40
N SER D 79 19.92 -39.50 12.27
CA SER D 79 19.19 -40.27 13.28
C SER D 79 19.73 -40.09 14.70
N LYS D 80 21.06 -40.12 14.81
CA LYS D 80 21.74 -40.00 16.10
C LYS D 80 21.62 -38.62 16.76
N LYS D 81 21.22 -37.61 15.99
CA LYS D 81 21.07 -36.26 16.50
C LYS D 81 19.61 -35.85 16.79
N LEU D 82 18.70 -36.82 16.71
CA LEU D 82 17.28 -36.54 16.94
C LEU D 82 16.73 -37.00 18.29
N SER D 83 15.82 -36.20 18.82
CA SER D 83 15.15 -36.48 20.09
C SER D 83 14.31 -37.75 19.93
N GLU D 84 13.77 -37.93 18.73
CA GLU D 84 12.96 -39.10 18.38
C GLU D 84 13.61 -39.69 17.12
N PRO D 85 14.64 -40.53 17.29
CA PRO D 85 15.33 -41.15 16.15
C PRO D 85 14.43 -41.99 15.23
N SER D 86 13.31 -42.49 15.75
CA SER D 86 12.39 -43.31 14.96
C SER D 86 11.47 -42.52 14.01
N SER D 87 11.41 -41.21 14.20
CA SER D 87 10.57 -40.34 13.37
C SER D 87 10.79 -40.53 11.88
N LEU D 88 12.05 -40.69 11.48
CA LEU D 88 12.42 -40.86 10.09
C LEU D 88 11.86 -42.10 9.39
N GLN D 89 11.18 -42.97 10.15
CA GLN D 89 10.61 -44.20 9.60
C GLN D 89 9.46 -43.98 8.66
N TYR D 90 8.70 -42.92 8.88
CA TYR D 90 7.58 -42.65 8.00
C TYR D 90 7.89 -41.66 6.89
N LEU D 91 9.15 -41.22 6.84
CA LEU D 91 9.62 -40.32 5.80
C LEU D 91 10.20 -41.20 4.68
N PRO D 92 9.50 -41.28 3.54
CA PRO D 92 9.94 -42.09 2.39
C PRO D 92 11.28 -41.64 1.82
N TYR D 93 11.95 -42.53 1.11
CA TYR D 93 13.23 -42.22 0.48
C TYR D 93 13.61 -43.24 -0.60
N ARG D 94 13.09 -44.46 -0.48
CA ARG D 94 13.38 -45.55 -1.41
C ARG D 94 12.66 -45.44 -2.77
N ASP D 95 13.28 -46.02 -3.80
CA ASP D 95 12.69 -46.02 -5.15
C ASP D 95 12.40 -44.63 -5.72
N TYR D 96 13.37 -43.74 -5.57
CA TYR D 96 13.20 -42.41 -6.10
C TYR D 96 14.49 -42.06 -6.82
N ASN D 97 14.36 -41.51 -8.02
CA ASN D 97 15.51 -41.17 -8.82
C ASN D 97 16.18 -39.89 -8.36
N TYR D 98 17.17 -40.04 -7.48
CA TYR D 98 17.91 -38.92 -6.93
C TYR D 98 18.94 -38.34 -7.88
N SER D 99 19.18 -39.02 -9.00
CA SER D 99 20.16 -38.57 -9.99
C SER D 99 19.87 -37.16 -10.49
N LEU D 100 18.59 -36.92 -10.77
CA LEU D 100 18.12 -35.63 -11.26
C LEU D 100 18.12 -34.54 -10.19
N VAL D 101 17.96 -34.94 -8.93
CA VAL D 101 17.94 -34.03 -7.80
C VAL D 101 19.34 -33.60 -7.37
N MET D 102 20.21 -34.58 -7.15
CA MET D 102 21.59 -34.35 -6.72
C MET D 102 22.32 -33.36 -7.62
N GLY D 103 22.85 -32.32 -7.00
CA GLY D 103 23.58 -31.28 -7.72
C GLY D 103 22.70 -30.36 -8.55
N ALA D 104 21.40 -30.31 -8.24
CA ALA D 104 20.50 -29.47 -9.01
C ALA D 104 19.28 -28.91 -8.28
N CYS D 105 18.62 -29.73 -7.46
CA CYS D 105 17.41 -29.27 -6.79
C CYS D 105 17.38 -29.26 -5.27
N CYS D 106 18.27 -30.01 -4.63
CA CYS D 106 18.27 -30.08 -3.16
C CYS D 106 19.58 -30.64 -2.60
N GLU D 107 19.90 -30.31 -1.35
CA GLU D 107 21.11 -30.80 -0.70
C GLU D 107 20.74 -31.45 0.64
N ASN D 108 21.68 -32.20 1.21
CA ASN D 108 21.50 -32.92 2.49
C ASN D 108 20.18 -33.69 2.47
N VAL D 109 19.93 -34.36 1.36
CA VAL D 109 18.69 -35.11 1.15
C VAL D 109 18.49 -36.29 2.08
N ILE D 110 17.33 -36.33 2.71
CA ILE D 110 17.00 -37.40 3.65
C ILE D 110 15.74 -38.13 3.25
N GLY D 111 15.25 -37.84 2.03
CA GLY D 111 14.04 -38.46 1.54
C GLY D 111 13.19 -37.53 0.70
N TYR D 112 11.89 -37.78 0.67
CA TYR D 112 10.98 -36.94 -0.10
C TYR D 112 9.64 -36.83 0.59
N MET D 113 8.93 -35.73 0.31
CA MET D 113 7.62 -35.50 0.91
C MET D 113 6.52 -35.66 -0.14
N PRO D 114 5.64 -36.66 0.03
CA PRO D 114 4.56 -36.90 -0.92
C PRO D 114 3.40 -35.93 -0.71
N ILE D 115 3.01 -35.24 -1.77
CA ILE D 115 1.88 -34.31 -1.69
C ILE D 115 0.77 -34.88 -2.57
N PRO D 116 -0.41 -35.17 -1.99
CA PRO D 116 -1.50 -35.72 -2.81
C PRO D 116 -1.80 -34.85 -4.04
N VAL D 117 -1.97 -35.51 -5.19
CA VAL D 117 -2.29 -34.82 -6.42
C VAL D 117 -3.70 -35.19 -6.87
N GLY D 118 -4.56 -34.18 -6.99
CA GLY D 118 -5.92 -34.39 -7.45
C GLY D 118 -6.07 -33.75 -8.82
N VAL D 119 -7.17 -34.04 -9.51
CA VAL D 119 -7.38 -33.45 -10.82
C VAL D 119 -8.70 -32.71 -10.93
N ALA D 120 -8.66 -31.51 -11.51
CA ALA D 120 -9.84 -30.69 -11.70
C ALA D 120 -9.98 -30.43 -13.18
N GLY D 121 -11.18 -30.69 -13.70
CA GLY D 121 -11.43 -30.50 -15.11
C GLY D 121 -12.61 -31.26 -15.64
N PRO D 122 -12.86 -31.17 -16.96
CA PRO D 122 -12.06 -30.40 -17.90
C PRO D 122 -12.21 -28.89 -17.77
N LEU D 123 -11.12 -28.18 -18.01
CA LEU D 123 -11.14 -26.72 -17.98
C LEU D 123 -11.23 -26.33 -19.45
N CYS D 124 -12.35 -25.77 -19.85
CA CYS D 124 -12.56 -25.37 -21.23
C CYS D 124 -12.00 -23.97 -21.39
N LEU D 125 -10.82 -23.91 -21.97
CA LEU D 125 -10.14 -22.65 -22.14
C LEU D 125 -9.62 -22.46 -23.55
N ASP D 126 -9.99 -21.34 -24.16
CA ASP D 126 -9.58 -21.03 -25.52
C ASP D 126 -9.84 -22.19 -26.51
N GLU D 127 -11.03 -22.78 -26.40
CA GLU D 127 -11.45 -23.87 -27.28
C GLU D 127 -10.63 -25.15 -27.15
N LYS D 128 -10.00 -25.32 -25.99
CA LYS D 128 -9.21 -26.51 -25.70
C LYS D 128 -9.73 -27.04 -24.37
N GLU D 129 -9.39 -28.27 -24.03
CA GLU D 129 -9.83 -28.85 -22.76
C GLU D 129 -8.61 -29.31 -21.98
N PHE D 130 -8.50 -28.84 -20.73
CA PHE D 130 -7.37 -29.18 -19.90
C PHE D 130 -7.77 -29.95 -18.65
N GLN D 131 -6.94 -30.92 -18.28
CA GLN D 131 -7.15 -31.71 -17.06
C GLN D 131 -6.05 -31.17 -16.15
N VAL D 132 -6.45 -30.38 -15.17
CA VAL D 132 -5.53 -29.69 -14.26
C VAL D 132 -5.10 -30.40 -13.00
N PRO D 133 -3.80 -30.71 -12.89
CA PRO D 133 -3.22 -31.38 -11.73
C PRO D 133 -3.05 -30.37 -10.59
N MET D 134 -3.46 -30.77 -9.39
CA MET D 134 -3.38 -29.92 -8.21
C MET D 134 -2.85 -30.68 -7.01
N ALA D 135 -1.65 -30.29 -6.56
CA ALA D 135 -1.01 -30.92 -5.41
C ALA D 135 -1.40 -30.12 -4.16
N THR D 136 -2.20 -30.71 -3.29
CA THR D 136 -2.65 -30.02 -2.11
C THR D 136 -3.01 -30.96 -0.95
N THR D 137 -3.09 -30.40 0.25
CA THR D 137 -3.50 -31.17 1.41
C THR D 137 -4.72 -30.49 2.03
N GLU D 138 -5.30 -29.53 1.31
CA GLU D 138 -6.49 -28.85 1.79
C GLU D 138 -7.74 -29.52 1.27
N GLY D 139 -8.52 -30.09 2.18
CA GLY D 139 -9.74 -30.77 1.79
C GLY D 139 -10.75 -29.90 1.08
N CYS D 140 -11.38 -30.45 0.07
CA CYS D 140 -12.41 -29.78 -0.73
C CYS D 140 -11.90 -28.79 -1.77
N LEU D 141 -10.60 -28.50 -1.77
CA LEU D 141 -10.05 -27.55 -2.73
C LEU D 141 -10.18 -28.00 -4.17
N VAL D 142 -9.77 -29.24 -4.43
CA VAL D 142 -9.88 -29.82 -5.76
C VAL D 142 -11.36 -29.93 -6.16
N ALA D 143 -12.21 -30.39 -5.23
CA ALA D 143 -13.65 -30.55 -5.48
C ALA D 143 -14.28 -29.21 -5.83
N SER D 144 -13.99 -28.17 -5.04
CA SER D 144 -14.53 -26.85 -5.29
C SER D 144 -14.04 -26.30 -6.65
N THR D 145 -12.76 -26.47 -6.94
CA THR D 145 -12.21 -25.98 -8.19
C THR D 145 -12.86 -26.72 -9.39
N ASN D 146 -13.09 -28.00 -9.21
CA ASN D 146 -13.72 -28.84 -10.23
C ASN D 146 -15.14 -28.32 -10.50
N ARG D 147 -15.86 -27.99 -9.44
CA ARG D 147 -17.19 -27.44 -9.60
C ARG D 147 -17.14 -26.16 -10.45
N GLY D 148 -16.11 -25.35 -10.21
CA GLY D 148 -15.95 -24.11 -10.97
C GLY D 148 -15.69 -24.40 -12.43
N CYS D 149 -14.89 -25.42 -12.71
CA CYS D 149 -14.61 -25.81 -14.09
C CYS D 149 -15.91 -26.22 -14.79
N ARG D 150 -16.76 -26.93 -14.05
CA ARG D 150 -18.05 -27.39 -14.56
C ARG D 150 -18.94 -26.23 -15.02
N ALA D 151 -19.06 -25.22 -14.16
CA ALA D 151 -19.86 -24.04 -14.46
C ALA D 151 -19.35 -23.32 -15.71
N ILE D 152 -18.03 -23.29 -15.87
CA ILE D 152 -17.42 -22.65 -17.04
C ILE D 152 -17.70 -23.44 -18.32
N GLY D 153 -17.55 -24.77 -18.26
CA GLY D 153 -17.79 -25.61 -19.41
C GLY D 153 -19.23 -25.50 -19.92
N LEU D 154 -20.18 -25.49 -19.00
CA LEU D 154 -21.58 -25.37 -19.34
C LEU D 154 -21.91 -23.98 -19.85
N GLY D 155 -20.98 -23.05 -19.66
CA GLY D 155 -21.17 -21.68 -20.09
C GLY D 155 -20.55 -21.37 -21.43
N GLY D 156 -19.99 -22.38 -22.08
CA GLY D 156 -19.36 -22.14 -23.37
C GLY D 156 -17.85 -21.90 -23.30
N GLY D 157 -17.27 -22.17 -22.14
CA GLY D 157 -15.83 -22.01 -21.98
C GLY D 157 -15.29 -20.61 -21.68
N ALA D 158 -13.99 -20.58 -21.39
CA ALA D 158 -13.31 -19.34 -21.04
C ALA D 158 -12.32 -18.91 -22.09
N SER D 159 -12.06 -17.60 -22.15
CA SER D 159 -11.07 -17.07 -23.10
C SER D 159 -9.98 -16.38 -22.29
N SER D 160 -8.75 -16.45 -22.77
CA SER D 160 -7.64 -15.83 -22.06
C SER D 160 -6.64 -15.22 -23.02
N ARG D 161 -5.89 -14.24 -22.52
CA ARG D 161 -4.85 -13.56 -23.29
C ARG D 161 -3.63 -13.23 -22.43
N VAL D 162 -2.46 -13.42 -23.02
CA VAL D 162 -1.22 -13.08 -22.37
C VAL D 162 -0.98 -11.63 -22.81
N LEU D 163 -0.90 -10.73 -21.83
CA LEU D 163 -0.71 -9.30 -22.07
C LEU D 163 0.74 -8.85 -22.10
N ALA D 164 1.60 -9.55 -21.35
CA ALA D 164 3.01 -9.21 -21.27
C ALA D 164 3.80 -10.41 -20.78
N ASP D 165 5.07 -10.47 -21.15
CA ASP D 165 5.92 -11.58 -20.78
C ASP D 165 7.35 -11.08 -20.55
N GLY D 166 7.82 -11.17 -19.31
CA GLY D 166 9.17 -10.72 -19.02
C GLY D 166 9.56 -10.82 -17.56
N MET D 167 10.52 -11.70 -17.28
CA MET D 167 11.05 -11.87 -15.93
C MET D 167 11.96 -10.67 -15.62
N THR D 168 12.13 -10.35 -14.34
CA THR D 168 12.96 -9.21 -13.98
C THR D 168 14.00 -9.50 -12.92
N ARG D 169 14.93 -8.57 -12.77
CA ARG D 169 15.97 -8.61 -11.75
C ARG D 169 16.27 -7.13 -11.53
N GLY D 170 16.21 -6.69 -10.26
CA GLY D 170 16.43 -5.29 -9.98
C GLY D 170 17.58 -5.00 -9.02
N PRO D 171 18.83 -4.99 -9.53
CA PRO D 171 20.02 -4.72 -8.70
C PRO D 171 20.07 -3.29 -8.18
N VAL D 172 20.85 -3.10 -7.13
CA VAL D 172 21.07 -1.77 -6.56
C VAL D 172 22.56 -1.41 -6.70
N VAL D 173 22.83 -0.27 -7.33
CA VAL D 173 24.19 0.24 -7.48
C VAL D 173 24.27 1.62 -6.81
N ARG D 174 25.47 2.08 -6.50
CA ARG D 174 25.62 3.41 -5.92
C ARG D 174 26.75 4.23 -6.55
N LEU D 175 26.49 5.52 -6.66
CA LEU D 175 27.45 6.45 -7.18
C LEU D 175 27.89 7.36 -6.05
N PRO D 176 29.01 8.08 -6.23
CA PRO D 176 29.49 8.97 -5.16
C PRO D 176 28.47 10.02 -4.74
N ARG D 177 27.77 10.59 -5.72
CA ARG D 177 26.77 11.62 -5.48
C ARG D 177 25.46 11.37 -6.24
N ALA D 178 24.37 11.96 -5.75
CA ALA D 178 23.06 11.85 -6.37
C ALA D 178 23.12 12.44 -7.77
N CYS D 179 23.98 13.44 -7.94
CA CYS D 179 24.15 14.08 -9.25
C CYS D 179 24.77 13.10 -10.25
N ASP D 180 25.57 12.16 -9.75
CA ASP D 180 26.17 11.17 -10.61
C ASP D 180 25.17 10.05 -10.95
N SER D 181 24.40 9.60 -9.97
CA SER D 181 23.42 8.56 -10.21
C SER D 181 22.36 9.09 -11.21
N ALA D 182 22.04 10.37 -11.11
CA ALA D 182 21.10 11.01 -12.01
C ALA D 182 21.65 10.98 -13.44
N GLU D 183 22.97 11.16 -13.58
CA GLU D 183 23.62 11.13 -14.89
C GLU D 183 23.56 9.70 -15.46
N VAL D 184 23.75 8.70 -14.62
CA VAL D 184 23.68 7.33 -15.09
C VAL D 184 22.23 7.00 -15.54
N LYS D 185 21.25 7.52 -14.81
CA LYS D 185 19.84 7.30 -15.13
C LYS D 185 19.53 7.89 -16.49
N ALA D 186 19.98 9.12 -16.72
CA ALA D 186 19.74 9.79 -18.00
C ALA D 186 20.40 9.06 -19.17
N TRP D 187 21.56 8.47 -18.92
CA TRP D 187 22.29 7.75 -19.97
C TRP D 187 21.54 6.46 -20.27
N LEU D 188 21.10 5.77 -19.22
CA LEU D 188 20.35 4.52 -19.40
C LEU D 188 19.03 4.73 -20.17
N GLU D 189 18.51 5.95 -20.17
CA GLU D 189 17.28 6.26 -20.88
C GLU D 189 17.47 6.78 -22.32
N THR D 190 18.71 6.84 -22.80
CA THR D 190 18.97 7.26 -24.18
C THR D 190 18.89 6.00 -25.02
N SER D 191 18.56 6.13 -26.30
CA SER D 191 18.49 4.96 -27.15
C SER D 191 19.86 4.26 -27.29
N GLU D 192 20.94 5.03 -27.32
CA GLU D 192 22.27 4.42 -27.44
C GLU D 192 22.68 3.69 -26.16
N GLY D 193 22.41 4.29 -25.00
CA GLY D 193 22.74 3.64 -23.76
C GLY D 193 22.03 2.32 -23.57
N PHE D 194 20.76 2.28 -23.97
CA PHE D 194 19.98 1.05 -23.81
C PHE D 194 20.49 -0.02 -24.76
N ALA D 195 20.81 0.42 -25.97
CA ALA D 195 21.33 -0.45 -27.00
C ALA D 195 22.62 -1.15 -26.52
N VAL D 196 23.54 -0.41 -25.87
CA VAL D 196 24.77 -1.06 -25.41
C VAL D 196 24.50 -2.00 -24.24
N ILE D 197 23.60 -1.61 -23.34
CA ILE D 197 23.26 -2.48 -22.22
C ILE D 197 22.58 -3.74 -22.75
N LYS D 198 21.71 -3.56 -23.73
CA LYS D 198 21.00 -4.68 -24.35
C LYS D 198 21.98 -5.61 -25.06
N GLU D 199 22.95 -5.03 -25.78
CA GLU D 199 23.95 -5.82 -26.49
C GLU D 199 24.69 -6.71 -25.49
N ALA D 200 25.04 -6.13 -24.36
CA ALA D 200 25.75 -6.88 -23.32
C ALA D 200 24.87 -7.93 -22.63
N PHE D 201 23.62 -7.55 -22.32
CA PHE D 201 22.71 -8.48 -21.64
C PHE D 201 22.40 -9.69 -22.54
N ASP D 202 22.00 -9.42 -23.77
CA ASP D 202 21.65 -10.50 -24.69
C ASP D 202 22.80 -11.42 -25.12
N SER D 203 24.05 -10.99 -24.93
CA SER D 203 25.21 -11.81 -25.34
C SER D 203 25.47 -13.01 -24.43
N THR D 204 24.73 -13.10 -23.34
CA THR D 204 24.89 -14.17 -22.36
C THR D 204 24.05 -15.43 -22.60
N SER D 205 23.11 -15.35 -23.54
CA SER D 205 22.23 -16.48 -23.80
C SER D 205 21.46 -16.31 -25.09
N ARG D 206 21.02 -17.44 -25.65
CA ARG D 206 20.23 -17.44 -26.87
C ARG D 206 18.80 -17.02 -26.54
N PHE D 207 18.37 -17.26 -25.30
CA PHE D 207 17.00 -16.94 -24.89
C PHE D 207 16.79 -15.63 -24.17
N ALA D 208 17.86 -15.07 -23.62
CA ALA D 208 17.76 -13.80 -22.89
C ALA D 208 17.68 -12.60 -23.84
N ARG D 209 16.54 -11.93 -23.86
CA ARG D 209 16.33 -10.78 -24.73
C ARG D 209 15.75 -9.61 -23.92
N LEU D 210 16.59 -8.62 -23.64
CA LEU D 210 16.20 -7.45 -22.86
C LEU D 210 15.14 -6.64 -23.56
N GLN D 211 14.04 -6.39 -22.87
CA GLN D 211 12.93 -5.63 -23.44
C GLN D 211 12.95 -4.19 -23.01
N LYS D 212 13.19 -3.94 -21.73
CA LYS D 212 13.23 -2.57 -21.21
C LYS D 212 13.90 -2.45 -19.85
N LEU D 213 14.10 -1.19 -19.47
CA LEU D 213 14.70 -0.82 -18.22
C LEU D 213 13.80 0.18 -17.48
N HIS D 214 13.66 0.01 -16.17
CA HIS D 214 12.94 1.00 -15.39
C HIS D 214 13.96 1.31 -14.32
N THR D 215 14.36 2.57 -14.23
CA THR D 215 15.35 2.95 -13.22
C THR D 215 14.73 3.86 -12.20
N SER D 216 15.14 3.69 -10.96
CA SER D 216 14.63 4.52 -9.89
C SER D 216 15.81 4.98 -9.00
N ILE D 217 15.75 6.24 -8.61
CA ILE D 217 16.78 6.82 -7.78
C ILE D 217 16.34 7.06 -6.35
N ALA D 218 17.26 6.87 -5.42
CA ALA D 218 17.06 7.16 -4.00
C ALA D 218 18.40 7.81 -3.64
N GLY D 219 18.50 9.11 -3.90
CA GLY D 219 19.74 9.84 -3.63
C GLY D 219 20.86 9.32 -4.51
N ARG D 220 21.96 8.87 -3.91
CA ARG D 220 23.08 8.35 -4.69
C ARG D 220 22.91 6.90 -5.13
N ASN D 221 21.86 6.23 -4.65
CA ASN D 221 21.56 4.85 -5.03
C ASN D 221 20.75 4.87 -6.34
N LEU D 222 20.91 3.83 -7.15
CA LEU D 222 20.17 3.70 -8.40
C LEU D 222 19.70 2.26 -8.52
N TYR D 223 18.38 2.07 -8.60
CA TYR D 223 17.83 0.72 -8.72
C TYR D 223 17.47 0.56 -10.20
N ILE D 224 17.97 -0.50 -10.79
CA ILE D 224 17.72 -0.76 -12.21
C ILE D 224 16.98 -2.07 -12.36
N ARG D 225 15.76 -2.00 -12.89
CA ARG D 225 14.92 -3.17 -13.11
C ARG D 225 15.10 -3.64 -14.56
N PHE D 226 15.80 -4.77 -14.72
CA PHE D 226 16.02 -5.34 -16.06
C PHE D 226 14.84 -6.29 -16.32
N GLN D 227 14.22 -6.14 -17.48
CA GLN D 227 13.11 -7.02 -17.84
C GLN D 227 13.39 -7.73 -19.16
N SER D 228 13.33 -9.05 -19.13
CA SER D 228 13.64 -9.80 -20.33
C SER D 228 12.84 -11.07 -20.50
N ARG D 229 12.67 -11.49 -21.76
CA ARG D 229 12.00 -12.75 -22.06
C ARG D 229 13.03 -13.83 -21.74
N SER D 230 12.58 -15.07 -21.63
CA SER D 230 13.48 -16.16 -21.25
C SER D 230 12.99 -17.49 -21.78
N GLY D 231 12.41 -17.47 -22.97
CA GLY D 231 11.89 -18.70 -23.57
C GLY D 231 10.88 -19.35 -22.65
N ASP D 232 11.01 -20.67 -22.47
CA ASP D 232 10.09 -21.40 -21.62
C ASP D 232 10.55 -21.51 -20.16
N ALA D 233 11.66 -20.85 -19.84
CA ALA D 233 12.20 -20.87 -18.49
C ALA D 233 11.61 -19.73 -17.66
N MET D 234 11.43 -19.97 -16.36
CA MET D 234 10.96 -18.93 -15.44
C MET D 234 12.00 -17.81 -15.56
N GLY D 235 13.25 -18.20 -15.80
CA GLY D 235 14.28 -17.24 -16.07
C GLY D 235 15.12 -16.53 -15.06
N MET D 236 15.03 -16.89 -13.78
CA MET D 236 15.85 -16.21 -12.77
C MET D 236 17.35 -16.31 -13.02
N ASN D 237 17.86 -17.52 -13.20
CA ASN D 237 19.29 -17.67 -13.43
C ASN D 237 19.76 -16.97 -14.70
N MET D 238 18.99 -17.16 -15.77
CA MET D 238 19.30 -16.58 -17.07
C MET D 238 19.36 -15.05 -16.99
N ILE D 239 18.34 -14.45 -16.38
CA ILE D 239 18.25 -13.01 -16.24
C ILE D 239 19.36 -12.49 -15.32
N SER D 240 19.73 -13.28 -14.32
CA SER D 240 20.78 -12.88 -13.37
C SER D 240 22.13 -12.83 -14.06
N LYS D 241 22.40 -13.84 -14.89
CA LYS D 241 23.62 -13.86 -15.66
C LYS D 241 23.64 -12.62 -16.56
N GLY D 242 22.53 -12.38 -17.25
CA GLY D 242 22.46 -11.23 -18.13
C GLY D 242 22.67 -9.91 -17.40
N THR D 243 22.10 -9.81 -16.20
CA THR D 243 22.21 -8.59 -15.40
C THR D 243 23.66 -8.29 -14.99
N GLU D 244 24.37 -9.33 -14.56
CA GLU D 244 25.75 -9.19 -14.16
C GLU D 244 26.62 -8.70 -15.31
N LYS D 245 26.45 -9.25 -16.50
CA LYS D 245 27.27 -8.79 -17.60
C LYS D 245 26.92 -7.36 -18.01
N ALA D 246 25.65 -6.99 -17.85
CA ALA D 246 25.22 -5.65 -18.21
C ALA D 246 25.78 -4.65 -17.23
N LEU D 247 25.77 -5.02 -15.96
CA LEU D 247 26.29 -4.15 -14.90
C LEU D 247 27.82 -3.96 -15.10
N SER D 248 28.50 -5.02 -15.53
CA SER D 248 29.94 -4.98 -15.80
C SER D 248 30.20 -3.94 -16.88
N LYS D 249 29.42 -4.02 -17.96
CA LYS D 249 29.52 -3.09 -19.09
C LYS D 249 29.21 -1.66 -18.65
N LEU D 250 28.19 -1.51 -17.80
CA LEU D 250 27.81 -0.19 -17.28
C LEU D 250 28.98 0.41 -16.49
N HIS D 251 29.66 -0.44 -15.73
CA HIS D 251 30.81 -0.04 -14.91
C HIS D 251 31.95 0.53 -15.77
N GLU D 252 32.10 0.05 -17.01
CA GLU D 252 33.14 0.56 -17.90
C GLU D 252 32.82 2.00 -18.29
N TYR D 253 31.53 2.33 -18.35
CA TYR D 253 31.10 3.70 -18.71
C TYR D 253 31.11 4.61 -17.48
N PHE D 254 31.02 4.03 -16.29
CA PHE D 254 31.00 4.76 -15.02
C PHE D 254 31.81 3.99 -13.99
N PRO D 255 33.17 4.08 -14.05
CA PRO D 255 34.10 3.39 -13.14
C PRO D 255 33.90 3.64 -11.65
N GLU D 256 33.31 4.78 -11.31
CA GLU D 256 33.07 5.10 -9.90
C GLU D 256 31.85 4.38 -9.32
N MET D 257 31.08 3.70 -10.17
CA MET D 257 29.89 2.98 -9.74
C MET D 257 30.19 1.72 -8.94
N GLN D 258 29.55 1.60 -7.79
CA GLN D 258 29.72 0.42 -6.94
C GLN D 258 28.47 -0.46 -7.09
N ILE D 259 28.68 -1.73 -7.41
CA ILE D 259 27.59 -2.69 -7.53
C ILE D 259 27.37 -3.23 -6.12
N LEU D 260 26.35 -2.73 -5.45
CA LEU D 260 26.06 -3.14 -4.08
C LEU D 260 25.46 -4.52 -3.93
N ALA D 261 24.55 -4.90 -4.82
CA ALA D 261 23.91 -6.23 -4.78
C ALA D 261 23.19 -6.49 -6.10
N VAL D 262 23.39 -7.69 -6.65
CA VAL D 262 22.78 -8.05 -7.93
C VAL D 262 21.24 -7.99 -7.83
N SER D 263 20.74 -8.09 -6.60
CA SER D 263 19.32 -7.92 -6.32
C SER D 263 19.17 -6.89 -5.20
N GLY D 264 18.56 -5.76 -5.53
CA GLY D 264 18.29 -4.72 -4.55
C GLY D 264 16.83 -4.70 -4.14
N ASN D 265 16.12 -5.82 -4.32
CA ASN D 265 14.71 -5.94 -3.97
C ASN D 265 13.77 -5.10 -4.85
N TYR D 266 14.28 -4.64 -5.98
CA TYR D 266 13.50 -3.85 -6.89
C TYR D 266 12.95 -4.73 -8.04
N CYS D 267 13.18 -6.05 -7.97
CA CYS D 267 12.71 -6.98 -9.01
C CYS D 267 11.16 -7.00 -9.19
N THR D 268 10.37 -7.36 -8.17
CA THR D 268 10.80 -7.78 -6.84
C THR D 268 10.50 -9.26 -6.76
N ASP D 269 11.45 -10.04 -6.26
CA ASP D 269 11.29 -11.49 -6.15
C ASP D 269 10.91 -11.99 -4.78
N LYS D 270 9.81 -12.74 -4.73
CA LYS D 270 9.30 -13.38 -3.52
C LYS D 270 8.91 -12.55 -2.31
N LYS D 271 8.66 -11.25 -2.53
CA LYS D 271 8.18 -10.39 -1.45
C LYS D 271 7.06 -9.58 -2.10
N PRO D 272 6.02 -9.24 -1.34
CA PRO D 272 4.92 -8.44 -1.93
C PRO D 272 5.46 -7.07 -2.36
N ALA D 273 5.05 -6.58 -3.52
CA ALA D 273 5.53 -5.28 -3.97
C ALA D 273 4.59 -4.66 -5.01
N ALA D 274 4.30 -3.37 -4.85
CA ALA D 274 3.41 -2.68 -5.77
C ALA D 274 4.00 -2.63 -7.16
N ILE D 275 5.33 -2.70 -7.27
CA ILE D 275 5.93 -2.64 -8.59
C ILE D 275 5.56 -3.84 -9.48
N ASN D 276 5.42 -5.03 -8.89
CA ASN D 276 5.03 -6.22 -9.67
C ASN D 276 3.56 -6.11 -10.12
N TRP D 277 2.72 -5.53 -9.25
CA TRP D 277 1.30 -5.32 -9.51
C TRP D 277 1.07 -4.32 -10.63
N ILE D 278 1.81 -3.22 -10.60
CA ILE D 278 1.68 -2.15 -11.57
C ILE D 278 2.42 -2.33 -12.90
N GLU D 279 3.58 -2.94 -12.87
CA GLU D 279 4.37 -3.11 -14.09
C GLU D 279 4.42 -4.53 -14.60
N GLY D 280 3.92 -5.46 -13.80
CA GLY D 280 3.94 -6.87 -14.15
C GLY D 280 5.32 -7.49 -13.90
N ARG D 281 5.36 -8.81 -13.86
CA ARG D 281 6.61 -9.55 -13.69
C ARG D 281 6.31 -10.96 -14.20
N GLY D 282 7.16 -11.47 -15.09
CA GLY D 282 6.88 -12.78 -15.66
C GLY D 282 5.74 -12.59 -16.67
N LYS D 283 4.67 -13.36 -16.51
CA LYS D 283 3.53 -13.27 -17.41
C LYS D 283 2.29 -12.56 -16.87
N SER D 284 1.81 -11.55 -17.59
CA SER D 284 0.59 -10.83 -17.20
C SER D 284 -0.51 -11.48 -18.04
N VAL D 285 -1.56 -11.94 -17.36
CA VAL D 285 -2.62 -12.68 -18.02
C VAL D 285 -4.01 -12.24 -17.59
N VAL D 286 -4.97 -12.35 -18.50
CA VAL D 286 -6.36 -12.03 -18.22
C VAL D 286 -7.21 -13.15 -18.79
N CYS D 287 -8.26 -13.53 -18.07
CA CYS D 287 -9.17 -14.54 -18.57
C CYS D 287 -10.61 -14.13 -18.22
N GLU D 288 -11.56 -14.65 -18.97
CA GLU D 288 -12.96 -14.27 -18.77
C GLU D 288 -13.91 -15.40 -19.19
N ALA D 289 -15.16 -15.29 -18.75
CA ALA D 289 -16.20 -16.26 -19.06
C ALA D 289 -17.56 -15.70 -18.66
N VAL D 290 -18.62 -16.21 -19.27
CA VAL D 290 -19.98 -15.80 -18.94
C VAL D 290 -20.71 -17.06 -18.50
N ILE D 291 -21.27 -17.03 -17.31
CA ILE D 291 -22.01 -18.18 -16.80
C ILE D 291 -23.50 -17.89 -16.88
N PRO D 292 -24.24 -18.70 -17.64
CA PRO D 292 -25.71 -18.59 -17.83
C PRO D 292 -26.41 -18.65 -16.49
N ALA D 293 -27.43 -17.82 -16.31
CA ALA D 293 -28.20 -17.78 -15.07
C ALA D 293 -28.60 -19.16 -14.54
N LYS D 294 -29.02 -20.03 -15.44
CA LYS D 294 -29.44 -21.38 -15.07
C LYS D 294 -28.28 -22.16 -14.44
N VAL D 295 -27.09 -22.02 -15.01
CA VAL D 295 -25.90 -22.69 -14.48
C VAL D 295 -25.51 -22.14 -13.10
N VAL D 296 -25.66 -20.82 -12.92
CA VAL D 296 -25.34 -20.20 -11.64
C VAL D 296 -26.29 -20.76 -10.59
N ARG D 297 -27.53 -20.96 -11.02
CA ARG D 297 -28.58 -21.49 -10.17
C ARG D 297 -28.40 -22.96 -9.81
N GLU D 298 -28.19 -23.78 -10.83
CA GLU D 298 -28.07 -25.23 -10.63
C GLU D 298 -26.71 -25.82 -10.25
N VAL D 299 -25.64 -25.26 -10.79
CA VAL D 299 -24.31 -25.76 -10.45
C VAL D 299 -23.72 -25.02 -9.24
N LEU D 300 -23.86 -23.70 -9.22
CA LEU D 300 -23.32 -22.85 -8.17
C LEU D 300 -24.23 -22.58 -6.96
N LYS D 301 -25.49 -23.00 -7.07
CA LYS D 301 -26.47 -22.85 -5.99
C LYS D 301 -26.71 -21.44 -5.47
N THR D 302 -26.70 -20.47 -6.37
CA THR D 302 -26.88 -19.08 -5.97
C THR D 302 -27.38 -18.27 -7.17
N THR D 303 -27.37 -16.95 -7.07
CA THR D 303 -27.80 -16.09 -8.17
C THR D 303 -26.67 -15.15 -8.61
N THR D 304 -26.81 -14.60 -9.80
CA THR D 304 -25.83 -13.68 -10.34
C THR D 304 -25.75 -12.44 -9.45
N GLU D 305 -26.90 -11.95 -9.01
CA GLU D 305 -26.97 -10.77 -8.16
C GLU D 305 -26.22 -10.98 -6.84
N ALA D 306 -26.41 -12.14 -6.21
CA ALA D 306 -25.75 -12.42 -4.95
C ALA D 306 -24.22 -12.53 -5.10
N MET D 307 -23.77 -13.16 -6.19
CA MET D 307 -22.35 -13.31 -6.49
C MET D 307 -21.70 -11.93 -6.67
N ILE D 308 -22.37 -11.05 -7.42
CA ILE D 308 -21.85 -9.71 -7.68
C ILE D 308 -21.70 -8.91 -6.41
N GLU D 309 -22.69 -9.01 -5.52
CA GLU D 309 -22.69 -8.28 -4.28
C GLU D 309 -21.56 -8.78 -3.36
N VAL D 310 -21.29 -10.08 -3.42
CA VAL D 310 -20.23 -10.61 -2.58
C VAL D 310 -18.86 -10.21 -3.14
N ASN D 311 -18.72 -10.27 -4.46
CA ASN D 311 -17.47 -9.89 -5.10
C ASN D 311 -17.07 -8.44 -4.84
N ILE D 312 -18.03 -7.53 -5.00
CA ILE D 312 -17.76 -6.13 -4.78
C ILE D 312 -17.38 -5.84 -3.33
N ASN D 313 -18.16 -6.38 -2.40
CA ASN D 313 -17.94 -6.11 -1.00
C ASN D 313 -16.83 -6.86 -0.28
N LYS D 314 -16.40 -7.98 -0.87
CA LYS D 314 -15.33 -8.79 -0.31
C LYS D 314 -14.02 -8.51 -1.07
N ASN D 315 -14.01 -8.83 -2.36
CA ASN D 315 -12.82 -8.66 -3.19
C ASN D 315 -12.38 -7.24 -3.53
N LEU D 316 -13.32 -6.28 -3.50
CA LEU D 316 -12.96 -4.91 -3.75
C LEU D 316 -12.93 -4.11 -2.45
N VAL D 317 -14.10 -3.91 -1.82
CA VAL D 317 -14.18 -3.11 -0.59
C VAL D 317 -13.44 -3.76 0.59
N GLY D 318 -13.64 -5.06 0.80
CA GLY D 318 -12.96 -5.72 1.89
C GLY D 318 -11.44 -5.68 1.79
N SER D 319 -10.92 -6.00 0.61
CA SER D 319 -9.49 -5.96 0.38
C SER D 319 -8.99 -4.53 0.54
N ALA D 320 -9.80 -3.55 0.14
CA ALA D 320 -9.42 -2.15 0.30
C ALA D 320 -9.34 -1.77 1.79
N MET D 321 -10.30 -2.21 2.59
CA MET D 321 -10.32 -1.91 4.02
C MET D 321 -9.14 -2.60 4.72
N ALA D 322 -8.70 -3.73 4.17
CA ALA D 322 -7.58 -4.47 4.72
C ALA D 322 -6.21 -3.89 4.36
N GLY D 323 -6.20 -2.90 3.47
CA GLY D 323 -4.94 -2.30 3.04
C GLY D 323 -4.17 -3.24 2.12
N SER D 324 -4.87 -3.87 1.20
CA SER D 324 -4.24 -4.78 0.26
C SER D 324 -3.69 -4.15 -1.02
N ILE D 325 -2.55 -4.63 -1.47
CA ILE D 325 -1.99 -4.18 -2.72
C ILE D 325 -1.93 -5.47 -3.53
N GLY D 326 -2.78 -5.58 -4.55
CA GLY D 326 -2.80 -6.78 -5.38
C GLY D 326 -3.60 -7.98 -4.92
N GLY D 327 -4.27 -7.88 -3.77
CA GLY D 327 -5.04 -9.02 -3.27
C GLY D 327 -6.56 -8.87 -3.38
N TYR D 328 -7.02 -8.46 -4.55
CA TYR D 328 -8.44 -8.25 -4.84
C TYR D 328 -9.10 -9.50 -5.40
N ASN D 329 -9.00 -10.59 -4.65
CA ASN D 329 -9.50 -11.88 -5.05
C ASN D 329 -9.82 -12.69 -3.80
N ALA D 330 -10.45 -13.84 -4.00
CA ALA D 330 -10.84 -14.67 -2.87
C ALA D 330 -9.77 -15.68 -2.44
N HIS D 331 -9.25 -16.45 -3.39
CA HIS D 331 -8.23 -17.42 -3.05
C HIS D 331 -7.36 -17.88 -4.20
N ALA D 332 -6.92 -16.94 -5.04
CA ALA D 332 -6.04 -17.28 -6.15
C ALA D 332 -4.82 -18.06 -5.67
N ALA D 333 -4.31 -17.69 -4.49
CA ALA D 333 -3.14 -18.37 -3.94
C ALA D 333 -3.34 -19.89 -3.75
N ASN D 334 -4.54 -20.33 -3.42
CA ASN D 334 -4.81 -21.77 -3.28
C ASN D 334 -4.58 -22.49 -4.61
N ILE D 335 -5.08 -21.93 -5.71
CA ILE D 335 -4.92 -22.52 -7.03
C ILE D 335 -3.49 -22.43 -7.52
N VAL D 336 -2.91 -21.23 -7.42
CA VAL D 336 -1.53 -21.05 -7.87
C VAL D 336 -0.58 -22.03 -7.13
N THR D 337 -0.75 -22.15 -5.81
CA THR D 337 0.13 -23.01 -5.03
C THR D 337 0.01 -24.48 -5.39
N ALA D 338 -1.24 -24.97 -5.52
CA ALA D 338 -1.49 -26.36 -5.85
C ALA D 338 -0.94 -26.73 -7.23
N ILE D 339 -1.13 -25.87 -8.22
CA ILE D 339 -0.60 -26.15 -9.56
C ILE D 339 0.93 -26.06 -9.58
N TYR D 340 1.46 -25.05 -8.88
CA TYR D 340 2.92 -24.85 -8.79
C TYR D 340 3.65 -26.07 -8.20
N ILE D 341 3.12 -26.61 -7.13
CA ILE D 341 3.75 -27.79 -6.51
C ILE D 341 3.68 -29.01 -7.40
N ALA D 342 2.53 -29.22 -8.05
CA ALA D 342 2.36 -30.37 -8.94
C ALA D 342 3.22 -30.27 -10.19
N CYS D 343 3.45 -29.05 -10.69
CA CYS D 343 4.19 -28.84 -11.92
C CYS D 343 5.66 -28.43 -11.79
N GLY D 344 6.23 -28.61 -10.60
CA GLY D 344 7.64 -28.28 -10.39
C GLY D 344 8.05 -26.81 -10.48
N GLN D 345 7.13 -25.91 -10.16
CA GLN D 345 7.41 -24.50 -10.16
C GLN D 345 8.03 -24.15 -8.81
N ASP D 346 8.47 -22.91 -8.67
CA ASP D 346 9.03 -22.44 -7.40
C ASP D 346 7.83 -21.97 -6.59
N ALA D 347 7.41 -22.78 -5.62
CA ALA D 347 6.24 -22.45 -4.80
C ALA D 347 6.35 -21.19 -3.98
N ALA D 348 7.58 -20.76 -3.67
CA ALA D 348 7.77 -19.53 -2.91
C ALA D 348 7.35 -18.33 -3.76
N GLN D 349 7.34 -18.50 -5.08
CA GLN D 349 6.92 -17.40 -5.96
C GLN D 349 5.40 -17.20 -5.97
N ASN D 350 4.72 -17.97 -5.15
CA ASN D 350 3.29 -17.86 -4.97
C ASN D 350 2.96 -16.47 -4.38
N VAL D 351 3.96 -15.88 -3.70
CA VAL D 351 3.78 -14.57 -3.08
C VAL D 351 3.33 -13.51 -4.10
N GLY D 352 4.07 -13.34 -5.19
CA GLY D 352 3.66 -12.39 -6.21
C GLY D 352 2.81 -13.01 -7.33
N SER D 353 3.02 -14.30 -7.60
CA SER D 353 2.29 -14.98 -8.66
C SER D 353 0.77 -15.00 -8.45
N SER D 354 0.36 -14.95 -7.19
CA SER D 354 -1.04 -14.94 -6.77
C SER D 354 -1.74 -13.59 -6.89
N ASN D 355 -1.02 -12.53 -7.23
CA ASN D 355 -1.65 -11.23 -7.39
C ASN D 355 -2.83 -11.39 -8.37
N CYS D 356 -3.98 -10.83 -8.04
CA CYS D 356 -5.14 -11.03 -8.88
C CYS D 356 -6.31 -10.14 -8.51
N ILE D 357 -6.97 -9.60 -9.53
CA ILE D 357 -8.18 -8.83 -9.32
C ILE D 357 -9.33 -9.59 -10.02
N THR D 358 -10.28 -10.05 -9.22
CA THR D 358 -11.45 -10.79 -9.71
C THR D 358 -12.63 -9.83 -9.86
N LEU D 359 -13.21 -9.75 -11.05
CA LEU D 359 -14.35 -8.87 -11.30
C LEU D 359 -15.57 -9.64 -11.78
N MET D 360 -16.74 -9.24 -11.30
CA MET D 360 -18.00 -9.89 -11.65
C MET D 360 -19.04 -8.85 -12.04
N GLU D 361 -19.77 -9.15 -13.11
CA GLU D 361 -20.75 -8.23 -13.66
C GLU D 361 -22.01 -8.93 -14.18
N ALA D 362 -23.12 -8.20 -14.21
CA ALA D 362 -24.38 -8.75 -14.75
C ALA D 362 -24.26 -8.68 -16.27
N SER D 363 -24.61 -9.77 -16.93
CA SER D 363 -24.54 -9.87 -18.38
C SER D 363 -25.84 -10.42 -18.99
N GLY D 364 -25.88 -10.44 -20.32
CA GLY D 364 -27.02 -10.99 -21.04
C GLY D 364 -28.20 -10.08 -21.35
N PRO D 365 -29.20 -10.61 -22.09
CA PRO D 365 -30.43 -9.91 -22.49
C PRO D 365 -31.19 -9.35 -21.30
N THR D 366 -31.34 -10.17 -20.26
CA THR D 366 -32.06 -9.76 -19.06
C THR D 366 -31.16 -9.44 -17.85
N ASN D 367 -29.86 -9.32 -18.09
CA ASN D 367 -28.90 -9.03 -17.03
C ASN D 367 -28.90 -10.09 -15.93
N GLU D 368 -29.14 -11.33 -16.31
CA GLU D 368 -29.17 -12.40 -15.33
C GLU D 368 -27.97 -13.33 -15.41
N ASP D 369 -27.20 -13.24 -16.49
CA ASP D 369 -26.01 -14.07 -16.65
C ASP D 369 -24.81 -13.40 -15.95
N LEU D 370 -23.90 -14.23 -15.43
CA LEU D 370 -22.73 -13.74 -14.72
C LEU D 370 -21.45 -13.61 -15.54
N TYR D 371 -21.00 -12.36 -15.73
CA TYR D 371 -19.74 -12.16 -16.43
C TYR D 371 -18.64 -12.16 -15.35
N ILE D 372 -17.56 -12.89 -15.60
CA ILE D 372 -16.44 -12.92 -14.65
C ILE D 372 -15.09 -12.83 -15.34
N SER D 373 -14.19 -12.07 -14.73
CA SER D 373 -12.82 -11.96 -15.23
C SER D 373 -11.80 -11.97 -14.09
N CYS D 374 -10.64 -12.54 -14.39
CA CYS D 374 -9.50 -12.57 -13.46
C CYS D 374 -8.31 -12.01 -14.20
N THR D 375 -7.65 -11.02 -13.60
CA THR D 375 -6.46 -10.40 -14.18
C THR D 375 -5.32 -10.63 -13.20
N MET D 376 -4.28 -11.29 -13.71
CA MET D 376 -3.09 -11.67 -12.94
C MET D 376 -1.88 -11.12 -13.68
N PRO D 377 -1.36 -9.99 -13.21
CA PRO D 377 -0.21 -9.33 -13.83
C PRO D 377 1.18 -9.86 -13.58
N SER D 378 1.31 -10.82 -12.69
CA SER D 378 2.65 -11.30 -12.37
C SER D 378 2.82 -12.77 -12.07
N ILE D 379 2.46 -13.61 -13.05
CA ILE D 379 2.61 -15.07 -12.93
C ILE D 379 4.05 -15.44 -13.30
N GLU D 380 4.83 -15.88 -12.30
CA GLU D 380 6.23 -16.26 -12.48
C GLU D 380 6.20 -17.77 -12.70
N ILE D 381 6.51 -18.19 -13.91
CA ILE D 381 6.35 -19.59 -14.26
C ILE D 381 7.26 -20.05 -15.38
N GLY D 382 7.43 -21.37 -15.48
CA GLY D 382 8.29 -21.94 -16.51
C GLY D 382 8.03 -23.42 -16.74
N THR D 383 8.43 -23.92 -17.91
CA THR D 383 8.22 -25.34 -18.23
C THR D 383 9.54 -26.07 -18.47
N VAL D 384 10.65 -25.38 -18.24
CA VAL D 384 11.97 -25.97 -18.36
C VAL D 384 12.82 -25.42 -17.22
N GLY D 385 13.69 -26.28 -16.67
CA GLY D 385 14.58 -25.87 -15.58
C GLY D 385 13.99 -26.07 -14.19
N GLY D 386 14.86 -26.02 -13.18
CA GLY D 386 14.45 -26.17 -11.80
C GLY D 386 13.77 -27.50 -11.54
N GLY D 387 12.68 -27.45 -10.81
CA GLY D 387 11.91 -28.64 -10.48
C GLY D 387 11.18 -29.27 -11.66
N THR D 388 11.07 -28.55 -12.79
CA THR D 388 10.39 -29.12 -13.93
C THR D 388 11.30 -30.14 -14.61
N ASN D 389 12.56 -30.24 -14.15
CA ASN D 389 13.49 -31.21 -14.71
C ASN D 389 13.27 -32.60 -14.09
N LEU D 390 12.47 -32.68 -13.03
CA LEU D 390 12.17 -33.96 -12.38
C LEU D 390 11.01 -34.69 -13.09
N LEU D 391 11.10 -36.02 -13.17
CA LEU D 391 10.10 -36.82 -13.86
C LEU D 391 8.66 -36.73 -13.37
N PRO D 392 8.42 -36.84 -12.06
CA PRO D 392 7.03 -36.73 -11.62
C PRO D 392 6.40 -35.39 -11.99
N GLN D 393 7.15 -34.29 -11.85
CA GLN D 393 6.57 -33.00 -12.20
C GLN D 393 6.41 -32.86 -13.71
N GLN D 394 7.31 -33.49 -14.48
CA GLN D 394 7.21 -33.46 -15.93
C GLN D 394 5.92 -34.18 -16.36
N ALA D 395 5.52 -35.17 -15.57
CA ALA D 395 4.30 -35.92 -15.86
C ALA D 395 3.09 -35.01 -15.76
N CYS D 396 3.06 -34.17 -14.73
CA CYS D 396 1.95 -33.24 -14.57
C CYS D 396 1.96 -32.18 -15.68
N LEU D 397 3.14 -31.76 -16.10
CA LEU D 397 3.26 -30.80 -17.18
C LEU D 397 2.78 -31.45 -18.51
N GLN D 398 3.13 -32.73 -18.70
CA GLN D 398 2.74 -33.47 -19.91
C GLN D 398 1.23 -33.59 -19.95
N MET D 399 0.62 -33.80 -18.79
CA MET D 399 -0.85 -33.88 -18.69
C MET D 399 -1.50 -32.68 -19.35
N LEU D 400 -0.84 -31.53 -19.24
CA LEU D 400 -1.33 -30.28 -19.79
C LEU D 400 -0.77 -29.99 -21.18
N GLY D 401 0.15 -30.81 -21.64
CA GLY D 401 0.74 -30.63 -22.95
C GLY D 401 1.72 -29.47 -23.05
N VAL D 402 2.38 -29.14 -21.94
CA VAL D 402 3.31 -28.02 -21.93
C VAL D 402 4.70 -28.34 -21.37
N GLN D 403 5.04 -29.62 -21.29
CA GLN D 403 6.33 -30.02 -20.75
C GLN D 403 7.52 -29.65 -21.62
N GLY D 404 8.55 -29.12 -20.99
CA GLY D 404 9.76 -28.76 -21.72
C GLY D 404 9.66 -27.57 -22.62
N ALA D 405 10.66 -27.43 -23.48
CA ALA D 405 10.73 -26.32 -24.38
C ALA D 405 9.84 -26.52 -25.57
N CYS D 406 9.33 -25.40 -26.07
CA CYS D 406 8.55 -25.42 -27.29
C CYS D 406 9.62 -25.04 -28.31
N LYS D 407 10.19 -26.07 -28.94
CA LYS D 407 11.24 -25.89 -29.93
C LYS D 407 10.89 -24.87 -31.01
N ASP D 408 9.67 -24.94 -31.53
CA ASP D 408 9.24 -24.00 -32.57
C ASP D 408 9.20 -22.53 -32.15
N ASN D 409 8.48 -22.24 -31.06
CA ASN D 409 8.33 -20.86 -30.57
C ASN D 409 8.61 -20.83 -29.07
N PRO D 410 9.88 -20.59 -28.68
CA PRO D 410 10.34 -20.52 -27.29
C PRO D 410 9.49 -19.59 -26.42
N GLY D 411 8.86 -20.16 -25.41
CA GLY D 411 8.01 -19.37 -24.52
C GLY D 411 6.54 -19.79 -24.58
N GLU D 412 6.12 -20.39 -25.69
CA GLU D 412 4.73 -20.79 -25.87
C GLU D 412 4.23 -21.76 -24.81
N ASN D 413 5.05 -22.75 -24.43
CA ASN D 413 4.64 -23.70 -23.42
C ASN D 413 4.42 -22.98 -22.10
N ALA D 414 5.35 -22.09 -21.73
CA ALA D 414 5.25 -21.31 -20.51
C ALA D 414 4.06 -20.35 -20.56
N ARG D 415 3.81 -19.76 -21.72
CA ARG D 415 2.67 -18.87 -21.86
C ARG D 415 1.36 -19.65 -21.71
N GLN D 416 1.33 -20.85 -22.28
CA GLN D 416 0.14 -21.71 -22.20
C GLN D 416 -0.09 -22.11 -20.75
N LEU D 417 0.98 -22.41 -20.02
CA LEU D 417 0.83 -22.80 -18.61
C LEU D 417 0.27 -21.63 -17.78
N ALA D 418 0.72 -20.40 -18.08
CA ALA D 418 0.24 -19.21 -17.36
C ALA D 418 -1.27 -18.98 -17.63
N ARG D 419 -1.68 -19.23 -18.87
CA ARG D 419 -3.11 -19.10 -19.23
C ARG D 419 -3.94 -20.13 -18.46
N ILE D 420 -3.42 -21.35 -18.34
CA ILE D 420 -4.13 -22.42 -17.62
C ILE D 420 -4.26 -22.06 -16.14
N VAL D 421 -3.20 -21.48 -15.57
CA VAL D 421 -3.23 -21.07 -14.18
C VAL D 421 -4.28 -19.97 -13.97
N CYS D 422 -4.28 -18.97 -14.84
CA CYS D 422 -5.26 -17.90 -14.71
C CYS D 422 -6.70 -18.42 -14.88
N GLY D 423 -6.87 -19.39 -15.79
CA GLY D 423 -8.18 -19.99 -16.01
C GLY D 423 -8.64 -20.83 -14.82
N THR D 424 -7.72 -21.61 -14.25
CA THR D 424 -8.04 -22.44 -13.08
C THR D 424 -8.36 -21.54 -11.88
N VAL D 425 -7.63 -20.43 -11.74
CA VAL D 425 -7.90 -19.45 -10.66
C VAL D 425 -9.34 -18.93 -10.81
N MET D 426 -9.73 -18.55 -12.03
CA MET D 426 -11.10 -18.07 -12.26
C MET D 426 -12.12 -19.18 -11.87
N ALA D 427 -11.84 -20.42 -12.23
CA ALA D 427 -12.72 -21.54 -11.84
C ALA D 427 -12.83 -21.60 -10.31
N GLY D 428 -11.69 -21.47 -9.62
CA GLY D 428 -11.68 -21.50 -8.17
C GLY D 428 -12.42 -20.31 -7.56
N GLU D 429 -12.25 -19.13 -8.16
CA GLU D 429 -12.92 -17.92 -7.68
C GLU D 429 -14.44 -18.09 -7.80
N LEU D 430 -14.90 -18.57 -8.95
CA LEU D 430 -16.34 -18.78 -9.18
C LEU D 430 -16.98 -19.67 -8.10
N SER D 431 -16.38 -20.83 -7.86
CA SER D 431 -16.90 -21.78 -6.89
C SER D 431 -16.90 -21.30 -5.45
N LEU D 432 -15.75 -20.81 -4.96
CA LEU D 432 -15.69 -20.32 -3.59
C LEU D 432 -16.61 -19.11 -3.39
N MET D 433 -16.64 -18.20 -4.36
CA MET D 433 -17.52 -17.04 -4.24
C MET D 433 -19.00 -17.48 -4.15
N ALA D 434 -19.36 -18.50 -4.92
CA ALA D 434 -20.75 -19.01 -4.91
C ALA D 434 -21.05 -19.60 -3.52
N ALA D 435 -20.09 -20.35 -2.98
CA ALA D 435 -20.26 -20.95 -1.67
C ALA D 435 -20.41 -19.91 -0.57
N LEU D 436 -19.68 -18.78 -0.70
CA LEU D 436 -19.78 -17.72 0.29
C LEU D 436 -21.10 -16.98 0.13
N ALA D 437 -21.54 -16.78 -1.11
CA ALA D 437 -22.80 -16.09 -1.38
C ALA D 437 -24.00 -16.92 -0.92
N ALA D 438 -23.92 -18.23 -1.12
CA ALA D 438 -24.99 -19.13 -0.73
C ALA D 438 -25.00 -19.44 0.77
N GLY D 439 -23.83 -19.39 1.40
CA GLY D 439 -23.74 -19.69 2.82
C GLY D 439 -23.70 -21.20 3.12
#